data_1VMG
# 
_entry.id   1VMG 
# 
_audit_conform.dict_name       mmcif_pdbx.dic 
_audit_conform.dict_version    5.398 
_audit_conform.dict_location   http://mmcif.pdb.org/dictionaries/ascii/mmcif_pdbx.dic 
# 
loop_
_database_2.database_id 
_database_2.database_code 
_database_2.pdbx_database_accession 
_database_2.pdbx_DOI 
PDB   1VMG         pdb_00001vmg 10.2210/pdb1vmg/pdb 
RCSB  RCSB002012   ?            ?                   
WWPDB D_1000002012 ?            ?                   
# 
loop_
_pdbx_audit_revision_history.ordinal 
_pdbx_audit_revision_history.data_content_type 
_pdbx_audit_revision_history.major_revision 
_pdbx_audit_revision_history.minor_revision 
_pdbx_audit_revision_history.revision_date 
1 'Structure model' 1 0 2004-10-05 
2 'Structure model' 1 1 2008-04-26 
3 'Structure model' 1 2 2011-07-13 
4 'Structure model' 1 3 2023-12-27 
5 'Structure model' 1 4 2024-11-13 
# 
_pdbx_audit_revision_details.ordinal             1 
_pdbx_audit_revision_details.revision_ordinal    1 
_pdbx_audit_revision_details.data_content_type   'Structure model' 
_pdbx_audit_revision_details.provider            repository 
_pdbx_audit_revision_details.type                'Initial release' 
_pdbx_audit_revision_details.description         ? 
_pdbx_audit_revision_details.details             ? 
# 
loop_
_pdbx_audit_revision_group.ordinal 
_pdbx_audit_revision_group.revision_ordinal 
_pdbx_audit_revision_group.data_content_type 
_pdbx_audit_revision_group.group 
1 2 'Structure model' 'Version format compliance' 
2 3 'Structure model' Advisory                    
3 3 'Structure model' 'Derived calculations'      
4 3 'Structure model' 'Source and taxonomy'       
5 3 'Structure model' 'Version format compliance' 
6 4 'Structure model' 'Data collection'           
7 4 'Structure model' 'Database references'       
8 4 'Structure model' 'Derived calculations'      
9 5 'Structure model' 'Structure summary'         
# 
loop_
_pdbx_audit_revision_category.ordinal 
_pdbx_audit_revision_category.revision_ordinal 
_pdbx_audit_revision_category.data_content_type 
_pdbx_audit_revision_category.category 
1 4 'Structure model' chem_comp_atom            
2 4 'Structure model' chem_comp_bond            
3 4 'Structure model' database_2                
4 4 'Structure model' pdbx_struct_conn_angle    
5 4 'Structure model' struct_conn               
6 4 'Structure model' struct_ref_seq_dif        
7 4 'Structure model' struct_site               
8 5 'Structure model' pdbx_entry_details        
9 5 'Structure model' pdbx_modification_feature 
# 
loop_
_pdbx_audit_revision_item.ordinal 
_pdbx_audit_revision_item.revision_ordinal 
_pdbx_audit_revision_item.data_content_type 
_pdbx_audit_revision_item.item 
1  4 'Structure model' '_database_2.pdbx_DOI'                        
2  4 'Structure model' '_database_2.pdbx_database_accession'         
3  4 'Structure model' '_pdbx_struct_conn_angle.ptnr1_auth_comp_id'  
4  4 'Structure model' '_pdbx_struct_conn_angle.ptnr1_auth_seq_id'   
5  4 'Structure model' '_pdbx_struct_conn_angle.ptnr1_label_atom_id' 
6  4 'Structure model' '_pdbx_struct_conn_angle.ptnr1_label_comp_id' 
7  4 'Structure model' '_pdbx_struct_conn_angle.ptnr1_label_seq_id'  
8  4 'Structure model' '_pdbx_struct_conn_angle.ptnr3_auth_comp_id'  
9  4 'Structure model' '_pdbx_struct_conn_angle.ptnr3_auth_seq_id'   
10 4 'Structure model' '_pdbx_struct_conn_angle.ptnr3_label_atom_id' 
11 4 'Structure model' '_pdbx_struct_conn_angle.ptnr3_label_comp_id' 
12 4 'Structure model' '_pdbx_struct_conn_angle.ptnr3_label_seq_id'  
13 4 'Structure model' '_pdbx_struct_conn_angle.value'               
14 4 'Structure model' '_struct_conn.pdbx_dist_value'                
15 4 'Structure model' '_struct_conn.pdbx_leaving_atom_flag'         
16 4 'Structure model' '_struct_conn.ptnr1_auth_comp_id'             
17 4 'Structure model' '_struct_conn.ptnr1_auth_seq_id'              
18 4 'Structure model' '_struct_conn.ptnr1_label_asym_id'            
19 4 'Structure model' '_struct_conn.ptnr1_label_atom_id'            
20 4 'Structure model' '_struct_conn.ptnr1_label_comp_id'            
21 4 'Structure model' '_struct_conn.ptnr1_label_seq_id'             
22 4 'Structure model' '_struct_conn.ptnr2_auth_comp_id'             
23 4 'Structure model' '_struct_conn.ptnr2_auth_seq_id'              
24 4 'Structure model' '_struct_conn.ptnr2_label_asym_id'            
25 4 'Structure model' '_struct_conn.ptnr2_label_atom_id'            
26 4 'Structure model' '_struct_conn.ptnr2_label_comp_id'            
27 4 'Structure model' '_struct_conn.ptnr2_label_seq_id'             
28 4 'Structure model' '_struct_ref_seq_dif.details'                 
29 4 'Structure model' '_struct_site.pdbx_auth_asym_id'              
30 4 'Structure model' '_struct_site.pdbx_auth_comp_id'              
31 4 'Structure model' '_struct_site.pdbx_auth_seq_id'               
# 
_pdbx_database_status.entry_id                        1VMG 
_pdbx_database_status.status_code                     REL 
_pdbx_database_status.deposit_site                    RCSB 
_pdbx_database_status.process_site                    RCSB 
_pdbx_database_status.recvd_initial_deposition_date   2004-09-24 
_pdbx_database_status.SG_entry                        Y 
_pdbx_database_status.status_code_sf                  REL 
_pdbx_database_status.pdb_format_compatible           Y 
_pdbx_database_status.status_code_mr                  ? 
_pdbx_database_status.status_code_cs                  ? 
_pdbx_database_status.status_code_nmr_data            ? 
_pdbx_database_status.methods_development_category    ? 
# 
_pdbx_database_related.db_name        TargetDB 
_pdbx_database_related.db_id          358109 
_pdbx_database_related.details        . 
_pdbx_database_related.content_type   unspecified 
# 
_audit_author.name           'Joint Center for Structural Genomics (JCSG)' 
_audit_author.pdbx_ordinal   1 
# 
_citation.id                        primary 
_citation.title                     
'Crystal structure of MazG nucleotide pyrophosphohydrolase (13816655) from Sulfolobus solfataricus at 1.46 A resolution' 
_citation.journal_abbrev            'To be published' 
_citation.journal_volume            ? 
_citation.page_first                ? 
_citation.page_last                 ? 
_citation.year                      ? 
_citation.journal_id_ASTM           ? 
_citation.country                   ? 
_citation.journal_id_ISSN           ? 
_citation.journal_id_CSD            0353 
_citation.book_publisher            ? 
_citation.pdbx_database_id_PubMed   ? 
_citation.pdbx_database_id_DOI      ? 
# 
_citation_author.citation_id        primary 
_citation_author.name               'Joint Center for Structural Genomics (JCSG)' 
_citation_author.ordinal            1 
_citation_author.identifier_ORCID   ? 
# 
loop_
_entity.id 
_entity.type 
_entity.src_method 
_entity.pdbx_description 
_entity.formula_weight 
_entity.pdbx_number_of_molecules 
_entity.pdbx_ec 
_entity.pdbx_mutation 
_entity.pdbx_fragment 
_entity.details 
1 polymer     man 'Hypothetical protein SSO3215' 11182.214 1   3.6.1.- ? ? ? 
2 non-polymer syn 'LITHIUM ION'                  6.941     1   ?       ? ? ? 
3 non-polymer syn 'UNKNOWN LIGAND'               ?         1   ?       ? ? ? 
4 water       nat water                          18.015    106 ?       ? ? ? 
# 
_entity_poly.entity_id                      1 
_entity_poly.type                           'polypeptide(L)' 
_entity_poly.nstd_linkage                   no 
_entity_poly.nstd_monomer                   yes 
_entity_poly.pdbx_seq_one_letter_code       
;MGSDKIHHHHHH(MSE)DLELKELQSK(MSE)KE(MSE)YFEKDSQRGIYATFTWLVEEVGELAEALLSNNLDSIQEELA
DVIAWTVSIANLEGIDIEEALKKKYKL
;
_entity_poly.pdbx_seq_one_letter_code_can   
;MGSDKIHHHHHHMDLELKELQSKMKEMYFEKDSQRGIYATFTWLVEEVGELAEALLSNNLDSIQEELADVIAWTVSIANL
EGIDIEEALKKKYKL
;
_entity_poly.pdbx_strand_id                 A 
_entity_poly.pdbx_target_identifier         358109 
# 
loop_
_pdbx_entity_nonpoly.entity_id 
_pdbx_entity_nonpoly.name 
_pdbx_entity_nonpoly.comp_id 
2 'LITHIUM ION'    LI  
3 'UNKNOWN LIGAND' UNL 
4 water            HOH 
# 
loop_
_entity_poly_seq.entity_id 
_entity_poly_seq.num 
_entity_poly_seq.mon_id 
_entity_poly_seq.hetero 
1 1  MET n 
1 2  GLY n 
1 3  SER n 
1 4  ASP n 
1 5  LYS n 
1 6  ILE n 
1 7  HIS n 
1 8  HIS n 
1 9  HIS n 
1 10 HIS n 
1 11 HIS n 
1 12 HIS n 
1 13 MSE n 
1 14 ASP n 
1 15 LEU n 
1 16 GLU n 
1 17 LEU n 
1 18 LYS n 
1 19 GLU n 
1 20 LEU n 
1 21 GLN n 
1 22 SER n 
1 23 LYS n 
1 24 MSE n 
1 25 LYS n 
1 26 GLU n 
1 27 MSE n 
1 28 TYR n 
1 29 PHE n 
1 30 GLU n 
1 31 LYS n 
1 32 ASP n 
1 33 SER n 
1 34 GLN n 
1 35 ARG n 
1 36 GLY n 
1 37 ILE n 
1 38 TYR n 
1 39 ALA n 
1 40 THR n 
1 41 PHE n 
1 42 THR n 
1 43 TRP n 
1 44 LEU n 
1 45 VAL n 
1 46 GLU n 
1 47 GLU n 
1 48 VAL n 
1 49 GLY n 
1 50 GLU n 
1 51 LEU n 
1 52 ALA n 
1 53 GLU n 
1 54 ALA n 
1 55 LEU n 
1 56 LEU n 
1 57 SER n 
1 58 ASN n 
1 59 ASN n 
1 60 LEU n 
1 61 ASP n 
1 62 SER n 
1 63 ILE n 
1 64 GLN n 
1 65 GLU n 
1 66 GLU n 
1 67 LEU n 
1 68 ALA n 
1 69 ASP n 
1 70 VAL n 
1 71 ILE n 
1 72 ALA n 
1 73 TRP n 
1 74 THR n 
1 75 VAL n 
1 76 SER n 
1 77 ILE n 
1 78 ALA n 
1 79 ASN n 
1 80 LEU n 
1 81 GLU n 
1 82 GLY n 
1 83 ILE n 
1 84 ASP n 
1 85 ILE n 
1 86 GLU n 
1 87 GLU n 
1 88 ALA n 
1 89 LEU n 
1 90 LYS n 
1 91 LYS n 
1 92 LYS n 
1 93 TYR n 
1 94 LYS n 
1 95 LEU n 
# 
_entity_src_gen.entity_id                          1 
_entity_src_gen.pdbx_src_id                        1 
_entity_src_gen.pdbx_alt_source_flag               sample 
_entity_src_gen.pdbx_seq_type                      ? 
_entity_src_gen.pdbx_beg_seq_num                   ? 
_entity_src_gen.pdbx_end_seq_num                   ? 
_entity_src_gen.gene_src_common_name               ? 
_entity_src_gen.gene_src_genus                     Sulfolobus 
_entity_src_gen.pdbx_gene_src_gene                 ? 
_entity_src_gen.gene_src_species                   'Sulfolobus solfataricus' 
_entity_src_gen.gene_src_strain                    P2 
_entity_src_gen.gene_src_tissue                    ? 
_entity_src_gen.gene_src_tissue_fraction           ? 
_entity_src_gen.gene_src_details                   ? 
_entity_src_gen.pdbx_gene_src_fragment             ? 
_entity_src_gen.pdbx_gene_src_scientific_name      'Sulfolobus solfataricus' 
_entity_src_gen.pdbx_gene_src_ncbi_taxonomy_id     273057 
_entity_src_gen.pdbx_gene_src_variant              ? 
_entity_src_gen.pdbx_gene_src_cell_line            ? 
_entity_src_gen.pdbx_gene_src_atcc                 ? 
_entity_src_gen.pdbx_gene_src_organ                ? 
_entity_src_gen.pdbx_gene_src_organelle            ? 
_entity_src_gen.pdbx_gene_src_cell                 ? 
_entity_src_gen.pdbx_gene_src_cellular_location    ? 
_entity_src_gen.host_org_common_name               ? 
_entity_src_gen.pdbx_host_org_scientific_name      'Escherichia coli' 
_entity_src_gen.pdbx_host_org_ncbi_taxonomy_id     562 
_entity_src_gen.host_org_genus                     Escherichia 
_entity_src_gen.pdbx_host_org_gene                 ? 
_entity_src_gen.pdbx_host_org_organ                ? 
_entity_src_gen.host_org_species                   ? 
_entity_src_gen.pdbx_host_org_tissue               ? 
_entity_src_gen.pdbx_host_org_tissue_fraction      ? 
_entity_src_gen.pdbx_host_org_strain               ? 
_entity_src_gen.pdbx_host_org_variant              ? 
_entity_src_gen.pdbx_host_org_cell_line            ? 
_entity_src_gen.pdbx_host_org_atcc                 ? 
_entity_src_gen.pdbx_host_org_culture_collection   ? 
_entity_src_gen.pdbx_host_org_cell                 ? 
_entity_src_gen.pdbx_host_org_organelle            ? 
_entity_src_gen.pdbx_host_org_cellular_location    ? 
_entity_src_gen.pdbx_host_org_vector_type          Plasmid 
_entity_src_gen.pdbx_host_org_vector               ? 
_entity_src_gen.host_org_details                   ? 
_entity_src_gen.expression_system_id               ? 
_entity_src_gen.plasmid_name                       ? 
_entity_src_gen.plasmid_details                    ? 
_entity_src_gen.pdbx_description                   ? 
# 
loop_
_chem_comp.id 
_chem_comp.type 
_chem_comp.mon_nstd_flag 
_chem_comp.name 
_chem_comp.pdbx_synonyms 
_chem_comp.formula 
_chem_comp.formula_weight 
ALA 'L-peptide linking' y ALANINE          ? 'C3 H7 N O2'     89.093  
ARG 'L-peptide linking' y ARGININE         ? 'C6 H15 N4 O2 1' 175.209 
ASN 'L-peptide linking' y ASPARAGINE       ? 'C4 H8 N2 O3'    132.118 
ASP 'L-peptide linking' y 'ASPARTIC ACID'  ? 'C4 H7 N O4'     133.103 
GLN 'L-peptide linking' y GLUTAMINE        ? 'C5 H10 N2 O3'   146.144 
GLU 'L-peptide linking' y 'GLUTAMIC ACID'  ? 'C5 H9 N O4'     147.129 
GLY 'peptide linking'   y GLYCINE          ? 'C2 H5 N O2'     75.067  
HIS 'L-peptide linking' y HISTIDINE        ? 'C6 H10 N3 O2 1' 156.162 
HOH non-polymer         . WATER            ? 'H2 O'           18.015  
ILE 'L-peptide linking' y ISOLEUCINE       ? 'C6 H13 N O2'    131.173 
LEU 'L-peptide linking' y LEUCINE          ? 'C6 H13 N O2'    131.173 
LI  non-polymer         . 'LITHIUM ION'    ? 'Li 1'           6.941   
LYS 'L-peptide linking' y LYSINE           ? 'C6 H15 N2 O2 1' 147.195 
MET 'L-peptide linking' y METHIONINE       ? 'C5 H11 N O2 S'  149.211 
MSE 'L-peptide linking' n SELENOMETHIONINE ? 'C5 H11 N O2 Se' 196.106 
PHE 'L-peptide linking' y PHENYLALANINE    ? 'C9 H11 N O2'    165.189 
SER 'L-peptide linking' y SERINE           ? 'C3 H7 N O3'     105.093 
THR 'L-peptide linking' y THREONINE        ? 'C4 H9 N O3'     119.119 
TRP 'L-peptide linking' y TRYPTOPHAN       ? 'C11 H12 N2 O2'  204.225 
TYR 'L-peptide linking' y TYROSINE         ? 'C9 H11 N O3'    181.189 
UNL non-polymer         . 'UNKNOWN LIGAND' ? ?                ?       
VAL 'L-peptide linking' y VALINE           ? 'C5 H11 N O2'    117.146 
# 
loop_
_pdbx_poly_seq_scheme.asym_id 
_pdbx_poly_seq_scheme.entity_id 
_pdbx_poly_seq_scheme.seq_id 
_pdbx_poly_seq_scheme.mon_id 
_pdbx_poly_seq_scheme.ndb_seq_num 
_pdbx_poly_seq_scheme.pdb_seq_num 
_pdbx_poly_seq_scheme.auth_seq_num 
_pdbx_poly_seq_scheme.pdb_mon_id 
_pdbx_poly_seq_scheme.auth_mon_id 
_pdbx_poly_seq_scheme.pdb_strand_id 
_pdbx_poly_seq_scheme.pdb_ins_code 
_pdbx_poly_seq_scheme.hetero 
A 1 1  MET 1  -11 ?  ?   ?   A . n 
A 1 2  GLY 2  -10 ?  ?   ?   A . n 
A 1 3  SER 3  -9  ?  ?   ?   A . n 
A 1 4  ASP 4  -8  ?  ?   ?   A . n 
A 1 5  LYS 5  -7  ?  ?   ?   A . n 
A 1 6  ILE 6  -6  ?  ?   ?   A . n 
A 1 7  HIS 7  -5  ?  ?   ?   A . n 
A 1 8  HIS 8  -4  ?  ?   ?   A . n 
A 1 9  HIS 9  -3  ?  ?   ?   A . n 
A 1 10 HIS 10 -2  ?  ?   ?   A . n 
A 1 11 HIS 11 -1  ?  ?   ?   A . n 
A 1 12 HIS 12 0   ?  ?   ?   A . n 
A 1 13 MSE 13 1   1  MSE MSE A . n 
A 1 14 ASP 14 2   2  ASP ASP A . n 
A 1 15 LEU 15 3   3  LEU LEU A . n 
A 1 16 GLU 16 4   4  GLU GLU A . n 
A 1 17 LEU 17 5   5  LEU LEU A . n 
A 1 18 LYS 18 6   6  LYS LYS A . n 
A 1 19 GLU 19 7   7  GLU GLU A . n 
A 1 20 LEU 20 8   8  LEU LEU A . n 
A 1 21 GLN 21 9   9  GLN GLN A . n 
A 1 22 SER 22 10  10 SER SER A . n 
A 1 23 LYS 23 11  11 LYS LYS A . n 
A 1 24 MSE 24 12  12 MSE MSE A . n 
A 1 25 LYS 25 13  13 LYS LYS A . n 
A 1 26 GLU 26 14  14 GLU GLU A . n 
A 1 27 MSE 27 15  15 MSE MSE A . n 
A 1 28 TYR 28 16  16 TYR TYR A . n 
A 1 29 PHE 29 17  17 PHE PHE A . n 
A 1 30 GLU 30 18  18 GLU GLU A . n 
A 1 31 LYS 31 19  19 LYS LYS A . n 
A 1 32 ASP 32 20  20 ASP ASP A . n 
A 1 33 SER 33 21  21 SER SER A . n 
A 1 34 GLN 34 22  22 GLN GLN A . n 
A 1 35 ARG 35 23  23 ARG ARG A . n 
A 1 36 GLY 36 24  24 GLY GLY A . n 
A 1 37 ILE 37 25  25 ILE ILE A . n 
A 1 38 TYR 38 26  26 TYR TYR A . n 
A 1 39 ALA 39 27  27 ALA ALA A . n 
A 1 40 THR 40 28  28 THR THR A . n 
A 1 41 PHE 41 29  29 PHE PHE A . n 
A 1 42 THR 42 30  30 THR THR A . n 
A 1 43 TRP 43 31  31 TRP TRP A . n 
A 1 44 LEU 44 32  32 LEU LEU A . n 
A 1 45 VAL 45 33  33 VAL VAL A . n 
A 1 46 GLU 46 34  34 GLU GLU A . n 
A 1 47 GLU 47 35  35 GLU GLU A . n 
A 1 48 VAL 48 36  36 VAL VAL A . n 
A 1 49 GLY 49 37  37 GLY GLY A . n 
A 1 50 GLU 50 38  38 GLU GLU A . n 
A 1 51 LEU 51 39  39 LEU LEU A . n 
A 1 52 ALA 52 40  40 ALA ALA A . n 
A 1 53 GLU 53 41  41 GLU GLU A . n 
A 1 54 ALA 54 42  42 ALA ALA A . n 
A 1 55 LEU 55 43  43 LEU LEU A . n 
A 1 56 LEU 56 44  44 LEU LEU A . n 
A 1 57 SER 57 45  45 SER SER A . n 
A 1 58 ASN 58 46  46 ASN ASN A . n 
A 1 59 ASN 59 47  47 ASN ASN A . n 
A 1 60 LEU 60 48  48 LEU LEU A . n 
A 1 61 ASP 61 49  49 ASP ASP A . n 
A 1 62 SER 62 50  50 SER SER A . n 
A 1 63 ILE 63 51  51 ILE ILE A . n 
A 1 64 GLN 64 52  52 GLN GLN A . n 
A 1 65 GLU 65 53  53 GLU GLU A . n 
A 1 66 GLU 66 54  54 GLU GLU A . n 
A 1 67 LEU 67 55  55 LEU LEU A . n 
A 1 68 ALA 68 56  56 ALA ALA A . n 
A 1 69 ASP 69 57  57 ASP ASP A . n 
A 1 70 VAL 70 58  58 VAL VAL A . n 
A 1 71 ILE 71 59  59 ILE ILE A . n 
A 1 72 ALA 72 60  60 ALA ALA A . n 
A 1 73 TRP 73 61  61 TRP TRP A . n 
A 1 74 THR 74 62  62 THR THR A . n 
A 1 75 VAL 75 63  63 VAL VAL A . n 
A 1 76 SER 76 64  64 SER SER A . n 
A 1 77 ILE 77 65  65 ILE ILE A . n 
A 1 78 ALA 78 66  66 ALA ALA A . n 
A 1 79 ASN 79 67  67 ASN ASN A . n 
A 1 80 LEU 80 68  68 LEU LEU A . n 
A 1 81 GLU 81 69  69 GLU GLU A . n 
A 1 82 GLY 82 70  70 GLY GLY A . n 
A 1 83 ILE 83 71  71 ILE ILE A . n 
A 1 84 ASP 84 72  72 ASP ASP A . n 
A 1 85 ILE 85 73  73 ILE ILE A . n 
A 1 86 GLU 86 74  74 GLU GLU A . n 
A 1 87 GLU 87 75  75 GLU GLU A . n 
A 1 88 ALA 88 76  76 ALA ALA A . n 
A 1 89 LEU 89 77  77 LEU LEU A . n 
A 1 90 LYS 90 78  78 LYS LYS A . n 
A 1 91 LYS 91 79  79 LYS LYS A . n 
A 1 92 LYS 92 80  80 LYS LYS A . n 
A 1 93 TYR 93 81  81 TYR TYR A . n 
A 1 94 LYS 94 82  82 LYS LYS A . n 
A 1 95 LEU 95 83  83 LEU LEU A . n 
# 
loop_
_pdbx_nonpoly_scheme.asym_id 
_pdbx_nonpoly_scheme.entity_id 
_pdbx_nonpoly_scheme.mon_id 
_pdbx_nonpoly_scheme.ndb_seq_num 
_pdbx_nonpoly_scheme.pdb_seq_num 
_pdbx_nonpoly_scheme.auth_seq_num 
_pdbx_nonpoly_scheme.pdb_mon_id 
_pdbx_nonpoly_scheme.auth_mon_id 
_pdbx_nonpoly_scheme.pdb_strand_id 
_pdbx_nonpoly_scheme.pdb_ins_code 
B 2 LI  1   84  1   LI  LI  A . 
C 3 UNL 1   85  2   UNL UNL A . 
D 4 HOH 1   86  3   HOH HOH A . 
D 4 HOH 2   87  4   HOH HOH A . 
D 4 HOH 3   88  5   HOH HOH A . 
D 4 HOH 4   89  6   HOH HOH A . 
D 4 HOH 5   90  7   HOH HOH A . 
D 4 HOH 6   91  8   HOH HOH A . 
D 4 HOH 7   92  9   HOH HOH A . 
D 4 HOH 8   93  10  HOH HOH A . 
D 4 HOH 9   94  11  HOH HOH A . 
D 4 HOH 10  95  12  HOH HOH A . 
D 4 HOH 11  96  13  HOH HOH A . 
D 4 HOH 12  97  14  HOH HOH A . 
D 4 HOH 13  98  15  HOH HOH A . 
D 4 HOH 14  99  16  HOH HOH A . 
D 4 HOH 15  100 17  HOH HOH A . 
D 4 HOH 16  101 18  HOH HOH A . 
D 4 HOH 17  102 19  HOH HOH A . 
D 4 HOH 18  103 20  HOH HOH A . 
D 4 HOH 19  104 21  HOH HOH A . 
D 4 HOH 20  105 22  HOH HOH A . 
D 4 HOH 21  106 23  HOH HOH A . 
D 4 HOH 22  107 24  HOH HOH A . 
D 4 HOH 23  108 25  HOH HOH A . 
D 4 HOH 24  109 26  HOH HOH A . 
D 4 HOH 25  110 27  HOH HOH A . 
D 4 HOH 26  111 28  HOH HOH A . 
D 4 HOH 27  112 29  HOH HOH A . 
D 4 HOH 28  113 30  HOH HOH A . 
D 4 HOH 29  114 31  HOH HOH A . 
D 4 HOH 30  115 32  HOH HOH A . 
D 4 HOH 31  116 33  HOH HOH A . 
D 4 HOH 32  117 34  HOH HOH A . 
D 4 HOH 33  118 35  HOH HOH A . 
D 4 HOH 34  119 36  HOH HOH A . 
D 4 HOH 35  120 37  HOH HOH A . 
D 4 HOH 36  121 38  HOH HOH A . 
D 4 HOH 37  122 39  HOH HOH A . 
D 4 HOH 38  123 40  HOH HOH A . 
D 4 HOH 39  124 41  HOH HOH A . 
D 4 HOH 40  125 42  HOH HOH A . 
D 4 HOH 41  126 43  HOH HOH A . 
D 4 HOH 42  127 44  HOH HOH A . 
D 4 HOH 43  128 45  HOH HOH A . 
D 4 HOH 44  129 46  HOH HOH A . 
D 4 HOH 45  130 47  HOH HOH A . 
D 4 HOH 46  131 48  HOH HOH A . 
D 4 HOH 47  132 49  HOH HOH A . 
D 4 HOH 48  133 50  HOH HOH A . 
D 4 HOH 49  134 51  HOH HOH A . 
D 4 HOH 50  135 52  HOH HOH A . 
D 4 HOH 51  136 53  HOH HOH A . 
D 4 HOH 52  137 54  HOH HOH A . 
D 4 HOH 53  138 55  HOH HOH A . 
D 4 HOH 54  139 56  HOH HOH A . 
D 4 HOH 55  140 57  HOH HOH A . 
D 4 HOH 56  141 58  HOH HOH A . 
D 4 HOH 57  142 59  HOH HOH A . 
D 4 HOH 58  143 60  HOH HOH A . 
D 4 HOH 59  144 61  HOH HOH A . 
D 4 HOH 60  145 62  HOH HOH A . 
D 4 HOH 61  146 63  HOH HOH A . 
D 4 HOH 62  147 64  HOH HOH A . 
D 4 HOH 63  148 65  HOH HOH A . 
D 4 HOH 64  149 66  HOH HOH A . 
D 4 HOH 65  150 67  HOH HOH A . 
D 4 HOH 66  151 68  HOH HOH A . 
D 4 HOH 67  152 69  HOH HOH A . 
D 4 HOH 68  153 70  HOH HOH A . 
D 4 HOH 69  154 71  HOH HOH A . 
D 4 HOH 70  155 72  HOH HOH A . 
D 4 HOH 71  156 73  HOH HOH A . 
D 4 HOH 72  157 74  HOH HOH A . 
D 4 HOH 73  158 75  HOH HOH A . 
D 4 HOH 74  159 76  HOH HOH A . 
D 4 HOH 75  160 77  HOH HOH A . 
D 4 HOH 76  161 78  HOH HOH A . 
D 4 HOH 77  162 79  HOH HOH A . 
D 4 HOH 78  163 80  HOH HOH A . 
D 4 HOH 79  164 81  HOH HOH A . 
D 4 HOH 80  165 82  HOH HOH A . 
D 4 HOH 81  166 83  HOH HOH A . 
D 4 HOH 82  167 84  HOH HOH A . 
D 4 HOH 83  168 85  HOH HOH A . 
D 4 HOH 84  169 86  HOH HOH A . 
D 4 HOH 85  170 87  HOH HOH A . 
D 4 HOH 86  171 88  HOH HOH A . 
D 4 HOH 87  172 89  HOH HOH A . 
D 4 HOH 88  173 90  HOH HOH A . 
D 4 HOH 89  174 91  HOH HOH A . 
D 4 HOH 90  175 92  HOH HOH A . 
D 4 HOH 91  176 93  HOH HOH A . 
D 4 HOH 92  177 94  HOH HOH A . 
D 4 HOH 93  178 95  HOH HOH A . 
D 4 HOH 94  179 96  HOH HOH A . 
D 4 HOH 95  180 97  HOH HOH A . 
D 4 HOH 96  181 98  HOH HOH A . 
D 4 HOH 97  182 99  HOH HOH A . 
D 4 HOH 98  183 100 HOH HOH A . 
D 4 HOH 99  184 101 HOH HOH A . 
D 4 HOH 100 185 102 HOH HOH A . 
D 4 HOH 101 186 103 HOH HOH A . 
D 4 HOH 102 187 104 HOH HOH A . 
D 4 HOH 103 188 105 HOH HOH A . 
D 4 HOH 104 189 106 HOH HOH A . 
D 4 HOH 105 190 107 HOH HOH A . 
D 4 HOH 106 191 108 HOH HOH A . 
# 
loop_
_pdbx_unobs_or_zero_occ_atoms.id 
_pdbx_unobs_or_zero_occ_atoms.PDB_model_num 
_pdbx_unobs_or_zero_occ_atoms.polymer_flag 
_pdbx_unobs_or_zero_occ_atoms.occupancy_flag 
_pdbx_unobs_or_zero_occ_atoms.auth_asym_id 
_pdbx_unobs_or_zero_occ_atoms.auth_comp_id 
_pdbx_unobs_or_zero_occ_atoms.auth_seq_id 
_pdbx_unobs_or_zero_occ_atoms.PDB_ins_code 
_pdbx_unobs_or_zero_occ_atoms.auth_atom_id 
_pdbx_unobs_or_zero_occ_atoms.label_alt_id 
_pdbx_unobs_or_zero_occ_atoms.label_asym_id 
_pdbx_unobs_or_zero_occ_atoms.label_comp_id 
_pdbx_unobs_or_zero_occ_atoms.label_seq_id 
_pdbx_unobs_or_zero_occ_atoms.label_atom_id 
1  1 Y 1 A MSE 1  ? CG  ? A MSE 13 CG  
2  1 Y 1 A MSE 1  ? CE  ? A MSE 13 CE  
3  1 Y 1 A GLU 7  ? CD  ? A GLU 19 CD  
4  1 Y 1 A GLU 7  ? OE1 ? A GLU 19 OE1 
5  1 Y 1 A GLU 7  ? OE2 ? A GLU 19 OE2 
6  1 Y 1 A GLU 18 ? CD  ? A GLU 30 CD  
7  1 Y 1 A GLU 18 ? OE1 ? A GLU 30 OE1 
8  1 Y 1 A GLU 18 ? OE2 ? A GLU 30 OE2 
9  1 Y 1 A LYS 19 ? CD  ? A LYS 31 CD  
10 1 Y 1 A LYS 19 ? CE  ? A LYS 31 CE  
11 1 Y 1 A LYS 19 ? NZ  ? A LYS 31 NZ  
12 1 Y 1 A GLN 22 ? CD  ? A GLN 34 CD  
13 1 Y 1 A GLN 22 ? OE1 ? A GLN 34 OE1 
14 1 Y 1 A GLN 22 ? NE2 ? A GLN 34 NE2 
15 1 Y 1 A LYS 82 ? CD  ? A LYS 94 CD  
16 1 Y 1 A LYS 82 ? CE  ? A LYS 94 CE  
17 1 Y 1 A LYS 82 ? NZ  ? A LYS 94 NZ  
# 
loop_
_software.name 
_software.classification 
_software.version 
_software.citation_id 
_software.pdbx_ordinal 
XDS       'data scaling'   .            ? 1 
SCALA     'data scaling'   '4.2)'       ? 2 
SHELX     'model building' .            ? 3 
autoSHARP phasing          .            ? 4 
REFMAC    refinement       '(5.2.0005)' ? 5 
XDS       'data reduction' .            ? 6 
CCP4      'data scaling'   '(SCALA)'    ? 7 
SHELX     phasing          .            ? 8 
# 
_cell.entry_id           1VMG 
_cell.length_a           79.749 
_cell.length_b           79.749 
_cell.length_c           95.909 
_cell.angle_alpha        90.00 
_cell.angle_beta         90.00 
_cell.angle_gamma        90.00 
_cell.Z_PDB              16 
_cell.pdbx_unique_axis   ? 
# 
_symmetry.entry_id                         1VMG 
_symmetry.space_group_name_H-M             'I 41 2 2' 
_symmetry.pdbx_full_space_group_name_H-M   ? 
_symmetry.cell_setting                     ? 
_symmetry.Int_Tables_number                98 
_symmetry.space_group_name_Hall            ? 
# 
_exptl.entry_id          1VMG 
_exptl.crystals_number   1 
_exptl.method            'X-RAY DIFFRACTION' 
# 
_exptl_crystal.id                    1 
_exptl_crystal.density_percent_sol   62.40 
_exptl_crystal.density_Matthews      3.30 
_exptl_crystal.description           ? 
_exptl_crystal.density_meas          ? 
_exptl_crystal.F_000                 ? 
_exptl_crystal.preparation           ? 
# 
_exptl_crystal_grow.crystal_id      1 
_exptl_crystal_grow.method          'VAPOR DIFFUSION,SITTING DROP,NANODROP' 
_exptl_crystal_grow.pH              7.5 
_exptl_crystal_grow.temp            277 
_exptl_crystal_grow.pdbx_details    '1.5M Li2SO4, 0.1M HEPES pH 7.5, VAPOR DIFFUSION,SITTING DROP,NANODROP, temperature 277K' 
_exptl_crystal_grow.temp_details    ? 
_exptl_crystal_grow.pdbx_pH_range   . 
# 
_diffrn.id                     1 
_diffrn.ambient_temp           100 
_diffrn.ambient_temp_details   ? 
_diffrn.crystal_id             1 
# 
_diffrn_detector.diffrn_id              1 
_diffrn_detector.detector               CCD 
_diffrn_detector.type                   ADSC 
_diffrn_detector.details                ? 
_diffrn_detector.pdbx_collection_date   2004-09-18 
# 
_diffrn_radiation.diffrn_id                        1 
_diffrn_radiation.pdbx_monochromatic_or_laue_m_l   M 
_diffrn_radiation.monochromator                    'Double Crystal Si(111)' 
_diffrn_radiation.pdbx_diffrn_protocol             MAD 
_diffrn_radiation.wavelength_id                    1 
_diffrn_radiation.pdbx_scattering_type             x-ray 
# 
loop_
_diffrn_radiation_wavelength.id 
_diffrn_radiation_wavelength.wavelength 
_diffrn_radiation_wavelength.wt 
1 0.979834 1.0 
2 0.979694 1.0 
3 1.020035 1.0 
# 
_diffrn_source.diffrn_id                   1 
_diffrn_source.source                      SYNCHROTRON 
_diffrn_source.pdbx_synchrotron_beamline   8.3.1 
_diffrn_source.type                        'ALS BEAMLINE 8.3.1' 
_diffrn_source.pdbx_wavelength             0.979834 
_diffrn_source.pdbx_wavelength_list        0.979834,0.979694,1.020035 
_diffrn_source.pdbx_synchrotron_site       ALS 
# 
_reflns.entry_id                     1VMG 
_reflns.observed_criterion_sigma_F   ? 
_reflns.observed_criterion_sigma_I   ? 
_reflns.d_resolution_high            1.460 
_reflns.d_resolution_low             25.62 
_reflns.number_obs                   25360 
_reflns.percent_possible_obs         93.3 
_reflns.pdbx_Rmerge_I_obs            ? 
_reflns.pdbx_netI_over_sigmaI        19.6 
_reflns.B_iso_Wilson_estimate        23.08 
_reflns.pdbx_redundancy              5.9 
_reflns.pdbx_Rsym_value              0.044 
_reflns.number_all                   ? 
_reflns.R_free_details               ? 
_reflns.limit_h_max                  ? 
_reflns.limit_h_min                  ? 
_reflns.limit_k_max                  ? 
_reflns.limit_k_min                  ? 
_reflns.limit_l_max                  ? 
_reflns.limit_l_min                  ? 
_reflns.observed_criterion_F_max     ? 
_reflns.observed_criterion_F_min     ? 
_reflns.pdbx_chi_squared             ? 
_reflns.pdbx_scaling_rejects         ? 
_reflns.pdbx_ordinal                 1 
_reflns.pdbx_diffrn_id               1 
# 
_reflns_shell.d_res_high             1.46 
_reflns_shell.d_res_low              1.54 
_reflns_shell.percent_possible_all   57.6 
_reflns_shell.pdbx_Rsym_value        0.435 
_reflns_shell.pdbx_redundancy        2.0 
_reflns_shell.number_unique_all      2241 
_reflns_shell.meanI_over_sigI_obs    2.2 
_reflns_shell.Rmerge_I_obs           ? 
_reflns_shell.percent_possible_obs   ? 
_reflns_shell.number_measured_all    ? 
_reflns_shell.number_measured_obs    ? 
_reflns_shell.number_unique_obs      ? 
_reflns_shell.pdbx_chi_squared       ? 
_reflns_shell.pdbx_ordinal           1 
_reflns_shell.pdbx_diffrn_id         1 
# 
_refine.entry_id                                 1VMG 
_refine.ls_d_res_high                            1.46 
_refine.ls_d_res_low                             25.62 
_refine.pdbx_ls_sigma_F                          ? 
_refine.pdbx_ls_sigma_I                          ? 
_refine.ls_number_reflns_obs                     24059 
_refine.ls_number_reflns_R_free                  1288 
_refine.ls_percent_reflns_R_free                 5.1 
_refine.ls_percent_reflns_obs                    93.34 
_refine.ls_R_factor_obs                          0.14201 
_refine.ls_R_factor_R_work                       0.14178 
_refine.ls_R_factor_R_free                       0.14633 
_refine.pdbx_R_Free_selection_details            RANDOM 
_refine.pdbx_stereochemistry_target_values       'MAXIMUM LIKELIHOOD WITH PHASES' 
_refine.pdbx_method_to_determine_struct          MAD 
_refine.pdbx_starting_model                      ? 
_refine.pdbx_ls_cross_valid_method               THROUGHOUT 
_refine.B_iso_mean                               14.062 
_refine.aniso_B[1][1]                            -0.19 
_refine.aniso_B[2][2]                            -0.19 
_refine.aniso_B[3][3]                            0.38 
_refine.aniso_B[1][2]                            0.00 
_refine.aniso_B[1][3]                            0.00 
_refine.aniso_B[2][3]                            0.00 
_refine.details                                  
;1. HYDROGENS HAVE BEEN ADDED IN THE RIDING POSITIONS  2. AN UNKNOWN ENTITY BETWEEN TYR 16 AND TRP 61 WAS     AS UNK, UNKNOWN LIGAND. THE DENSITY LOOKS SIMILAR      TO A GUANINE BASE.  3. THERE ARE ADDITIONAL UNEXPLAINED DENSITIES NEAR     ARG 23, TRP 31, TRP 61. IT MAY BE RELATED TO UNK,     HOWEVER, DENSITY IS TOO FRAGMENTED TO IDENTIFY OR     MODEL.  4. A LI ION WAS TENATIVELY MODELLED ACCORDING TO THE ENVIROMENT.     AND ITS PRESENCE IN THE CRYSTALLIZATION BUFFER.
;
_refine.pdbx_overall_ESU_R                       0.043 
_refine.pdbx_overall_ESU_R_Free                  0.041 
_refine.overall_SU_ML                            0.027 
_refine.overall_SU_B                             1.453 
_refine.correlation_coeff_Fo_to_Fc               0.976 
_refine.correlation_coeff_Fo_to_Fc_free          0.975 
_refine.solvent_model_details                    'BABINET MODEL WITH MASK' 
_refine.pdbx_solvent_vdw_probe_radii             1.20 
_refine.pdbx_solvent_ion_probe_radii             0.80 
_refine.pdbx_solvent_shrinkage_radii             0.80 
_refine.ls_R_factor_all                          ? 
_refine.ls_number_reflns_all                     ? 
_refine.ls_redundancy_reflns_obs                 ? 
_refine.pdbx_data_cutoff_high_absF               ? 
_refine.pdbx_data_cutoff_low_absF                ? 
_refine.ls_number_parameters                     ? 
_refine.ls_number_restraints                     ? 
_refine.ls_R_factor_R_free_error                 ? 
_refine.ls_R_factor_R_free_error_details         ? 
_refine.pdbx_isotropic_thermal_model             ? 
_refine.pdbx_stereochem_target_val_spec_case     ? 
_refine.solvent_model_param_bsol                 ? 
_refine.solvent_model_param_ksol                 ? 
_refine.occupancy_max                            ? 
_refine.occupancy_min                            ? 
_refine.pdbx_data_cutoff_high_rms_absF           ? 
_refine.B_iso_min                                ? 
_refine.B_iso_max                                ? 
_refine.overall_SU_R_Cruickshank_DPI             ? 
_refine.overall_SU_R_free                        ? 
_refine.ls_wR_factor_R_free                      ? 
_refine.ls_wR_factor_R_work                      ? 
_refine.overall_FOM_free_R_set                   ? 
_refine.overall_FOM_work_R_set                   ? 
_refine.pdbx_refine_id                           'X-RAY DIFFRACTION' 
_refine.pdbx_TLS_residual_ADP_flag               'LIKELY RESIDUAL' 
_refine.pdbx_diffrn_id                           1 
_refine.pdbx_overall_phase_error                 ? 
_refine.pdbx_overall_SU_R_free_Cruickshank_DPI   ? 
_refine.pdbx_overall_SU_R_Blow_DPI               ? 
_refine.pdbx_overall_SU_R_free_Blow_DPI          ? 
# 
_refine_hist.pdbx_refine_id                   'X-RAY DIFFRACTION' 
_refine_hist.cycle_id                         LAST 
_refine_hist.pdbx_number_atoms_protein        655 
_refine_hist.pdbx_number_atoms_nucleic_acid   0 
_refine_hist.pdbx_number_atoms_ligand         10 
_refine_hist.number_atoms_solvent             106 
_refine_hist.number_atoms_total               771 
_refine_hist.d_res_high                       1.46 
_refine_hist.d_res_low                        25.62 
# 
loop_
_refine_ls_restr.type 
_refine_ls_restr.number 
_refine_ls_restr.dev_ideal 
_refine_ls_restr.dev_ideal_target 
_refine_ls_restr.weight 
_refine_ls_restr.pdbx_refine_id 
_refine_ls_restr.pdbx_restraint_function 
r_bond_refined_d         715  0.012  0.022  ? 'X-RAY DIFFRACTION' ? 
r_bond_other_d           695  0.001  0.020  ? 'X-RAY DIFFRACTION' ? 
r_angle_refined_deg      971  1.235  1.988  ? 'X-RAY DIFFRACTION' ? 
r_angle_other_deg        1625 0.800  3.000  ? 'X-RAY DIFFRACTION' ? 
r_dihedral_angle_1_deg   82   4.933  5.000  ? 'X-RAY DIFFRACTION' ? 
r_dihedral_angle_2_deg   33   35.014 27.273 ? 'X-RAY DIFFRACTION' ? 
r_dihedral_angle_3_deg   152  12.092 15.000 ? 'X-RAY DIFFRACTION' ? 
r_dihedral_angle_4_deg   1    14.745 15.000 ? 'X-RAY DIFFRACTION' ? 
r_chiral_restr           125  0.076  0.200  ? 'X-RAY DIFFRACTION' ? 
r_gen_planes_refined     741  0.005  0.020  ? 'X-RAY DIFFRACTION' ? 
r_gen_planes_other       118  0.001  0.020  ? 'X-RAY DIFFRACTION' ? 
r_nbd_refined            171  0.253  0.200  ? 'X-RAY DIFFRACTION' ? 
r_nbd_other              624  0.149  0.200  ? 'X-RAY DIFFRACTION' ? 
r_nbtor_other            387  0.084  0.200  ? 'X-RAY DIFFRACTION' ? 
r_xyhbond_nbd_refined    77   0.381  0.200  ? 'X-RAY DIFFRACTION' ? 
r_symmetry_vdw_refined   8    0.115  0.200  ? 'X-RAY DIFFRACTION' ? 
r_symmetry_vdw_other     59   0.133  0.200  ? 'X-RAY DIFFRACTION' ? 
r_symmetry_hbond_refined 25   0.177  0.200  ? 'X-RAY DIFFRACTION' ? 
r_mcbond_it              444  1.903  3.000  ? 'X-RAY DIFFRACTION' ? 
r_mcbond_other           171  0.318  3.000  ? 'X-RAY DIFFRACTION' ? 
r_mcangle_it             708  2.371  5.000  ? 'X-RAY DIFFRACTION' ? 
r_scbond_it              320  4.279  8.000  ? 'X-RAY DIFFRACTION' ? 
r_scangle_it             263  5.367  11.000 ? 'X-RAY DIFFRACTION' ? 
r_nbtor_refined          360  0.183  0.200  ? 'X-RAY DIFFRACTION' ? 
r_metal_ion_refined      3    0.204  0.200  ? 'X-RAY DIFFRACTION' ? 
# 
_refine_ls_shell.pdbx_total_number_of_bins_used   20 
_refine_ls_shell.d_res_high                       1.460 
_refine_ls_shell.d_res_low                        1.498 
_refine_ls_shell.percent_reflns_obs               35.07 
_refine_ls_shell.number_reflns_R_work             656 
_refine_ls_shell.R_factor_R_work                  0.256 
_refine_ls_shell.percent_reflns_R_free            5.34 
_refine_ls_shell.number_reflns_R_free             37 
_refine_ls_shell.R_factor_R_free                  0.276 
_refine_ls_shell.R_factor_R_free_error            ? 
_refine_ls_shell.redundancy_reflns_obs            ? 
_refine_ls_shell.number_reflns_all                ? 
_refine_ls_shell.number_reflns_obs                ? 
_refine_ls_shell.pdbx_refine_id                   'X-RAY DIFFRACTION' 
_refine_ls_shell.R_factor_all                     ? 
# 
_struct.entry_id                  1VMG 
_struct.title                     
'Crystal structure of MazG nucleotide pyrophosphohydrolase (13816655) from Sulfolobus solfataricus at 1.46 A resolution' 
_struct.pdbx_model_details        ? 
_struct.pdbx_CASP_flag            ? 
_struct.pdbx_model_type_details   ? 
# 
_struct_keywords.entry_id        1VMG 
_struct_keywords.text            
;13816655, MazG nucleotide pyrophosphohydrolase, Structural Genomics, JCSG, Protein Structure Initiative, PSI, Joint Center for Structural Genomics, Hydrolase
;
_struct_keywords.pdbx_keywords   HYDROLASE 
# 
loop_
_struct_asym.id 
_struct_asym.pdbx_blank_PDB_chainid_flag 
_struct_asym.pdbx_modified 
_struct_asym.entity_id 
_struct_asym.details 
A N N 1 ? 
B N N 2 ? 
C N N 3 ? 
D N N 4 ? 
# 
_struct_ref.id                         1 
_struct_ref.db_name                    UNP 
_struct_ref.db_code                    Q97U11_SULSO 
_struct_ref.pdbx_db_accession          Q97U11 
_struct_ref.entity_id                  1 
_struct_ref.pdbx_seq_one_letter_code   
;MDLELKELQSKMKEMYFEKDSQRGIYATFTWLVEEVGELAEALLSNNLDSIQEELADVIAWTVSIANLEGIDIEEALKKK
YKL
;
_struct_ref.pdbx_align_begin           1 
_struct_ref.pdbx_db_isoform            ? 
# 
_struct_ref_seq.align_id                      1 
_struct_ref_seq.ref_id                        1 
_struct_ref_seq.pdbx_PDB_id_code              1VMG 
_struct_ref_seq.pdbx_strand_id                A 
_struct_ref_seq.seq_align_beg                 1 
_struct_ref_seq.pdbx_seq_align_beg_ins_code   ? 
_struct_ref_seq.seq_align_end                 95 
_struct_ref_seq.pdbx_seq_align_end_ins_code   ? 
_struct_ref_seq.pdbx_db_accession             Q97U11 
_struct_ref_seq.db_align_beg                  1 
_struct_ref_seq.pdbx_db_align_beg_ins_code    ? 
_struct_ref_seq.db_align_end                  83 
_struct_ref_seq.pdbx_db_align_end_ins_code    ? 
_struct_ref_seq.pdbx_auth_seq_align_beg       -11 
_struct_ref_seq.pdbx_auth_seq_align_end       83 
# 
loop_
_struct_ref_seq_dif.align_id 
_struct_ref_seq_dif.pdbx_pdb_id_code 
_struct_ref_seq_dif.mon_id 
_struct_ref_seq_dif.pdbx_pdb_strand_id 
_struct_ref_seq_dif.seq_num 
_struct_ref_seq_dif.pdbx_pdb_ins_code 
_struct_ref_seq_dif.pdbx_seq_db_name 
_struct_ref_seq_dif.pdbx_seq_db_accession_code 
_struct_ref_seq_dif.db_mon_id 
_struct_ref_seq_dif.pdbx_seq_db_seq_num 
_struct_ref_seq_dif.details 
_struct_ref_seq_dif.pdbx_auth_seq_num 
_struct_ref_seq_dif.pdbx_ordinal 
1 1VMG GLY A 2  ? UNP Q97U11 ?   ?  'cloning artifact' -10 1  
1 1VMG SER A 3  ? UNP Q97U11 ?   ?  'cloning artifact' -9  2  
1 1VMG ASP A 4  ? UNP Q97U11 ?   ?  'cloning artifact' -8  3  
1 1VMG LYS A 5  ? UNP Q97U11 ?   ?  'cloning artifact' -7  4  
1 1VMG ILE A 6  ? UNP Q97U11 ?   ?  'cloning artifact' -6  5  
1 1VMG HIS A 7  ? UNP Q97U11 ?   ?  'cloning artifact' -5  6  
1 1VMG HIS A 8  ? UNP Q97U11 ?   ?  'cloning artifact' -4  7  
1 1VMG HIS A 9  ? UNP Q97U11 ?   ?  'cloning artifact' -3  8  
1 1VMG HIS A 10 ? UNP Q97U11 ?   ?  'cloning artifact' -2  9  
1 1VMG HIS A 11 ? UNP Q97U11 ?   ?  'cloning artifact' -1  10 
1 1VMG HIS A 12 ? UNP Q97U11 ?   ?  'cloning artifact' 0   11 
1 1VMG MSE A 13 ? UNP Q97U11 MET 1  'modified residue' 1   12 
1 1VMG MSE A 24 ? UNP Q97U11 MET 12 'modified residue' 12  13 
1 1VMG MSE A 27 ? UNP Q97U11 MET 15 'modified residue' 15  14 
# 
loop_
_pdbx_struct_assembly.id 
_pdbx_struct_assembly.details 
_pdbx_struct_assembly.method_details 
_pdbx_struct_assembly.oligomeric_details 
_pdbx_struct_assembly.oligomeric_count 
1 author_and_software_defined_assembly PISA     dimeric    2 
2 software_defined_assembly            PISA,PQS tetrameric 4 
# 
loop_
_pdbx_struct_assembly_prop.biol_id 
_pdbx_struct_assembly_prop.type 
_pdbx_struct_assembly_prop.value 
_pdbx_struct_assembly_prop.details 
1 'ABSA (A^2)' 5530  ? 
1 MORE         -47   ? 
1 'SSA (A^2)'  7710  ? 
2 'ABSA (A^2)' 13600 ? 
2 MORE         -126  ? 
2 'SSA (A^2)'  12880 ? 
# 
loop_
_pdbx_struct_assembly_gen.assembly_id 
_pdbx_struct_assembly_gen.oper_expression 
_pdbx_struct_assembly_gen.asym_id_list 
1 1,2     A,B,C,D 
2 1,2,3,4 A,B,C,D 
# 
loop_
_pdbx_struct_oper_list.id 
_pdbx_struct_oper_list.type 
_pdbx_struct_oper_list.name 
_pdbx_struct_oper_list.symmetry_operation 
_pdbx_struct_oper_list.matrix[1][1] 
_pdbx_struct_oper_list.matrix[1][2] 
_pdbx_struct_oper_list.matrix[1][3] 
_pdbx_struct_oper_list.vector[1] 
_pdbx_struct_oper_list.matrix[2][1] 
_pdbx_struct_oper_list.matrix[2][2] 
_pdbx_struct_oper_list.matrix[2][3] 
_pdbx_struct_oper_list.vector[2] 
_pdbx_struct_oper_list.matrix[3][1] 
_pdbx_struct_oper_list.matrix[3][2] 
_pdbx_struct_oper_list.matrix[3][3] 
_pdbx_struct_oper_list.vector[3] 
1 'identity operation'         1_555  x,y,z        1.0000000000  0.0000000000  0.0000000000  0.0000000000   0.0000000000  1.0000000000  0.0000000000  0.0000000000   0.0000000000  0.0000000000  1.0000000000  0.0000000000  
2 'crystal symmetry operation' 8_665  -y+1,-x+1,-z 0.5898025096  0.5742360380  -0.5677904299 0.0840925130   0.5742360380  -0.7925861701 -0.2050856789 -6.9304624151  -0.5677904299 -0.2050856789 -0.7972163395 -6.7736801957 
3 'crystal symmetry operation' 10_755 -x+2,-y,z    -0.8848657895 0.1249764261  0.4487687908  -21.7546063565 0.1249764261  -0.8643399992 0.4871316646  -13.4075834578 0.4487687908  0.4871316646  0.7492057887  9.3151114300  
4 'crystal symmetry operation' 15_645 y+1,x-1,-z   -0.7049367201 -0.6992124642 0.1190216392  -25.7349776390 -0.6992124642 0.6569261693  -0.2820459857 -10.7064721065 0.1190216392  -0.2820459857 -0.9519894492 0.9019214195 
# 
_struct_biol.id   1 
# 
loop_
_struct_conf.conf_type_id 
_struct_conf.id 
_struct_conf.pdbx_PDB_helix_id 
_struct_conf.beg_label_comp_id 
_struct_conf.beg_label_asym_id 
_struct_conf.beg_label_seq_id 
_struct_conf.pdbx_beg_PDB_ins_code 
_struct_conf.end_label_comp_id 
_struct_conf.end_label_asym_id 
_struct_conf.end_label_seq_id 
_struct_conf.pdbx_end_PDB_ins_code 
_struct_conf.beg_auth_comp_id 
_struct_conf.beg_auth_asym_id 
_struct_conf.beg_auth_seq_id 
_struct_conf.end_auth_comp_id 
_struct_conf.end_auth_asym_id 
_struct_conf.end_auth_seq_id 
_struct_conf.pdbx_PDB_helix_class 
_struct_conf.details 
_struct_conf.pdbx_PDB_helix_length 
HELX_P HELX_P1 1 GLU A 16 ? GLY A 36 ? GLU A 4  GLY A 24 1 ? 21 
HELX_P HELX_P2 2 GLY A 36 ? ASN A 58 ? GLY A 24 ASN A 46 1 ? 23 
HELX_P HELX_P3 3 ASN A 59 ? GLY A 82 ? ASN A 47 GLY A 70 1 ? 24 
HELX_P HELX_P4 4 ASP A 84 ? TYR A 93 ? ASP A 72 TYR A 81 1 ? 10 
# 
_struct_conf_type.id          HELX_P 
_struct_conf_type.criteria    ? 
_struct_conf_type.reference   ? 
# 
loop_
_struct_conn.id 
_struct_conn.conn_type_id 
_struct_conn.pdbx_leaving_atom_flag 
_struct_conn.pdbx_PDB_id 
_struct_conn.ptnr1_label_asym_id 
_struct_conn.ptnr1_label_comp_id 
_struct_conn.ptnr1_label_seq_id 
_struct_conn.ptnr1_label_atom_id 
_struct_conn.pdbx_ptnr1_label_alt_id 
_struct_conn.pdbx_ptnr1_PDB_ins_code 
_struct_conn.pdbx_ptnr1_standard_comp_id 
_struct_conn.ptnr1_symmetry 
_struct_conn.ptnr2_label_asym_id 
_struct_conn.ptnr2_label_comp_id 
_struct_conn.ptnr2_label_seq_id 
_struct_conn.ptnr2_label_atom_id 
_struct_conn.pdbx_ptnr2_label_alt_id 
_struct_conn.pdbx_ptnr2_PDB_ins_code 
_struct_conn.ptnr1_auth_asym_id 
_struct_conn.ptnr1_auth_comp_id 
_struct_conn.ptnr1_auth_seq_id 
_struct_conn.ptnr2_auth_asym_id 
_struct_conn.ptnr2_auth_comp_id 
_struct_conn.ptnr2_auth_seq_id 
_struct_conn.ptnr2_symmetry 
_struct_conn.pdbx_ptnr3_label_atom_id 
_struct_conn.pdbx_ptnr3_label_seq_id 
_struct_conn.pdbx_ptnr3_label_comp_id 
_struct_conn.pdbx_ptnr3_label_asym_id 
_struct_conn.pdbx_ptnr3_label_alt_id 
_struct_conn.pdbx_ptnr3_PDB_ins_code 
_struct_conn.details 
_struct_conn.pdbx_dist_value 
_struct_conn.pdbx_value_order 
_struct_conn.pdbx_role 
covale1 covale both ? A MSE 13 C   ? ? ? 1_555 A ASP 14 N  ? ? A MSE 1  A ASP 2   1_555 ? ? ? ? ? ? ? 1.333 ? ? 
covale2 covale both ? A LYS 23 C   ? ? ? 1_555 A MSE 24 N  ? ? A LYS 11 A MSE 12  1_555 ? ? ? ? ? ? ? 1.325 ? ? 
covale3 covale both ? A MSE 24 C   ? ? ? 1_555 A LYS 25 N  ? ? A MSE 12 A LYS 13  1_555 ? ? ? ? ? ? ? 1.328 ? ? 
covale4 covale both ? A GLU 26 C   ? ? ? 1_555 A MSE 27 N  ? ? A GLU 14 A MSE 15  1_555 ? ? ? ? ? ? ? 1.322 ? ? 
covale5 covale both ? A MSE 27 C   ? ? ? 1_555 A TYR 28 N  ? ? A MSE 15 A TYR 16  1_555 ? ? ? ? ? ? ? 1.332 ? ? 
metalc1 metalc ?    ? A GLU 47 OE1 ? ? ? 1_555 B LI  .  LI ? ? A GLU 35 A LI  84  1_555 ? ? ? ? ? ? ? 1.901 ? ? 
metalc2 metalc ?    ? A GLU 66 OE1 ? ? ? 1_555 B LI  .  LI ? ? A GLU 54 A LI  84  1_555 ? ? ? ? ? ? ? 1.988 ? ? 
metalc3 metalc ?    ? A ASP 69 OD2 ? ? ? 1_555 B LI  .  LI ? ? A ASP 57 A LI  84  1_555 ? ? ? ? ? ? ? 2.116 ? ? 
metalc4 metalc ?    ? B LI  .  LI  ? ? ? 1_555 D HOH .  O  ? ? A LI  84 A HOH 108 1_555 ? ? ? ? ? ? ? 1.674 ? ? 
# 
loop_
_struct_conn_type.id 
_struct_conn_type.criteria 
_struct_conn_type.reference 
covale ? ? 
metalc ? ? 
# 
loop_
_pdbx_struct_conn_angle.id 
_pdbx_struct_conn_angle.ptnr1_label_atom_id 
_pdbx_struct_conn_angle.ptnr1_label_alt_id 
_pdbx_struct_conn_angle.ptnr1_label_asym_id 
_pdbx_struct_conn_angle.ptnr1_label_comp_id 
_pdbx_struct_conn_angle.ptnr1_label_seq_id 
_pdbx_struct_conn_angle.ptnr1_auth_atom_id 
_pdbx_struct_conn_angle.ptnr1_auth_asym_id 
_pdbx_struct_conn_angle.ptnr1_auth_comp_id 
_pdbx_struct_conn_angle.ptnr1_auth_seq_id 
_pdbx_struct_conn_angle.ptnr1_PDB_ins_code 
_pdbx_struct_conn_angle.ptnr1_symmetry 
_pdbx_struct_conn_angle.ptnr2_label_atom_id 
_pdbx_struct_conn_angle.ptnr2_label_alt_id 
_pdbx_struct_conn_angle.ptnr2_label_asym_id 
_pdbx_struct_conn_angle.ptnr2_label_comp_id 
_pdbx_struct_conn_angle.ptnr2_label_seq_id 
_pdbx_struct_conn_angle.ptnr2_auth_atom_id 
_pdbx_struct_conn_angle.ptnr2_auth_asym_id 
_pdbx_struct_conn_angle.ptnr2_auth_comp_id 
_pdbx_struct_conn_angle.ptnr2_auth_seq_id 
_pdbx_struct_conn_angle.ptnr2_PDB_ins_code 
_pdbx_struct_conn_angle.ptnr2_symmetry 
_pdbx_struct_conn_angle.ptnr3_label_atom_id 
_pdbx_struct_conn_angle.ptnr3_label_alt_id 
_pdbx_struct_conn_angle.ptnr3_label_asym_id 
_pdbx_struct_conn_angle.ptnr3_label_comp_id 
_pdbx_struct_conn_angle.ptnr3_label_seq_id 
_pdbx_struct_conn_angle.ptnr3_auth_atom_id 
_pdbx_struct_conn_angle.ptnr3_auth_asym_id 
_pdbx_struct_conn_angle.ptnr3_auth_comp_id 
_pdbx_struct_conn_angle.ptnr3_auth_seq_id 
_pdbx_struct_conn_angle.ptnr3_PDB_ins_code 
_pdbx_struct_conn_angle.ptnr3_symmetry 
_pdbx_struct_conn_angle.value 
_pdbx_struct_conn_angle.value_esd 
1 OE1 ? A GLU 47 ? A GLU 35 ? 1_555 LI ? B LI . ? A LI 84 ? 1_555 OE1 ? A GLU 66 ? A GLU 54  ? 1_555 103.2 ? 
2 OE1 ? A GLU 47 ? A GLU 35 ? 1_555 LI ? B LI . ? A LI 84 ? 1_555 OD2 ? A ASP 69 ? A ASP 57  ? 1_555 100.8 ? 
3 OE1 ? A GLU 66 ? A GLU 54 ? 1_555 LI ? B LI . ? A LI 84 ? 1_555 OD2 ? A ASP 69 ? A ASP 57  ? 1_555 101.7 ? 
4 OE1 ? A GLU 47 ? A GLU 35 ? 1_555 LI ? B LI . ? A LI 84 ? 1_555 O   ? D HOH .  ? A HOH 108 ? 1_555 121.1 ? 
5 OE1 ? A GLU 66 ? A GLU 54 ? 1_555 LI ? B LI . ? A LI 84 ? 1_555 O   ? D HOH .  ? A HOH 108 ? 1_555 117.2 ? 
6 OD2 ? A ASP 69 ? A ASP 57 ? 1_555 LI ? B LI . ? A LI 84 ? 1_555 O   ? D HOH .  ? A HOH 108 ? 1_555 110.0 ? 
# 
loop_
_pdbx_modification_feature.ordinal 
_pdbx_modification_feature.label_comp_id 
_pdbx_modification_feature.label_asym_id 
_pdbx_modification_feature.label_seq_id 
_pdbx_modification_feature.label_alt_id 
_pdbx_modification_feature.modified_residue_label_comp_id 
_pdbx_modification_feature.modified_residue_label_asym_id 
_pdbx_modification_feature.modified_residue_label_seq_id 
_pdbx_modification_feature.modified_residue_label_alt_id 
_pdbx_modification_feature.auth_comp_id 
_pdbx_modification_feature.auth_asym_id 
_pdbx_modification_feature.auth_seq_id 
_pdbx_modification_feature.PDB_ins_code 
_pdbx_modification_feature.symmetry 
_pdbx_modification_feature.modified_residue_auth_comp_id 
_pdbx_modification_feature.modified_residue_auth_asym_id 
_pdbx_modification_feature.modified_residue_auth_seq_id 
_pdbx_modification_feature.modified_residue_PDB_ins_code 
_pdbx_modification_feature.modified_residue_symmetry 
_pdbx_modification_feature.comp_id_linking_atom 
_pdbx_modification_feature.modified_residue_id_linking_atom 
_pdbx_modification_feature.modified_residue_id 
_pdbx_modification_feature.ref_pcm_id 
_pdbx_modification_feature.ref_comp_id 
_pdbx_modification_feature.type 
_pdbx_modification_feature.category 
1 MSE A 13 ? . . . . MSE A 1  ? 1_555 . . . . . . . MET 1 MSE Selenomethionine 'Named protein modification' 
2 MSE A 24 ? . . . . MSE A 12 ? 1_555 . . . . . . . MET 1 MSE Selenomethionine 'Named protein modification' 
3 MSE A 27 ? . . . . MSE A 15 ? 1_555 . . . . . . . MET 1 MSE Selenomethionine 'Named protein modification' 
# 
loop_
_struct_site.id 
_struct_site.pdbx_evidence_code 
_struct_site.pdbx_auth_asym_id 
_struct_site.pdbx_auth_comp_id 
_struct_site.pdbx_auth_seq_id 
_struct_site.pdbx_auth_ins_code 
_struct_site.pdbx_num_residues 
_struct_site.details 
AC1 Software A LI  84 ? 4 'BINDING SITE FOR RESIDUE LI A 84'  
AC2 Software A UNL 85 ? 9 'BINDING SITE FOR RESIDUE UNL A 85' 
# 
loop_
_struct_site_gen.id 
_struct_site_gen.site_id 
_struct_site_gen.pdbx_num_res 
_struct_site_gen.label_comp_id 
_struct_site_gen.label_asym_id 
_struct_site_gen.label_seq_id 
_struct_site_gen.pdbx_auth_ins_code 
_struct_site_gen.auth_comp_id 
_struct_site_gen.auth_asym_id 
_struct_site_gen.auth_seq_id 
_struct_site_gen.label_atom_id 
_struct_site_gen.label_alt_id 
_struct_site_gen.symmetry 
_struct_site_gen.details 
1  AC1 4 GLU A 47 ? GLU A 35  . ? 1_555 ? 
2  AC1 4 GLU A 66 ? GLU A 54  . ? 1_555 ? 
3  AC1 4 ASP A 69 ? ASP A 57  . ? 1_555 ? 
4  AC1 4 HOH D .  ? HOH A 108 . ? 1_555 ? 
5  AC2 9 TYR A 28 ? TYR A 16  . ? 1_555 ? 
6  AC2 9 ASP A 32 ? ASP A 20  . ? 1_555 ? 
7  AC2 9 ARG A 35 ? ARG A 23  . ? 1_555 ? 
8  AC2 9 ALA A 72 ? ALA A 60  . ? 1_555 ? 
9  AC2 9 TRP A 73 ? TRP A 61  . ? 1_555 ? 
10 AC2 9 SER A 76 ? SER A 64  . ? 1_555 ? 
11 AC2 9 TYR A 93 ? TYR A 81  . ? 8_665 ? 
12 AC2 9 HOH D .  ? HOH A 88  . ? 1_555 ? 
13 AC2 9 HOH D .  ? HOH A 175 . ? 1_555 ? 
# 
_pdbx_entry_details.entry_id                   1VMG 
_pdbx_entry_details.compound_details           ? 
_pdbx_entry_details.source_details             ? 
_pdbx_entry_details.nonpolymer_details         ? 
_pdbx_entry_details.sequence_details           ? 
_pdbx_entry_details.has_ligand_of_interest     ? 
_pdbx_entry_details.has_protein_modification   Y 
# 
loop_
_pdbx_validate_close_contact.id 
_pdbx_validate_close_contact.PDB_model_num 
_pdbx_validate_close_contact.auth_atom_id_1 
_pdbx_validate_close_contact.auth_asym_id_1 
_pdbx_validate_close_contact.auth_comp_id_1 
_pdbx_validate_close_contact.auth_seq_id_1 
_pdbx_validate_close_contact.PDB_ins_code_1 
_pdbx_validate_close_contact.label_alt_id_1 
_pdbx_validate_close_contact.auth_atom_id_2 
_pdbx_validate_close_contact.auth_asym_id_2 
_pdbx_validate_close_contact.auth_comp_id_2 
_pdbx_validate_close_contact.auth_seq_id_2 
_pdbx_validate_close_contact.PDB_ins_code_2 
_pdbx_validate_close_contact.label_alt_id_2 
_pdbx_validate_close_contact.dist 
1 1 O   A HOH 129 ? ? O A HOH 173 ? ? 2.10 
2 1 OE1 A GLU 34  ? B O A HOH 145 ? ? 2.15 
# 
_pdbx_SG_project.id                    1 
_pdbx_SG_project.project_name          'PSI, Protein Structure Initiative' 
_pdbx_SG_project.full_name_of_center   'Joint Center for Structural Genomics' 
_pdbx_SG_project.initial_of_center     JCSG 
# 
loop_
_pdbx_struct_mod_residue.id 
_pdbx_struct_mod_residue.label_asym_id 
_pdbx_struct_mod_residue.label_comp_id 
_pdbx_struct_mod_residue.label_seq_id 
_pdbx_struct_mod_residue.auth_asym_id 
_pdbx_struct_mod_residue.auth_comp_id 
_pdbx_struct_mod_residue.auth_seq_id 
_pdbx_struct_mod_residue.PDB_ins_code 
_pdbx_struct_mod_residue.parent_comp_id 
_pdbx_struct_mod_residue.details 
1 A MSE 13 A MSE 1  ? MET SELENOMETHIONINE 
2 A MSE 24 A MSE 12 ? MET SELENOMETHIONINE 
3 A MSE 27 A MSE 15 ? MET SELENOMETHIONINE 
# 
_pdbx_struct_special_symmetry.id              1 
_pdbx_struct_special_symmetry.PDB_model_num   1 
_pdbx_struct_special_symmetry.auth_asym_id    A 
_pdbx_struct_special_symmetry.auth_comp_id    HOH 
_pdbx_struct_special_symmetry.auth_seq_id     92 
_pdbx_struct_special_symmetry.PDB_ins_code    ? 
_pdbx_struct_special_symmetry.label_asym_id   D 
_pdbx_struct_special_symmetry.label_comp_id   HOH 
_pdbx_struct_special_symmetry.label_seq_id    . 
# 
_pdbx_refine_tls.id               1 
_pdbx_refine_tls.details          . 
_pdbx_refine_tls.method           refined 
_pdbx_refine_tls.origin_x         0.1870 
_pdbx_refine_tls.origin_y         -0.2367 
_pdbx_refine_tls.origin_z         -0.1369 
_pdbx_refine_tls.T[1][1]          -0.0204 
_pdbx_refine_tls.T[2][2]          -0.0098 
_pdbx_refine_tls.T[3][3]          -0.0189 
_pdbx_refine_tls.T[1][2]          0.0029 
_pdbx_refine_tls.T[1][3]          -0.0048 
_pdbx_refine_tls.T[2][3]          -0.0019 
_pdbx_refine_tls.L[1][1]          0.9911 
_pdbx_refine_tls.L[2][2]          0.2705 
_pdbx_refine_tls.L[3][3]          0.5046 
_pdbx_refine_tls.L[1][2]          0.0395 
_pdbx_refine_tls.L[1][3]          0.1437 
_pdbx_refine_tls.L[2][3]          -0.1613 
_pdbx_refine_tls.S[1][1]          -0.0360 
_pdbx_refine_tls.S[2][2]          0.0322 
_pdbx_refine_tls.S[3][3]          0.0038 
_pdbx_refine_tls.S[1][2]          -0.0197 
_pdbx_refine_tls.S[1][3]          0.0828 
_pdbx_refine_tls.S[2][3]          -0.0064 
_pdbx_refine_tls.S[2][1]          0.0120 
_pdbx_refine_tls.S[3][1]          -0.0225 
_pdbx_refine_tls.S[3][2]          0.0273 
_pdbx_refine_tls.pdbx_refine_id   'X-RAY DIFFRACTION' 
# 
_pdbx_refine_tls_group.id                  1 
_pdbx_refine_tls_group.refine_tls_id       1 
_pdbx_refine_tls_group.beg_label_asym_id   A 
_pdbx_refine_tls_group.beg_label_seq_id    13 
_pdbx_refine_tls_group.end_label_asym_id   A 
_pdbx_refine_tls_group.end_label_seq_id    95 
_pdbx_refine_tls_group.selection           ALL 
_pdbx_refine_tls_group.beg_auth_asym_id    A 
_pdbx_refine_tls_group.beg_auth_seq_id     1 
_pdbx_refine_tls_group.end_auth_asym_id    A 
_pdbx_refine_tls_group.end_auth_seq_id     83 
_pdbx_refine_tls_group.pdbx_refine_id      'X-RAY DIFFRACTION' 
_pdbx_refine_tls_group.selection_details   ? 
# 
loop_
_pdbx_unobs_or_zero_occ_residues.id 
_pdbx_unobs_or_zero_occ_residues.PDB_model_num 
_pdbx_unobs_or_zero_occ_residues.polymer_flag 
_pdbx_unobs_or_zero_occ_residues.occupancy_flag 
_pdbx_unobs_or_zero_occ_residues.auth_asym_id 
_pdbx_unobs_or_zero_occ_residues.auth_comp_id 
_pdbx_unobs_or_zero_occ_residues.auth_seq_id 
_pdbx_unobs_or_zero_occ_residues.PDB_ins_code 
_pdbx_unobs_or_zero_occ_residues.label_asym_id 
_pdbx_unobs_or_zero_occ_residues.label_comp_id 
_pdbx_unobs_or_zero_occ_residues.label_seq_id 
1  1 Y 1 A MET -11 ? A MET 1  
2  1 Y 1 A GLY -10 ? A GLY 2  
3  1 Y 1 A SER -9  ? A SER 3  
4  1 Y 1 A ASP -8  ? A ASP 4  
5  1 Y 1 A LYS -7  ? A LYS 5  
6  1 Y 1 A ILE -6  ? A ILE 6  
7  1 Y 1 A HIS -5  ? A HIS 7  
8  1 Y 1 A HIS -4  ? A HIS 8  
9  1 Y 1 A HIS -3  ? A HIS 9  
10 1 Y 1 A HIS -2  ? A HIS 10 
11 1 Y 1 A HIS -1  ? A HIS 11 
12 1 Y 1 A HIS 0   ? A HIS 12 
# 
loop_
_chem_comp_atom.comp_id 
_chem_comp_atom.atom_id 
_chem_comp_atom.type_symbol 
_chem_comp_atom.pdbx_aromatic_flag 
_chem_comp_atom.pdbx_stereo_config 
_chem_comp_atom.pdbx_ordinal 
ALA N    N  N N 1   
ALA CA   C  N S 2   
ALA C    C  N N 3   
ALA O    O  N N 4   
ALA CB   C  N N 5   
ALA OXT  O  N N 6   
ALA H    H  N N 7   
ALA H2   H  N N 8   
ALA HA   H  N N 9   
ALA HB1  H  N N 10  
ALA HB2  H  N N 11  
ALA HB3  H  N N 12  
ALA HXT  H  N N 13  
ARG N    N  N N 14  
ARG CA   C  N S 15  
ARG C    C  N N 16  
ARG O    O  N N 17  
ARG CB   C  N N 18  
ARG CG   C  N N 19  
ARG CD   C  N N 20  
ARG NE   N  N N 21  
ARG CZ   C  N N 22  
ARG NH1  N  N N 23  
ARG NH2  N  N N 24  
ARG OXT  O  N N 25  
ARG H    H  N N 26  
ARG H2   H  N N 27  
ARG HA   H  N N 28  
ARG HB2  H  N N 29  
ARG HB3  H  N N 30  
ARG HG2  H  N N 31  
ARG HG3  H  N N 32  
ARG HD2  H  N N 33  
ARG HD3  H  N N 34  
ARG HE   H  N N 35  
ARG HH11 H  N N 36  
ARG HH12 H  N N 37  
ARG HH21 H  N N 38  
ARG HH22 H  N N 39  
ARG HXT  H  N N 40  
ASN N    N  N N 41  
ASN CA   C  N S 42  
ASN C    C  N N 43  
ASN O    O  N N 44  
ASN CB   C  N N 45  
ASN CG   C  N N 46  
ASN OD1  O  N N 47  
ASN ND2  N  N N 48  
ASN OXT  O  N N 49  
ASN H    H  N N 50  
ASN H2   H  N N 51  
ASN HA   H  N N 52  
ASN HB2  H  N N 53  
ASN HB3  H  N N 54  
ASN HD21 H  N N 55  
ASN HD22 H  N N 56  
ASN HXT  H  N N 57  
ASP N    N  N N 58  
ASP CA   C  N S 59  
ASP C    C  N N 60  
ASP O    O  N N 61  
ASP CB   C  N N 62  
ASP CG   C  N N 63  
ASP OD1  O  N N 64  
ASP OD2  O  N N 65  
ASP OXT  O  N N 66  
ASP H    H  N N 67  
ASP H2   H  N N 68  
ASP HA   H  N N 69  
ASP HB2  H  N N 70  
ASP HB3  H  N N 71  
ASP HD2  H  N N 72  
ASP HXT  H  N N 73  
GLN N    N  N N 74  
GLN CA   C  N S 75  
GLN C    C  N N 76  
GLN O    O  N N 77  
GLN CB   C  N N 78  
GLN CG   C  N N 79  
GLN CD   C  N N 80  
GLN OE1  O  N N 81  
GLN NE2  N  N N 82  
GLN OXT  O  N N 83  
GLN H    H  N N 84  
GLN H2   H  N N 85  
GLN HA   H  N N 86  
GLN HB2  H  N N 87  
GLN HB3  H  N N 88  
GLN HG2  H  N N 89  
GLN HG3  H  N N 90  
GLN HE21 H  N N 91  
GLN HE22 H  N N 92  
GLN HXT  H  N N 93  
GLU N    N  N N 94  
GLU CA   C  N S 95  
GLU C    C  N N 96  
GLU O    O  N N 97  
GLU CB   C  N N 98  
GLU CG   C  N N 99  
GLU CD   C  N N 100 
GLU OE1  O  N N 101 
GLU OE2  O  N N 102 
GLU OXT  O  N N 103 
GLU H    H  N N 104 
GLU H2   H  N N 105 
GLU HA   H  N N 106 
GLU HB2  H  N N 107 
GLU HB3  H  N N 108 
GLU HG2  H  N N 109 
GLU HG3  H  N N 110 
GLU HE2  H  N N 111 
GLU HXT  H  N N 112 
GLY N    N  N N 113 
GLY CA   C  N N 114 
GLY C    C  N N 115 
GLY O    O  N N 116 
GLY OXT  O  N N 117 
GLY H    H  N N 118 
GLY H2   H  N N 119 
GLY HA2  H  N N 120 
GLY HA3  H  N N 121 
GLY HXT  H  N N 122 
HIS N    N  N N 123 
HIS CA   C  N S 124 
HIS C    C  N N 125 
HIS O    O  N N 126 
HIS CB   C  N N 127 
HIS CG   C  Y N 128 
HIS ND1  N  Y N 129 
HIS CD2  C  Y N 130 
HIS CE1  C  Y N 131 
HIS NE2  N  Y N 132 
HIS OXT  O  N N 133 
HIS H    H  N N 134 
HIS H2   H  N N 135 
HIS HA   H  N N 136 
HIS HB2  H  N N 137 
HIS HB3  H  N N 138 
HIS HD1  H  N N 139 
HIS HD2  H  N N 140 
HIS HE1  H  N N 141 
HIS HE2  H  N N 142 
HIS HXT  H  N N 143 
HOH O    O  N N 144 
HOH H1   H  N N 145 
HOH H2   H  N N 146 
ILE N    N  N N 147 
ILE CA   C  N S 148 
ILE C    C  N N 149 
ILE O    O  N N 150 
ILE CB   C  N S 151 
ILE CG1  C  N N 152 
ILE CG2  C  N N 153 
ILE CD1  C  N N 154 
ILE OXT  O  N N 155 
ILE H    H  N N 156 
ILE H2   H  N N 157 
ILE HA   H  N N 158 
ILE HB   H  N N 159 
ILE HG12 H  N N 160 
ILE HG13 H  N N 161 
ILE HG21 H  N N 162 
ILE HG22 H  N N 163 
ILE HG23 H  N N 164 
ILE HD11 H  N N 165 
ILE HD12 H  N N 166 
ILE HD13 H  N N 167 
ILE HXT  H  N N 168 
LEU N    N  N N 169 
LEU CA   C  N S 170 
LEU C    C  N N 171 
LEU O    O  N N 172 
LEU CB   C  N N 173 
LEU CG   C  N N 174 
LEU CD1  C  N N 175 
LEU CD2  C  N N 176 
LEU OXT  O  N N 177 
LEU H    H  N N 178 
LEU H2   H  N N 179 
LEU HA   H  N N 180 
LEU HB2  H  N N 181 
LEU HB3  H  N N 182 
LEU HG   H  N N 183 
LEU HD11 H  N N 184 
LEU HD12 H  N N 185 
LEU HD13 H  N N 186 
LEU HD21 H  N N 187 
LEU HD22 H  N N 188 
LEU HD23 H  N N 189 
LEU HXT  H  N N 190 
LI  LI   LI N N 191 
LYS N    N  N N 192 
LYS CA   C  N S 193 
LYS C    C  N N 194 
LYS O    O  N N 195 
LYS CB   C  N N 196 
LYS CG   C  N N 197 
LYS CD   C  N N 198 
LYS CE   C  N N 199 
LYS NZ   N  N N 200 
LYS OXT  O  N N 201 
LYS H    H  N N 202 
LYS H2   H  N N 203 
LYS HA   H  N N 204 
LYS HB2  H  N N 205 
LYS HB3  H  N N 206 
LYS HG2  H  N N 207 
LYS HG3  H  N N 208 
LYS HD2  H  N N 209 
LYS HD3  H  N N 210 
LYS HE2  H  N N 211 
LYS HE3  H  N N 212 
LYS HZ1  H  N N 213 
LYS HZ2  H  N N 214 
LYS HZ3  H  N N 215 
LYS HXT  H  N N 216 
MET N    N  N N 217 
MET CA   C  N S 218 
MET C    C  N N 219 
MET O    O  N N 220 
MET CB   C  N N 221 
MET CG   C  N N 222 
MET SD   S  N N 223 
MET CE   C  N N 224 
MET OXT  O  N N 225 
MET H    H  N N 226 
MET H2   H  N N 227 
MET HA   H  N N 228 
MET HB2  H  N N 229 
MET HB3  H  N N 230 
MET HG2  H  N N 231 
MET HG3  H  N N 232 
MET HE1  H  N N 233 
MET HE2  H  N N 234 
MET HE3  H  N N 235 
MET HXT  H  N N 236 
MSE N    N  N N 237 
MSE CA   C  N S 238 
MSE C    C  N N 239 
MSE O    O  N N 240 
MSE OXT  O  N N 241 
MSE CB   C  N N 242 
MSE CG   C  N N 243 
MSE SE   SE N N 244 
MSE CE   C  N N 245 
MSE H    H  N N 246 
MSE H2   H  N N 247 
MSE HA   H  N N 248 
MSE HXT  H  N N 249 
MSE HB2  H  N N 250 
MSE HB3  H  N N 251 
MSE HG2  H  N N 252 
MSE HG3  H  N N 253 
MSE HE1  H  N N 254 
MSE HE2  H  N N 255 
MSE HE3  H  N N 256 
PHE N    N  N N 257 
PHE CA   C  N S 258 
PHE C    C  N N 259 
PHE O    O  N N 260 
PHE CB   C  N N 261 
PHE CG   C  Y N 262 
PHE CD1  C  Y N 263 
PHE CD2  C  Y N 264 
PHE CE1  C  Y N 265 
PHE CE2  C  Y N 266 
PHE CZ   C  Y N 267 
PHE OXT  O  N N 268 
PHE H    H  N N 269 
PHE H2   H  N N 270 
PHE HA   H  N N 271 
PHE HB2  H  N N 272 
PHE HB3  H  N N 273 
PHE HD1  H  N N 274 
PHE HD2  H  N N 275 
PHE HE1  H  N N 276 
PHE HE2  H  N N 277 
PHE HZ   H  N N 278 
PHE HXT  H  N N 279 
SER N    N  N N 280 
SER CA   C  N S 281 
SER C    C  N N 282 
SER O    O  N N 283 
SER CB   C  N N 284 
SER OG   O  N N 285 
SER OXT  O  N N 286 
SER H    H  N N 287 
SER H2   H  N N 288 
SER HA   H  N N 289 
SER HB2  H  N N 290 
SER HB3  H  N N 291 
SER HG   H  N N 292 
SER HXT  H  N N 293 
THR N    N  N N 294 
THR CA   C  N S 295 
THR C    C  N N 296 
THR O    O  N N 297 
THR CB   C  N R 298 
THR OG1  O  N N 299 
THR CG2  C  N N 300 
THR OXT  O  N N 301 
THR H    H  N N 302 
THR H2   H  N N 303 
THR HA   H  N N 304 
THR HB   H  N N 305 
THR HG1  H  N N 306 
THR HG21 H  N N 307 
THR HG22 H  N N 308 
THR HG23 H  N N 309 
THR HXT  H  N N 310 
TRP N    N  N N 311 
TRP CA   C  N S 312 
TRP C    C  N N 313 
TRP O    O  N N 314 
TRP CB   C  N N 315 
TRP CG   C  Y N 316 
TRP CD1  C  Y N 317 
TRP CD2  C  Y N 318 
TRP NE1  N  Y N 319 
TRP CE2  C  Y N 320 
TRP CE3  C  Y N 321 
TRP CZ2  C  Y N 322 
TRP CZ3  C  Y N 323 
TRP CH2  C  Y N 324 
TRP OXT  O  N N 325 
TRP H    H  N N 326 
TRP H2   H  N N 327 
TRP HA   H  N N 328 
TRP HB2  H  N N 329 
TRP HB3  H  N N 330 
TRP HD1  H  N N 331 
TRP HE1  H  N N 332 
TRP HE3  H  N N 333 
TRP HZ2  H  N N 334 
TRP HZ3  H  N N 335 
TRP HH2  H  N N 336 
TRP HXT  H  N N 337 
TYR N    N  N N 338 
TYR CA   C  N S 339 
TYR C    C  N N 340 
TYR O    O  N N 341 
TYR CB   C  N N 342 
TYR CG   C  Y N 343 
TYR CD1  C  Y N 344 
TYR CD2  C  Y N 345 
TYR CE1  C  Y N 346 
TYR CE2  C  Y N 347 
TYR CZ   C  Y N 348 
TYR OH   O  N N 349 
TYR OXT  O  N N 350 
TYR H    H  N N 351 
TYR H2   H  N N 352 
TYR HA   H  N N 353 
TYR HB2  H  N N 354 
TYR HB3  H  N N 355 
TYR HD1  H  N N 356 
TYR HD2  H  N N 357 
TYR HE1  H  N N 358 
TYR HE2  H  N N 359 
TYR HH   H  N N 360 
TYR HXT  H  N N 361 
VAL N    N  N N 362 
VAL CA   C  N S 363 
VAL C    C  N N 364 
VAL O    O  N N 365 
VAL CB   C  N N 366 
VAL CG1  C  N N 367 
VAL CG2  C  N N 368 
VAL OXT  O  N N 369 
VAL H    H  N N 370 
VAL H2   H  N N 371 
VAL HA   H  N N 372 
VAL HB   H  N N 373 
VAL HG11 H  N N 374 
VAL HG12 H  N N 375 
VAL HG13 H  N N 376 
VAL HG21 H  N N 377 
VAL HG22 H  N N 378 
VAL HG23 H  N N 379 
VAL HXT  H  N N 380 
# 
loop_
_chem_comp_bond.comp_id 
_chem_comp_bond.atom_id_1 
_chem_comp_bond.atom_id_2 
_chem_comp_bond.value_order 
_chem_comp_bond.pdbx_aromatic_flag 
_chem_comp_bond.pdbx_stereo_config 
_chem_comp_bond.pdbx_ordinal 
ALA N   CA   sing N N 1   
ALA N   H    sing N N 2   
ALA N   H2   sing N N 3   
ALA CA  C    sing N N 4   
ALA CA  CB   sing N N 5   
ALA CA  HA   sing N N 6   
ALA C   O    doub N N 7   
ALA C   OXT  sing N N 8   
ALA CB  HB1  sing N N 9   
ALA CB  HB2  sing N N 10  
ALA CB  HB3  sing N N 11  
ALA OXT HXT  sing N N 12  
ARG N   CA   sing N N 13  
ARG N   H    sing N N 14  
ARG N   H2   sing N N 15  
ARG CA  C    sing N N 16  
ARG CA  CB   sing N N 17  
ARG CA  HA   sing N N 18  
ARG C   O    doub N N 19  
ARG C   OXT  sing N N 20  
ARG CB  CG   sing N N 21  
ARG CB  HB2  sing N N 22  
ARG CB  HB3  sing N N 23  
ARG CG  CD   sing N N 24  
ARG CG  HG2  sing N N 25  
ARG CG  HG3  sing N N 26  
ARG CD  NE   sing N N 27  
ARG CD  HD2  sing N N 28  
ARG CD  HD3  sing N N 29  
ARG NE  CZ   sing N N 30  
ARG NE  HE   sing N N 31  
ARG CZ  NH1  sing N N 32  
ARG CZ  NH2  doub N N 33  
ARG NH1 HH11 sing N N 34  
ARG NH1 HH12 sing N N 35  
ARG NH2 HH21 sing N N 36  
ARG NH2 HH22 sing N N 37  
ARG OXT HXT  sing N N 38  
ASN N   CA   sing N N 39  
ASN N   H    sing N N 40  
ASN N   H2   sing N N 41  
ASN CA  C    sing N N 42  
ASN CA  CB   sing N N 43  
ASN CA  HA   sing N N 44  
ASN C   O    doub N N 45  
ASN C   OXT  sing N N 46  
ASN CB  CG   sing N N 47  
ASN CB  HB2  sing N N 48  
ASN CB  HB3  sing N N 49  
ASN CG  OD1  doub N N 50  
ASN CG  ND2  sing N N 51  
ASN ND2 HD21 sing N N 52  
ASN ND2 HD22 sing N N 53  
ASN OXT HXT  sing N N 54  
ASP N   CA   sing N N 55  
ASP N   H    sing N N 56  
ASP N   H2   sing N N 57  
ASP CA  C    sing N N 58  
ASP CA  CB   sing N N 59  
ASP CA  HA   sing N N 60  
ASP C   O    doub N N 61  
ASP C   OXT  sing N N 62  
ASP CB  CG   sing N N 63  
ASP CB  HB2  sing N N 64  
ASP CB  HB3  sing N N 65  
ASP CG  OD1  doub N N 66  
ASP CG  OD2  sing N N 67  
ASP OD2 HD2  sing N N 68  
ASP OXT HXT  sing N N 69  
GLN N   CA   sing N N 70  
GLN N   H    sing N N 71  
GLN N   H2   sing N N 72  
GLN CA  C    sing N N 73  
GLN CA  CB   sing N N 74  
GLN CA  HA   sing N N 75  
GLN C   O    doub N N 76  
GLN C   OXT  sing N N 77  
GLN CB  CG   sing N N 78  
GLN CB  HB2  sing N N 79  
GLN CB  HB3  sing N N 80  
GLN CG  CD   sing N N 81  
GLN CG  HG2  sing N N 82  
GLN CG  HG3  sing N N 83  
GLN CD  OE1  doub N N 84  
GLN CD  NE2  sing N N 85  
GLN NE2 HE21 sing N N 86  
GLN NE2 HE22 sing N N 87  
GLN OXT HXT  sing N N 88  
GLU N   CA   sing N N 89  
GLU N   H    sing N N 90  
GLU N   H2   sing N N 91  
GLU CA  C    sing N N 92  
GLU CA  CB   sing N N 93  
GLU CA  HA   sing N N 94  
GLU C   O    doub N N 95  
GLU C   OXT  sing N N 96  
GLU CB  CG   sing N N 97  
GLU CB  HB2  sing N N 98  
GLU CB  HB3  sing N N 99  
GLU CG  CD   sing N N 100 
GLU CG  HG2  sing N N 101 
GLU CG  HG3  sing N N 102 
GLU CD  OE1  doub N N 103 
GLU CD  OE2  sing N N 104 
GLU OE2 HE2  sing N N 105 
GLU OXT HXT  sing N N 106 
GLY N   CA   sing N N 107 
GLY N   H    sing N N 108 
GLY N   H2   sing N N 109 
GLY CA  C    sing N N 110 
GLY CA  HA2  sing N N 111 
GLY CA  HA3  sing N N 112 
GLY C   O    doub N N 113 
GLY C   OXT  sing N N 114 
GLY OXT HXT  sing N N 115 
HIS N   CA   sing N N 116 
HIS N   H    sing N N 117 
HIS N   H2   sing N N 118 
HIS CA  C    sing N N 119 
HIS CA  CB   sing N N 120 
HIS CA  HA   sing N N 121 
HIS C   O    doub N N 122 
HIS C   OXT  sing N N 123 
HIS CB  CG   sing N N 124 
HIS CB  HB2  sing N N 125 
HIS CB  HB3  sing N N 126 
HIS CG  ND1  sing Y N 127 
HIS CG  CD2  doub Y N 128 
HIS ND1 CE1  doub Y N 129 
HIS ND1 HD1  sing N N 130 
HIS CD2 NE2  sing Y N 131 
HIS CD2 HD2  sing N N 132 
HIS CE1 NE2  sing Y N 133 
HIS CE1 HE1  sing N N 134 
HIS NE2 HE2  sing N N 135 
HIS OXT HXT  sing N N 136 
HOH O   H1   sing N N 137 
HOH O   H2   sing N N 138 
ILE N   CA   sing N N 139 
ILE N   H    sing N N 140 
ILE N   H2   sing N N 141 
ILE CA  C    sing N N 142 
ILE CA  CB   sing N N 143 
ILE CA  HA   sing N N 144 
ILE C   O    doub N N 145 
ILE C   OXT  sing N N 146 
ILE CB  CG1  sing N N 147 
ILE CB  CG2  sing N N 148 
ILE CB  HB   sing N N 149 
ILE CG1 CD1  sing N N 150 
ILE CG1 HG12 sing N N 151 
ILE CG1 HG13 sing N N 152 
ILE CG2 HG21 sing N N 153 
ILE CG2 HG22 sing N N 154 
ILE CG2 HG23 sing N N 155 
ILE CD1 HD11 sing N N 156 
ILE CD1 HD12 sing N N 157 
ILE CD1 HD13 sing N N 158 
ILE OXT HXT  sing N N 159 
LEU N   CA   sing N N 160 
LEU N   H    sing N N 161 
LEU N   H2   sing N N 162 
LEU CA  C    sing N N 163 
LEU CA  CB   sing N N 164 
LEU CA  HA   sing N N 165 
LEU C   O    doub N N 166 
LEU C   OXT  sing N N 167 
LEU CB  CG   sing N N 168 
LEU CB  HB2  sing N N 169 
LEU CB  HB3  sing N N 170 
LEU CG  CD1  sing N N 171 
LEU CG  CD2  sing N N 172 
LEU CG  HG   sing N N 173 
LEU CD1 HD11 sing N N 174 
LEU CD1 HD12 sing N N 175 
LEU CD1 HD13 sing N N 176 
LEU CD2 HD21 sing N N 177 
LEU CD2 HD22 sing N N 178 
LEU CD2 HD23 sing N N 179 
LEU OXT HXT  sing N N 180 
LYS N   CA   sing N N 181 
LYS N   H    sing N N 182 
LYS N   H2   sing N N 183 
LYS CA  C    sing N N 184 
LYS CA  CB   sing N N 185 
LYS CA  HA   sing N N 186 
LYS C   O    doub N N 187 
LYS C   OXT  sing N N 188 
LYS CB  CG   sing N N 189 
LYS CB  HB2  sing N N 190 
LYS CB  HB3  sing N N 191 
LYS CG  CD   sing N N 192 
LYS CG  HG2  sing N N 193 
LYS CG  HG3  sing N N 194 
LYS CD  CE   sing N N 195 
LYS CD  HD2  sing N N 196 
LYS CD  HD3  sing N N 197 
LYS CE  NZ   sing N N 198 
LYS CE  HE2  sing N N 199 
LYS CE  HE3  sing N N 200 
LYS NZ  HZ1  sing N N 201 
LYS NZ  HZ2  sing N N 202 
LYS NZ  HZ3  sing N N 203 
LYS OXT HXT  sing N N 204 
MET N   CA   sing N N 205 
MET N   H    sing N N 206 
MET N   H2   sing N N 207 
MET CA  C    sing N N 208 
MET CA  CB   sing N N 209 
MET CA  HA   sing N N 210 
MET C   O    doub N N 211 
MET C   OXT  sing N N 212 
MET CB  CG   sing N N 213 
MET CB  HB2  sing N N 214 
MET CB  HB3  sing N N 215 
MET CG  SD   sing N N 216 
MET CG  HG2  sing N N 217 
MET CG  HG3  sing N N 218 
MET SD  CE   sing N N 219 
MET CE  HE1  sing N N 220 
MET CE  HE2  sing N N 221 
MET CE  HE3  sing N N 222 
MET OXT HXT  sing N N 223 
MSE N   CA   sing N N 224 
MSE N   H    sing N N 225 
MSE N   H2   sing N N 226 
MSE CA  C    sing N N 227 
MSE CA  CB   sing N N 228 
MSE CA  HA   sing N N 229 
MSE C   O    doub N N 230 
MSE C   OXT  sing N N 231 
MSE OXT HXT  sing N N 232 
MSE CB  CG   sing N N 233 
MSE CB  HB2  sing N N 234 
MSE CB  HB3  sing N N 235 
MSE CG  SE   sing N N 236 
MSE CG  HG2  sing N N 237 
MSE CG  HG3  sing N N 238 
MSE SE  CE   sing N N 239 
MSE CE  HE1  sing N N 240 
MSE CE  HE2  sing N N 241 
MSE CE  HE3  sing N N 242 
PHE N   CA   sing N N 243 
PHE N   H    sing N N 244 
PHE N   H2   sing N N 245 
PHE CA  C    sing N N 246 
PHE CA  CB   sing N N 247 
PHE CA  HA   sing N N 248 
PHE C   O    doub N N 249 
PHE C   OXT  sing N N 250 
PHE CB  CG   sing N N 251 
PHE CB  HB2  sing N N 252 
PHE CB  HB3  sing N N 253 
PHE CG  CD1  doub Y N 254 
PHE CG  CD2  sing Y N 255 
PHE CD1 CE1  sing Y N 256 
PHE CD1 HD1  sing N N 257 
PHE CD2 CE2  doub Y N 258 
PHE CD2 HD2  sing N N 259 
PHE CE1 CZ   doub Y N 260 
PHE CE1 HE1  sing N N 261 
PHE CE2 CZ   sing Y N 262 
PHE CE2 HE2  sing N N 263 
PHE CZ  HZ   sing N N 264 
PHE OXT HXT  sing N N 265 
SER N   CA   sing N N 266 
SER N   H    sing N N 267 
SER N   H2   sing N N 268 
SER CA  C    sing N N 269 
SER CA  CB   sing N N 270 
SER CA  HA   sing N N 271 
SER C   O    doub N N 272 
SER C   OXT  sing N N 273 
SER CB  OG   sing N N 274 
SER CB  HB2  sing N N 275 
SER CB  HB3  sing N N 276 
SER OG  HG   sing N N 277 
SER OXT HXT  sing N N 278 
THR N   CA   sing N N 279 
THR N   H    sing N N 280 
THR N   H2   sing N N 281 
THR CA  C    sing N N 282 
THR CA  CB   sing N N 283 
THR CA  HA   sing N N 284 
THR C   O    doub N N 285 
THR C   OXT  sing N N 286 
THR CB  OG1  sing N N 287 
THR CB  CG2  sing N N 288 
THR CB  HB   sing N N 289 
THR OG1 HG1  sing N N 290 
THR CG2 HG21 sing N N 291 
THR CG2 HG22 sing N N 292 
THR CG2 HG23 sing N N 293 
THR OXT HXT  sing N N 294 
TRP N   CA   sing N N 295 
TRP N   H    sing N N 296 
TRP N   H2   sing N N 297 
TRP CA  C    sing N N 298 
TRP CA  CB   sing N N 299 
TRP CA  HA   sing N N 300 
TRP C   O    doub N N 301 
TRP C   OXT  sing N N 302 
TRP CB  CG   sing N N 303 
TRP CB  HB2  sing N N 304 
TRP CB  HB3  sing N N 305 
TRP CG  CD1  doub Y N 306 
TRP CG  CD2  sing Y N 307 
TRP CD1 NE1  sing Y N 308 
TRP CD1 HD1  sing N N 309 
TRP CD2 CE2  doub Y N 310 
TRP CD2 CE3  sing Y N 311 
TRP NE1 CE2  sing Y N 312 
TRP NE1 HE1  sing N N 313 
TRP CE2 CZ2  sing Y N 314 
TRP CE3 CZ3  doub Y N 315 
TRP CE3 HE3  sing N N 316 
TRP CZ2 CH2  doub Y N 317 
TRP CZ2 HZ2  sing N N 318 
TRP CZ3 CH2  sing Y N 319 
TRP CZ3 HZ3  sing N N 320 
TRP CH2 HH2  sing N N 321 
TRP OXT HXT  sing N N 322 
TYR N   CA   sing N N 323 
TYR N   H    sing N N 324 
TYR N   H2   sing N N 325 
TYR CA  C    sing N N 326 
TYR CA  CB   sing N N 327 
TYR CA  HA   sing N N 328 
TYR C   O    doub N N 329 
TYR C   OXT  sing N N 330 
TYR CB  CG   sing N N 331 
TYR CB  HB2  sing N N 332 
TYR CB  HB3  sing N N 333 
TYR CG  CD1  doub Y N 334 
TYR CG  CD2  sing Y N 335 
TYR CD1 CE1  sing Y N 336 
TYR CD1 HD1  sing N N 337 
TYR CD2 CE2  doub Y N 338 
TYR CD2 HD2  sing N N 339 
TYR CE1 CZ   doub Y N 340 
TYR CE1 HE1  sing N N 341 
TYR CE2 CZ   sing Y N 342 
TYR CE2 HE2  sing N N 343 
TYR CZ  OH   sing N N 344 
TYR OH  HH   sing N N 345 
TYR OXT HXT  sing N N 346 
VAL N   CA   sing N N 347 
VAL N   H    sing N N 348 
VAL N   H2   sing N N 349 
VAL CA  C    sing N N 350 
VAL CA  CB   sing N N 351 
VAL CA  HA   sing N N 352 
VAL C   O    doub N N 353 
VAL C   OXT  sing N N 354 
VAL CB  CG1  sing N N 355 
VAL CB  CG2  sing N N 356 
VAL CB  HB   sing N N 357 
VAL CG1 HG11 sing N N 358 
VAL CG1 HG12 sing N N 359 
VAL CG1 HG13 sing N N 360 
VAL CG2 HG21 sing N N 361 
VAL CG2 HG22 sing N N 362 
VAL CG2 HG23 sing N N 363 
VAL OXT HXT  sing N N 364 
# 
_atom_sites.entry_id                    1VMG 
_atom_sites.fract_transf_matrix[1][1]   -0.00449947 
_atom_sites.fract_transf_matrix[1][2]   -0.01092550 
_atom_sites.fract_transf_matrix[1][3]   0.00419698 
_atom_sites.fract_transf_matrix[2][1]   0.01131062 
_atom_sites.fract_transf_matrix[2][2]   -0.00521490 
_atom_sites.fract_transf_matrix[2][3]   -0.00144952 
_atom_sites.fract_transf_matrix[3][1]   0.00250177 
_atom_sites.fract_transf_matrix[3][2]   0.00271563 
_atom_sites.fract_transf_matrix[3][3]   0.00975135 
_atom_sites.fract_transf_vector[1]      0.858241 
_atom_sites.fract_transf_vector[2]      0.094821 
_atom_sites.fract_transf_vector[3]      0.042331 
# 
loop_
_atom_type.symbol 
C  
LI 
N  
O  
SE 
# 
loop_
_atom_site.group_PDB 
_atom_site.id 
_atom_site.type_symbol 
_atom_site.label_atom_id 
_atom_site.label_alt_id 
_atom_site.label_comp_id 
_atom_site.label_asym_id 
_atom_site.label_entity_id 
_atom_site.label_seq_id 
_atom_site.pdbx_PDB_ins_code 
_atom_site.Cartn_x 
_atom_site.Cartn_y 
_atom_site.Cartn_z 
_atom_site.occupancy 
_atom_site.B_iso_or_equiv 
_atom_site.pdbx_formal_charge 
_atom_site.auth_seq_id 
_atom_site.auth_comp_id 
_atom_site.auth_asym_id 
_atom_site.auth_atom_id 
_atom_site.pdbx_PDB_model_num 
HETATM 1   N  N   . MSE A 1 13 ? 15.157  9.465   -10.924 1.00 36.76 ? 1   MSE A N   1 
HETATM 2   C  CA  . MSE A 1 13 ? 13.864  9.576   -11.678 1.00 35.74 ? 1   MSE A CA  1 
HETATM 3   C  C   . MSE A 1 13 ? 12.993  8.321   -11.583 1.00 31.63 ? 1   MSE A C   1 
HETATM 4   O  O   . MSE A 1 13 ? 11.772  8.431   -11.486 1.00 35.94 ? 1   MSE A O   1 
HETATM 5   C  CB  . MSE A 1 13 ? 14.138  9.875   -13.150 1.00 37.49 ? 1   MSE A CB  1 
HETATM 6   SE SE  A MSE A 1 13 ? 12.602  12.854  -13.257 0.35 77.58 ? 1   MSE A SE  1 
HETATM 7   SE SE  B MSE A 1 13 ? 13.363  9.256   -16.186 0.65 79.66 ? 1   MSE A SE  1 
ATOM   8   N  N   . ASP A 1 14 ? 13.608  7.140   -11.661 1.00 25.98 ? 2   ASP A N   1 
ATOM   9   C  CA  . ASP A 1 14 ? 12.858  5.872   -11.603 1.00 20.44 ? 2   ASP A CA  1 
ATOM   10  C  C   . ASP A 1 14 ? 12.718  5.436   -10.152 1.00 17.94 ? 2   ASP A C   1 
ATOM   11  O  O   . ASP A 1 14 ? 13.678  4.993   -9.527  1.00 18.91 ? 2   ASP A O   1 
ATOM   12  C  CB  . ASP A 1 14 ? 13.589  4.776   -12.366 1.00 22.43 ? 2   ASP A CB  1 
ATOM   13  C  CG  . ASP A 1 14 ? 13.717  5.074   -13.852 1.00 21.34 ? 2   ASP A CG  1 
ATOM   14  O  OD1 . ASP A 1 14 ? 12.703  5.386   -14.485 1.00 21.69 ? 2   ASP A OD1 1 
ATOM   15  O  OD2 . ASP A 1 14 ? 14.844  4.985   -14.374 1.00 31.25 ? 2   ASP A OD2 1 
ATOM   16  N  N   . LEU A 1 15 ? 11.513  5.534   -9.615  1.00 14.63 ? 3   LEU A N   1 
ATOM   17  C  CA  . LEU A 1 15 ? 11.302  5.286   -8.211  1.00 14.76 ? 3   LEU A CA  1 
ATOM   18  C  C   . LEU A 1 15 ? 11.598  3.831   -7.866  1.00 14.73 ? 3   LEU A C   1 
ATOM   19  O  O   . LEU A 1 15 ? 11.079  2.909   -8.492  1.00 14.33 ? 3   LEU A O   1 
ATOM   20  C  CB  . LEU A 1 15 ? 9.863   5.605   -7.857  1.00 14.59 ? 3   LEU A CB  1 
ATOM   21  C  CG  . LEU A 1 15 ? 9.468   5.519   -6.384  1.00 18.66 ? 3   LEU A CG  1 
ATOM   22  C  CD1 . LEU A 1 15 ? 10.190  6.547   -5.561  1.00 22.40 ? 3   LEU A CD1 1 
ATOM   23  C  CD2 . LEU A 1 15 ? 7.966   5.701   -6.255  1.00 20.38 ? 3   LEU A CD2 1 
ATOM   24  N  N   . GLU A 1 16 ? 12.433  3.652   -6.841  1.00 14.36 ? 4   GLU A N   1 
ATOM   25  C  CA  . GLU A 1 16 ? 12.742  2.346   -6.308  1.00 15.04 ? 4   GLU A CA  1 
ATOM   26  C  C   . GLU A 1 16 ? 11.734  1.917   -5.246  1.00 14.16 ? 4   GLU A C   1 
ATOM   27  O  O   . GLU A 1 16 ? 11.191  2.745   -4.515  1.00 13.96 ? 4   GLU A O   1 
ATOM   28  C  CB  . GLU A 1 16 ? 14.142  2.376   -5.712  1.00 15.09 ? 4   GLU A CB  1 
ATOM   29  C  CG  . GLU A 1 16 ? 15.212  2.614   -6.772  1.00 16.83 ? 4   GLU A CG  1 
ATOM   30  C  CD  . GLU A 1 16 ? 16.559  3.086   -6.229  1.00 22.72 ? 4   GLU A CD  1 
ATOM   31  O  OE1 . GLU A 1 16 ? 16.670  3.429   -5.034  1.00 28.22 ? 4   GLU A OE1 1 
ATOM   32  O  OE2 . GLU A 1 16 ? 17.520  3.110   -7.033  1.00 25.16 ? 4   GLU A OE2 1 
ATOM   33  N  N   . LEU A 1 17 ? 11.486  0.617   -5.153  1.00 13.94 ? 5   LEU A N   1 
ATOM   34  C  CA  . LEU A 1 17 ? 10.642  0.090   -4.083  1.00 13.62 ? 5   LEU A CA  1 
ATOM   35  C  C   . LEU A 1 17 ? 11.103  0.547   -2.697  1.00 13.28 ? 5   LEU A C   1 
ATOM   36  O  O   . LEU A 1 17 ? 10.287  0.912   -1.858  1.00 13.09 ? 5   LEU A O   1 
ATOM   37  C  CB  A LEU A 1 17 ? 10.610  -1.440  -4.111  0.65 15.84 ? 5   LEU A CB  1 
ATOM   38  C  CB  B LEU A 1 17 ? 10.597  -1.447  -4.121  0.35 14.62 ? 5   LEU A CB  1 
ATOM   39  C  CG  A LEU A 1 17 ? 9.772   -2.105  -5.190  0.65 20.21 ? 5   LEU A CG  1 
ATOM   40  C  CG  B LEU A 1 17 ? 9.548   -2.132  -5.002  0.35 16.90 ? 5   LEU A CG  1 
ATOM   41  C  CD1 A LEU A 1 17 ? 9.982   -3.603  -5.112  0.65 21.43 ? 5   LEU A CD1 1 
ATOM   42  C  CD1 B LEU A 1 17 ? 8.148   -1.826  -4.476  0.35 15.69 ? 5   LEU A CD1 1 
ATOM   43  C  CD2 A LEU A 1 17 ? 8.310   -1.769  -4.974  0.65 25.02 ? 5   LEU A CD2 1 
ATOM   44  C  CD2 B LEU A 1 17 ? 9.695   -1.757  -6.470  0.35 15.84 ? 5   LEU A CD2 1 
ATOM   45  N  N   . LYS A 1 18 ? 12.409  0.526   -2.473  1.00 13.55 ? 6   LYS A N   1 
ATOM   46  C  CA  . LYS A 1 18 ? 12.922  0.903   -1.164  1.00 14.29 ? 6   LYS A CA  1 
ATOM   47  C  C   . LYS A 1 18 ? 12.609  2.354   -0.836  1.00 14.50 ? 6   LYS A C   1 
ATOM   48  O  O   . LYS A 1 18 ? 12.358  2.682   0.321   1.00 14.08 ? 6   LYS A O   1 
ATOM   49  C  CB  . LYS A 1 18 ? 14.421  0.612   -1.033  1.00 15.16 ? 6   LYS A CB  1 
ATOM   50  C  CG  . LYS A 1 18 ? 15.344  1.520   -1.772  1.00 16.97 ? 6   LYS A CG  1 
ATOM   51  C  CD  . LYS A 1 18 ? 16.810  1.176   -1.450  1.00 18.08 ? 6   LYS A CD  1 
ATOM   52  C  CE  . LYS A 1 18 ? 17.771  2.166   -2.047  1.00 24.38 ? 6   LYS A CE  1 
ATOM   53  N  NZ  . LYS A 1 18 ? 19.176  1.709   -1.820  1.00 23.84 ? 6   LYS A NZ  1 
ATOM   54  N  N   . GLU A 1 19 ? 12.609  3.200   -1.857  1.00 12.45 ? 7   GLU A N   1 
ATOM   55  C  CA  . GLU A 1 19 ? 12.298  4.615   -1.673  1.00 12.59 ? 7   GLU A CA  1 
ATOM   56  C  C   . GLU A 1 19 ? 10.814  4.827   -1.447  1.00 13.01 ? 7   GLU A C   1 
ATOM   57  O  O   . GLU A 1 19 ? 10.411  5.627   -0.582  1.00 13.73 ? 7   GLU A O   1 
ATOM   58  C  CB  A GLU A 1 19 ? 12.771  5.413   -2.887  0.65 13.48 ? 7   GLU A CB  1 
ATOM   59  C  CB  B GLU A 1 19 ? 12.768  5.456   -2.860  0.35 13.22 ? 7   GLU A CB  1 
ATOM   60  C  CG  A GLU A 1 19 ? 14.275  5.392   -3.088  0.65 17.97 ? 7   GLU A CG  1 
ATOM   61  C  CG  B GLU A 1 19 ? 12.603  6.963   -2.638  0.35 15.78 ? 7   GLU A CG  1 
ATOM   62  N  N   . LEU A 1 20 ? 9.987   4.122   -2.215  1.00 12.67 ? 8   LEU A N   1 
ATOM   63  C  CA  . LEU A 1 20 ? 8.557   4.130   -1.963  1.00 13.48 ? 8   LEU A CA  1 
ATOM   64  C  C   . LEU A 1 20 ? 8.282   3.790   -0.500  1.00 13.52 ? 8   LEU A C   1 
ATOM   65  O  O   . LEU A 1 20 ? 7.555   4.485   0.190   1.00 12.57 ? 8   LEU A O   1 
ATOM   66  C  CB  . LEU A 1 20 ? 7.873   3.127   -2.867  1.00 14.01 ? 8   LEU A CB  1 
ATOM   67  C  CG  . LEU A 1 20 ? 6.390   2.935   -2.600  1.00 12.71 ? 8   LEU A CG  1 
ATOM   68  C  CD1 . LEU A 1 20 ? 5.595   4.201   -2.841  1.00 16.64 ? 8   LEU A CD1 1 
ATOM   69  C  CD2 . LEU A 1 20 ? 5.863   1.780   -3.427  1.00 14.75 ? 8   LEU A CD2 1 
ATOM   70  N  N   . GLN A 1 21 ? 8.874   2.700   -0.035  1.00 11.96 ? 9   GLN A N   1 
ATOM   71  C  CA  . GLN A 1 21 ? 8.627   2.254   1.319   1.00 10.94 ? 9   GLN A CA  1 
ATOM   72  C  C   . GLN A 1 21 ? 9.115   3.243   2.383   1.00 11.22 ? 9   GLN A C   1 
ATOM   73  O  O   . GLN A 1 21 ? 8.401   3.529   3.341   1.00 12.26 ? 9   GLN A O   1 
ATOM   74  C  CB  . GLN A 1 21 ? 9.216   0.850   1.531   1.00 12.76 ? 9   GLN A CB  1 
ATOM   75  C  CG  . GLN A 1 21 ? 8.890   0.291   2.890   1.00 13.57 ? 9   GLN A CG  1 
ATOM   76  C  CD  . GLN A 1 21 ? 9.095   -1.196  3.029   1.00 12.67 ? 9   GLN A CD  1 
ATOM   77  O  OE1 . GLN A 1 21 ? 9.603   -1.881  2.132   1.00 14.43 ? 9   GLN A OE1 1 
ATOM   78  N  NE2 . GLN A 1 21 ? 8.689   -1.712  4.185   1.00 12.96 ? 9   GLN A NE2 1 
ATOM   79  N  N   . SER A 1 22 ? 10.329  3.754   2.236   1.00 10.22 ? 10  SER A N   1 
ATOM   80  C  CA  . SER A 1 22 ? 10.893  4.669   3.227   1.00 11.28 ? 10  SER A CA  1 
ATOM   81  C  C   . SER A 1 22 ? 10.153  5.994   3.245   1.00 12.73 ? 10  SER A C   1 
ATOM   82  O  O   . SER A 1 22 ? 9.905   6.540   4.316   1.00 14.06 ? 10  SER A O   1 
ATOM   83  C  CB  A SER A 1 22 ? 12.388  4.854   2.996   0.85 13.90 ? 10  SER A CB  1 
ATOM   84  C  CB  B SER A 1 22 ? 12.381  4.911   2.957   0.15 11.57 ? 10  SER A CB  1 
ATOM   85  O  OG  A SER A 1 22 ? 12.659  5.487   1.763   0.85 18.36 ? 10  SER A OG  1 
ATOM   86  O  OG  B SER A 1 22 ? 12.903  5.924   3.806   0.15 8.70  ? 10  SER A OG  1 
ATOM   87  N  N   . LYS A 1 23 ? 9.779   6.511   2.084   1.00 12.58 ? 11  LYS A N   1 
ATOM   88  C  CA  . LYS A 1 23 ? 9.041   7.784   2.013   1.00 14.38 ? 11  LYS A CA  1 
ATOM   89  C  C   . LYS A 1 23 ? 7.638   7.652   2.616   1.00 13.90 ? 11  LYS A C   1 
ATOM   90  O  O   . LYS A 1 23 ? 7.168   8.526   3.364   1.00 15.37 ? 11  LYS A O   1 
ATOM   91  C  CB  A LYS A 1 23 ? 8.964   8.297   0.576   0.65 14.79 ? 11  LYS A CB  1 
ATOM   92  C  CB  B LYS A 1 23 ? 8.972   8.255   0.560   0.35 14.37 ? 11  LYS A CB  1 
ATOM   93  C  CG  A LYS A 1 23 ? 10.290  8.748   -0.001  0.65 18.69 ? 11  LYS A CG  1 
ATOM   94  C  CG  B LYS A 1 23 ? 8.382   9.629   0.368   0.35 16.17 ? 11  LYS A CG  1 
ATOM   95  C  CD  A LYS A 1 23 ? 10.137  9.120   -1.475  0.65 20.49 ? 11  LYS A CD  1 
ATOM   96  C  CE  A LYS A 1 23 ? 11.445  9.647   -2.036  0.65 28.37 ? 11  LYS A CE  1 
ATOM   97  N  NZ  A LYS A 1 23 ? 11.187  10.467  -3.231  0.65 34.90 ? 11  LYS A NZ  1 
HETATM 98  N  N   . MSE A 1 24 ? 6.966   6.551   2.317   1.00 14.07 ? 12  MSE A N   1 
HETATM 99  C  CA  . MSE A 1 24 ? 5.672   6.307   2.943   1.00 13.89 ? 12  MSE A CA  1 
HETATM 100 C  C   . MSE A 1 24 ? 5.781   6.184   4.467   1.00 14.78 ? 12  MSE A C   1 
HETATM 101 O  O   . MSE A 1 24 ? 4.937   6.715   5.180   1.00 13.80 ? 12  MSE A O   1 
HETATM 102 C  CB  A MSE A 1 24 ? 4.994   5.116   2.296   0.25 14.27 ? 12  MSE A CB  1 
HETATM 103 C  CB  B MSE A 1 24 ? 4.963   5.094   2.319   0.25 15.76 ? 12  MSE A CB  1 
HETATM 104 C  CB  C MSE A 1 24 ? 5.045   5.013   2.379   0.50 14.50 ? 12  MSE A CB  1 
HETATM 105 C  CG  A MSE A 1 24 ? 4.643   5.450   0.865   0.25 12.20 ? 12  MSE A CG  1 
HETATM 106 C  CG  B MSE A 1 24 ? 4.616   5.244   0.813   0.25 17.88 ? 12  MSE A CG  1 
HETATM 107 C  CG  C MSE A 1 24 ? 4.567   5.115   0.936   0.50 16.28 ? 12  MSE A CG  1 
HETATM 108 SE SE  A MSE A 1 24 ? 3.270   4.347   0.216   0.25 18.91 ? 12  MSE A SE  1 
HETATM 109 SE SE  B MSE A 1 24 ? 3.627   6.854   0.226   0.25 30.67 ? 12  MSE A SE  1 
HETATM 110 SE SE  C MSE A 1 24 ? 2.739   5.776   0.833   0.50 24.01 ? 12  MSE A SE  1 
HETATM 111 C  CE  A MSE A 1 24 ? 2.691   5.473   -1.224  0.25 13.50 ? 12  MSE A CE  1 
HETATM 112 C  CE  B MSE A 1 24 ? 2.786   6.093   -1.340  0.25 24.78 ? 12  MSE A CE  1 
HETATM 113 C  CE  C MSE A 1 24 ? 2.550   5.842   -1.091  0.50 15.71 ? 12  MSE A CE  1 
ATOM   114 N  N   . LYS A 1 25 ? 6.827   5.537   4.967   1.00 13.20 ? 13  LYS A N   1 
ATOM   115 C  CA  . LYS A 1 25 ? 7.020   5.440   6.416   1.00 12.49 ? 13  LYS A CA  1 
ATOM   116 C  C   . LYS A 1 25 ? 7.161   6.824   7.032   1.00 13.94 ? 13  LYS A C   1 
ATOM   117 O  O   . LYS A 1 25 ? 6.523   7.133   8.033   1.00 14.30 ? 13  LYS A O   1 
ATOM   118 C  CB  . LYS A 1 25 ? 8.231   4.574   6.759   1.00 12.10 ? 13  LYS A CB  1 
ATOM   119 C  CG  . LYS A 1 25 ? 8.243   4.114   8.215   1.00 14.44 ? 13  LYS A CG  1 
ATOM   120 C  CD  . LYS A 1 25 ? 9.392   3.166   8.561   1.00 15.35 ? 13  LYS A CD  1 
ATOM   121 C  CE  . LYS A 1 25 ? 9.337   2.782   10.029  1.00 15.80 ? 13  LYS A CE  1 
ATOM   122 N  NZ  . LYS A 1 25 ? 10.287  1.680   10.421  1.00 15.76 ? 13  LYS A NZ  1 
ATOM   123 N  N   . GLU A 1 26 ? 7.950   7.675   6.398   1.00 14.34 ? 14  GLU A N   1 
ATOM   124 C  CA  . GLU A 1 26 ? 8.135   9.028   6.908   1.00 14.28 ? 14  GLU A CA  1 
ATOM   125 C  C   . GLU A 1 26 ? 6.815   9.775   6.966   1.00 16.08 ? 14  GLU A C   1 
ATOM   126 O  O   . GLU A 1 26 ? 6.558   10.498  7.926   1.00 17.08 ? 14  GLU A O   1 
ATOM   127 C  CB  . GLU A 1 26 ? 9.126   9.789   6.038   1.00 17.04 ? 14  GLU A CB  1 
ATOM   128 C  CG  . GLU A 1 26 ? 10.518  9.237   6.155   1.00 23.30 ? 14  GLU A CG  1 
ATOM   129 C  CD  . GLU A 1 26 ? 11.553  10.035  5.391   1.00 39.38 ? 14  GLU A CD  1 
ATOM   130 O  OE1 . GLU A 1 26 ? 11.167  10.913  4.583   1.00 41.38 ? 14  GLU A OE1 1 
ATOM   131 O  OE2 . GLU A 1 26 ? 12.760  9.755   5.608   1.00 42.73 ? 14  GLU A OE2 1 
HETATM 132 N  N   . MSE A 1 27 ? 5.964   9.597   5.970   1.00 16.15 ? 15  MSE A N   1 
HETATM 133 C  CA  . MSE A 1 27 ? 4.702   10.326  5.936   1.00 18.49 ? 15  MSE A CA  1 
HETATM 134 C  C   . MSE A 1 27 ? 3.631   9.794   6.862   1.00 17.11 ? 15  MSE A C   1 
HETATM 135 O  O   . MSE A 1 27 ? 2.869   10.590  7.431   1.00 18.05 ? 15  MSE A O   1 
HETATM 136 C  CB  . MSE A 1 27 ? 4.174   10.376  4.512   1.00 19.24 ? 15  MSE A CB  1 
HETATM 137 C  CG  . MSE A 1 27 ? 5.080   11.199  3.650   1.00 21.18 ? 15  MSE A CG  1 
HETATM 138 SE SE  . MSE A 1 27 ? 4.316   11.563  1.860   1.00 42.56 ? 15  MSE A SE  1 
HETATM 139 C  CE  . MSE A 1 27 ? 4.551   9.890   1.262   1.00 17.98 ? 15  MSE A CE  1 
ATOM   140 N  N   . TYR A 1 28 ? 3.530   8.473   6.996   1.00 14.77 ? 16  TYR A N   1 
ATOM   141 C  CA  . TYR A 1 28 ? 2.333   7.858   7.544   1.00 14.15 ? 16  TYR A CA  1 
ATOM   142 C  C   . TYR A 1 28 ? 2.526   6.946   8.752   1.00 14.28 ? 16  TYR A C   1 
ATOM   143 O  O   . TYR A 1 28 ? 1.551   6.567   9.398   1.00 15.65 ? 16  TYR A O   1 
ATOM   144 C  CB  . TYR A 1 28 ? 1.632   7.074   6.438   1.00 13.86 ? 16  TYR A CB  1 
ATOM   145 C  CG  . TYR A 1 28 ? 1.225   7.951   5.275   1.00 15.54 ? 16  TYR A CG  1 
ATOM   146 C  CD1 . TYR A 1 28 ? 0.422   9.070   5.472   1.00 17.88 ? 16  TYR A CD1 1 
ATOM   147 C  CD2 . TYR A 1 28 ? 1.638   7.653   3.981   1.00 16.35 ? 16  TYR A CD2 1 
ATOM   148 C  CE1 . TYR A 1 28 ? 0.058   9.889   4.416   1.00 18.42 ? 16  TYR A CE1 1 
ATOM   149 C  CE2 . TYR A 1 28 ? 1.264   8.456   2.906   1.00 18.95 ? 16  TYR A CE2 1 
ATOM   150 C  CZ  . TYR A 1 28 ? 0.467   9.570   3.132   1.00 18.56 ? 16  TYR A CZ  1 
ATOM   151 O  OH  . TYR A 1 28 ? 0.094   10.406  2.095   1.00 20.31 ? 16  TYR A OH  1 
ATOM   152 N  N   . PHE A 1 29 ? 3.763   6.582   9.074   1.00 15.47 ? 17  PHE A N   1 
ATOM   153 C  CA  . PHE A 1 29 ? 3.977   5.560   10.100  1.00 14.87 ? 17  PHE A CA  1 
ATOM   154 C  C   . PHE A 1 29 ? 3.457   5.970   11.486  1.00 14.06 ? 17  PHE A C   1 
ATOM   155 O  O   . PHE A 1 29 ? 2.916   5.142   12.222  1.00 17.14 ? 17  PHE A O   1 
ATOM   156 C  CB  . PHE A 1 29 ? 5.456   5.215   10.158  1.00 14.72 ? 17  PHE A CB  1 
ATOM   157 C  CG  . PHE A 1 29 ? 5.786   4.074   11.069  1.00 15.06 ? 17  PHE A CG  1 
ATOM   158 C  CD1 . PHE A 1 29 ? 5.476   2.771   10.719  1.00 14.58 ? 17  PHE A CD1 1 
ATOM   159 C  CD2 . PHE A 1 29 ? 6.438   4.297   12.268  1.00 20.23 ? 17  PHE A CD2 1 
ATOM   160 C  CE1 . PHE A 1 29 ? 5.822   1.723   11.544  1.00 18.46 ? 17  PHE A CE1 1 
ATOM   161 C  CE2 . PHE A 1 29 ? 6.772   3.242   13.097  1.00 23.03 ? 17  PHE A CE2 1 
ATOM   162 C  CZ  . PHE A 1 29 ? 6.458   1.953   12.721  1.00 19.81 ? 17  PHE A CZ  1 
ATOM   163 N  N   . GLU A 1 30 ? 3.603   7.240   11.829  1.00 16.92 ? 18  GLU A N   1 
ATOM   164 C  CA  . GLU A 1 30 ? 3.152   7.713   13.148  1.00 19.29 ? 18  GLU A CA  1 
ATOM   165 C  C   . GLU A 1 30 ? 1.642   7.519   13.301  1.00 18.72 ? 18  GLU A C   1 
ATOM   166 O  O   . GLU A 1 30 ? 1.152   6.936   14.282  1.00 17.83 ? 18  GLU A O   1 
ATOM   167 C  CB  . GLU A 1 30 ? 3.544   9.178   13.336  1.00 20.80 ? 18  GLU A CB  1 
ATOM   168 C  CG  . GLU A 1 30 ? 3.294   9.747   14.746  1.00 29.18 ? 18  GLU A CG  1 
ATOM   169 N  N   . LYS A 1 31 ? 0.896   7.976   12.302  1.00 17.57 ? 19  LYS A N   1 
ATOM   170 C  CA  . LYS A 1 31 ? -0.549  7.802   12.301  1.00 18.46 ? 19  LYS A CA  1 
ATOM   171 C  C   . LYS A 1 31 ? -0.955  6.325   12.266  1.00 18.62 ? 19  LYS A C   1 
ATOM   172 O  O   . LYS A 1 31 ? -1.857  5.897   12.994  1.00 18.03 ? 19  LYS A O   1 
ATOM   173 C  CB  . LYS A 1 31 ? -1.160  8.558   11.130  1.00 22.50 ? 19  LYS A CB  1 
ATOM   174 C  CG  . LYS A 1 31 ? -2.658  8.734   11.210  1.00 30.14 ? 19  LYS A CG  1 
ATOM   175 N  N   . ASP A 1 32 ? -0.294  5.526   11.423  1.00 14.55 ? 20  ASP A N   1 
ATOM   176 C  CA  . ASP A 1 32 ? -0.646  4.113   11.303  1.00 15.11 ? 20  ASP A CA  1 
ATOM   177 C  C   . ASP A 1 32 ? -0.364  3.359   12.604  1.00 13.45 ? 20  ASP A C   1 
ATOM   178 O  O   . ASP A 1 32 ? -1.133  2.490   13.023  1.00 14.62 ? 20  ASP A O   1 
ATOM   179 C  CB  . ASP A 1 32 ? 0.158   3.454   10.172  1.00 14.74 ? 20  ASP A CB  1 
ATOM   180 C  CG  . ASP A 1 32 ? -0.197  3.974   8.786   1.00 16.09 ? 20  ASP A CG  1 
ATOM   181 O  OD1 . ASP A 1 32 ? -1.282  4.553   8.603   1.00 15.53 ? 20  ASP A OD1 1 
ATOM   182 O  OD2 . ASP A 1 32 ? 0.645   3.777   7.884   1.00 17.00 ? 20  ASP A OD2 1 
ATOM   183 N  N   . SER A 1 33 ? 0.769   3.701   13.217  1.00 14.69 ? 21  SER A N   1 
ATOM   184 C  CA  . SER A 1 33 ? 1.155   3.142   14.536  1.00 16.81 ? 21  SER A CA  1 
ATOM   185 C  C   . SER A 1 33 ? 0.123   3.444   15.604  1.00 17.06 ? 21  SER A C   1 
ATOM   186 O  O   . SER A 1 33 ? -0.259  2.562   16.379  1.00 18.39 ? 21  SER A O   1 
ATOM   187 C  CB  . SER A 1 33 ? 2.506   3.673   14.993  1.00 18.84 ? 21  SER A CB  1 
ATOM   188 O  OG  . SER A 1 33 ? 3.517   3.234   14.122  1.00 21.48 ? 21  SER A OG  1 
ATOM   189 N  N   . GLN A 1 34 ? -0.362  4.680   15.605  1.00 15.72 ? 22  GLN A N   1 
ATOM   190 C  CA  . GLN A 1 34 ? -1.377  5.111   16.576  1.00 15.97 ? 22  GLN A CA  1 
ATOM   191 C  C   . GLN A 1 34 ? -2.673  4.329   16.430  1.00 17.24 ? 22  GLN A C   1 
ATOM   192 O  O   . GLN A 1 34 ? -3.312  3.975   17.414  1.00 18.57 ? 22  GLN A O   1 
ATOM   193 C  CB  . GLN A 1 34 ? -1.676  6.605   16.417  1.00 17.58 ? 22  GLN A CB  1 
ATOM   194 C  CG  . GLN A 1 34 ? -0.577  7.509   16.961  1.00 25.18 ? 22  GLN A CG  1 
ATOM   195 N  N   . ARG A 1 35 ? -3.071  4.038   15.210  1.00 15.93 ? 23  ARG A N   1 
ATOM   196 C  CA  . ARG A 1 35 ? -4.351  3.365   15.025  1.00 16.61 ? 23  ARG A CA  1 
ATOM   197 C  C   . ARG A 1 35 ? -4.273  1.858   15.198  1.00 17.02 ? 23  ARG A C   1 
ATOM   198 O  O   . ARG A 1 35 ? -5.283  1.221   15.523  1.00 19.09 ? 23  ARG A O   1 
ATOM   199 C  CB  . ARG A 1 35 ? -4.984  3.759   13.700  1.00 21.23 ? 23  ARG A CB  1 
ATOM   200 C  CG  . ARG A 1 35 ? -4.782  2.830   12.588  1.00 26.62 ? 23  ARG A CG  1 
ATOM   201 C  CD  . ARG A 1 35 ? -5.759  3.179   11.483  1.00 24.42 ? 23  ARG A CD  1 
ATOM   202 N  NE  . ARG A 1 35 ? -5.486  4.501   10.930  1.00 24.12 ? 23  ARG A NE  1 
ATOM   203 C  CZ  . ARG A 1 35 ? -4.477  4.768   10.111  1.00 21.48 ? 23  ARG A CZ  1 
ATOM   204 N  NH1 . ARG A 1 35 ? -3.652  3.805   9.736   1.00 14.83 ? 23  ARG A NH1 1 
ATOM   205 N  NH2 . ARG A 1 35 ? -4.303  5.999   9.647   1.00 21.14 ? 23  ARG A NH2 1 
ATOM   206 N  N   . GLY A 1 36 ? -3.101  1.287   14.963  1.00 15.58 ? 24  GLY A N   1 
ATOM   207 C  CA  . GLY A 1 36 ? -2.892  -0.130  15.161  1.00 16.74 ? 24  GLY A CA  1 
ATOM   208 C  C   . GLY A 1 36 ? -3.074  -0.950  13.899  1.00 14.97 ? 24  GLY A C   1 
ATOM   209 O  O   . GLY A 1 36 ? -3.599  -0.487  12.881  1.00 14.70 ? 24  GLY A O   1 
ATOM   210 N  N   . ILE A 1 37 ? -2.632  -2.194  13.984  1.00 13.25 ? 25  ILE A N   1 
ATOM   211 C  CA  . ILE A 1 37 ? -2.534  -3.054  12.829  1.00 11.56 ? 25  ILE A CA  1 
ATOM   212 C  C   . ILE A 1 37 ? -3.915  -3.432  12.234  1.00 11.48 ? 25  ILE A C   1 
ATOM   213 O  O   . ILE A 1 37 ? -4.084  -3.390  11.013  1.00 12.02 ? 25  ILE A O   1 
ATOM   214 C  CB  . ILE A 1 37 ? -1.667  -4.314  13.126  1.00 12.52 ? 25  ILE A CB  1 
ATOM   215 C  CG1 . ILE A 1 37 ? -1.455  -5.114  11.848  1.00 13.87 ? 25  ILE A CG1 1 
ATOM   216 C  CG2 . ILE A 1 37 ? -2.268  -5.205  14.205  1.00 14.70 ? 25  ILE A CG2 1 
ATOM   217 C  CD1 . ILE A 1 37 ? -0.617  -4.386  10.802  1.00 16.90 ? 25  ILE A CD1 1 
ATOM   218 N  N   . TYR A 1 38 ? -4.885  -3.786  13.076  1.00 10.98 ? 26  TYR A N   1 
ATOM   219 C  CA  . TYR A 1 38 ? -6.166  -4.242  12.514  1.00 10.76 ? 26  TYR A CA  1 
ATOM   220 C  C   . TYR A 1 38 ? -6.989  -3.100  11.922  1.00 11.20 ? 26  TYR A C   1 
ATOM   221 O  O   . TYR A 1 38 ? -7.621  -3.286  10.885  1.00 11.83 ? 26  TYR A O   1 
ATOM   222 C  CB  . TYR A 1 38 ? -6.961  -5.098  13.500  1.00 12.01 ? 26  TYR A CB  1 
ATOM   223 C  CG  . TYR A 1 38 ? -6.232  -6.356  13.889  1.00 11.91 ? 26  TYR A CG  1 
ATOM   224 C  CD1 . TYR A 1 38 ? -5.924  -7.326  12.941  1.00 13.34 ? 26  TYR A CD1 1 
ATOM   225 C  CD2 . TYR A 1 38 ? -5.801  -6.557  15.186  1.00 14.25 ? 26  TYR A CD2 1 
ATOM   226 C  CE1 . TYR A 1 38 ? -5.224  -8.458  13.269  1.00 14.11 ? 26  TYR A CE1 1 
ATOM   227 C  CE2 . TYR A 1 38 ? -5.093  -7.700  15.529  1.00 15.46 ? 26  TYR A CE2 1 
ATOM   228 C  CZ  . TYR A 1 38 ? -4.815  -8.642  14.567  1.00 16.49 ? 26  TYR A CZ  1 
ATOM   229 O  OH  . TYR A 1 38 ? -4.097  -9.778  14.913  1.00 20.64 ? 26  TYR A OH  1 
ATOM   230 N  N   . ALA A 1 39 ? -6.943  -1.919  12.522  1.00 11.89 ? 27  ALA A N   1 
ATOM   231 C  CA  . ALA A 1 39 ? -7.622  -0.766  11.925  1.00 11.36 ? 27  ALA A CA  1 
ATOM   232 C  C   . ALA A 1 39 ? -6.903  -0.346  10.648  1.00 10.99 ? 27  ALA A C   1 
ATOM   233 O  O   . ALA A 1 39 ? -7.536  0.069   9.680   1.00 12.13 ? 27  ALA A O   1 
ATOM   234 C  CB  . ALA A 1 39 ? -7.687  0.393   12.892  1.00 12.23 ? 27  ALA A CB  1 
ATOM   235 N  N   . THR A 1 40 ? -5.568  -0.460  10.611  1.00 12.02 ? 28  THR A N   1 
ATOM   236 C  CA  . THR A 1 40 ? -4.824  -0.165  9.379   1.00 11.32 ? 28  THR A CA  1 
ATOM   237 C  C   . THR A 1 40 ? -5.191  -1.165  8.265   1.00 11.02 ? 28  THR A C   1 
ATOM   238 O  O   . THR A 1 40 ? -5.416  -0.753  7.124   1.00 11.11 ? 28  THR A O   1 
ATOM   239 C  CB  . THR A 1 40 ? -3.302  -0.108  9.665   1.00 12.57 ? 28  THR A CB  1 
ATOM   240 O  OG1 . THR A 1 40 ? -3.036  0.965   10.586  1.00 12.70 ? 28  THR A OG1 1 
ATOM   241 C  CG2 . THR A 1 40 ? -2.508  0.117   8.414   1.00 13.74 ? 28  THR A CG2 1 
ATOM   242 N  N   . PHE A 1 41 ? -5.300  -2.452  8.604   1.00 11.44 ? 29  PHE A N   1 
ATOM   243 C  CA  . PHE A 1 41 ? -5.769  -3.439  7.643   1.00 11.03 ? 29  PHE A CA  1 
ATOM   244 C  C   . PHE A 1 41 ? -7.199  -3.125  7.166   1.00 10.65 ? 29  PHE A C   1 
ATOM   245 O  O   . PHE A 1 41 ? -7.527  -3.291  5.995   1.00 10.63 ? 29  PHE A O   1 
ATOM   246 C  CB  . PHE A 1 41 ? -5.708  -4.845  8.237   1.00 10.62 ? 29  PHE A CB  1 
ATOM   247 C  CG  . PHE A 1 41 ? -6.117  -5.905  7.269   1.00 10.38 ? 29  PHE A CG  1 
ATOM   248 C  CD1 . PHE A 1 41 ? -5.289  -6.260  6.217   1.00 11.04 ? 29  PHE A CD1 1 
ATOM   249 C  CD2 . PHE A 1 41 ? -7.345  -6.525  7.390   1.00 13.05 ? 29  PHE A CD2 1 
ATOM   250 C  CE1 . PHE A 1 41 ? -5.683  -7.207  5.321   1.00 11.14 ? 29  PHE A CE1 1 
ATOM   251 C  CE2 . PHE A 1 41 ? -7.743  -7.484  6.485   1.00 12.70 ? 29  PHE A CE2 1 
ATOM   252 C  CZ  . PHE A 1 41 ? -6.911  -7.820  5.437   1.00 12.58 ? 29  PHE A CZ  1 
ATOM   253 N  N   . THR A 1 42 ? -8.036  -2.653  8.083   1.00 10.21 ? 30  THR A N   1 
ATOM   254 C  CA  . THR A 1 42 ? -9.410  -2.269  7.725   1.00 9.61  ? 30  THR A CA  1 
ATOM   255 C  C   . THR A 1 42 ? -9.400  -1.131  6.695   1.00 9.79  ? 30  THR A C   1 
ATOM   256 O  O   . THR A 1 42 ? -10.202 -1.146  5.752   1.00 10.96 ? 30  THR A O   1 
ATOM   257 C  CB  . THR A 1 42 ? -10.209 -1.939  8.993   1.00 10.44 ? 30  THR A CB  1 
ATOM   258 O  OG1 . THR A 1 42 ? -10.246 -3.097  9.831   1.00 11.21 ? 30  THR A OG1 1 
ATOM   259 C  CG2 . THR A 1 42 ? -11.626 -1.505  8.685   1.00 11.16 ? 30  THR A CG2 1 
ATOM   260 N  N   . TRP A 1 43 ? -8.488  -0.147  6.842   1.00 11.69 ? 31  TRP A N   1 
ATOM   261 C  CA  . TRP A 1 43 ? -8.317  0.858   5.787   1.00 11.53 ? 31  TRP A CA  1 
ATOM   262 C  C   . TRP A 1 43 ? -7.874  0.260   4.453   1.00 11.03 ? 31  TRP A C   1 
ATOM   263 O  O   . TRP A 1 43 ? -8.376  0.670   3.399   1.00 11.44 ? 31  TRP A O   1 
ATOM   264 C  CB  . TRP A 1 43 ? -7.287  1.920   6.214   1.00 13.16 ? 31  TRP A CB  1 
ATOM   265 C  CG  . TRP A 1 43 ? -7.826  3.074   6.932   1.00 15.70 ? 31  TRP A CG  1 
ATOM   266 C  CD1 . TRP A 1 43 ? -7.764  3.306   8.268   1.00 15.83 ? 31  TRP A CD1 1 
ATOM   267 C  CD2 . TRP A 1 43 ? -8.457  4.212   6.351   1.00 17.30 ? 31  TRP A CD2 1 
ATOM   268 N  NE1 . TRP A 1 43 ? -8.346  4.521   8.568   1.00 15.91 ? 31  TRP A NE1 1 
ATOM   269 C  CE2 . TRP A 1 43 ? -8.773  5.094   7.404   1.00 18.36 ? 31  TRP A CE2 1 
ATOM   270 C  CE3 . TRP A 1 43 ? -8.785  4.573   5.036   1.00 20.40 ? 31  TRP A CE3 1 
ATOM   271 C  CZ2 . TRP A 1 43 ? -9.410  6.324   7.187   1.00 24.77 ? 31  TRP A CZ2 1 
ATOM   272 C  CZ3 . TRP A 1 43 ? -9.414  5.780   4.818   1.00 24.62 ? 31  TRP A CZ3 1 
ATOM   273 C  CH2 . TRP A 1 43 ? -9.720  6.647   5.892   1.00 24.10 ? 31  TRP A CH2 1 
ATOM   274 N  N   . LEU A 1 44 ? -6.927  -0.680  4.479   1.00 10.57 ? 32  LEU A N   1 
ATOM   275 C  CA  . LEU A 1 44 ? -6.545  -1.369  3.241   1.00 11.08 ? 32  LEU A CA  1 
ATOM   276 C  C   . LEU A 1 44 ? -7.786  -1.948  2.555   1.00 10.79 ? 32  LEU A C   1 
ATOM   277 O  O   . LEU A 1 44 ? -7.984  -1.779  1.354   1.00 12.24 ? 32  LEU A O   1 
ATOM   278 C  CB  . LEU A 1 44 ? -5.508  -2.476  3.515   1.00 11.39 ? 32  LEU A CB  1 
ATOM   279 C  CG  . LEU A 1 44 ? -5.215  -3.390  2.327   1.00 11.35 ? 32  LEU A CG  1 
ATOM   280 C  CD1 . LEU A 1 44 ? -4.688  -2.616  1.137   1.00 12.68 ? 32  LEU A CD1 1 
ATOM   281 C  CD2 . LEU A 1 44 ? -4.203  -4.456  2.726   1.00 14.34 ? 32  LEU A CD2 1 
ATOM   282 N  N   . VAL A 1 45 ? -8.624  -2.627  3.346   1.00 10.81 ? 33  VAL A N   1 
ATOM   283 C  CA  . VAL A 1 45 ? -9.818  -3.261  2.806   1.00 10.98 ? 33  VAL A CA  1 
ATOM   284 C  C   . VAL A 1 45 ? -10.782 -2.233  2.249   1.00 10.06 ? 33  VAL A C   1 
ATOM   285 O  O   . VAL A 1 45 ? -11.390 -2.422  1.203   1.00 11.27 ? 33  VAL A O   1 
ATOM   286 C  CB  . VAL A 1 45 ? -10.479 -4.143  3.861   1.00 11.18 ? 33  VAL A CB  1 
ATOM   287 C  CG1 . VAL A 1 45 ? -11.829 -4.659  3.358   1.00 13.22 ? 33  VAL A CG1 1 
ATOM   288 C  CG2 . VAL A 1 45 ? -9.544  -5.306  4.240   1.00 11.79 ? 33  VAL A CG2 1 
ATOM   289 N  N   . GLU A 1 46 ? -10.934 -1.116  2.955   1.00 10.59 ? 34  GLU A N   1 
ATOM   290 C  CA  . GLU A 1 46 ? -11.752 -0.023  2.442   1.00 10.16 ? 34  GLU A CA  1 
ATOM   291 C  C   . GLU A 1 46 ? -11.282 0.380   1.034   1.00 10.50 ? 34  GLU A C   1 
ATOM   292 O  O   . GLU A 1 46 ? -12.087 0.586   0.139   1.00 11.56 ? 34  GLU A O   1 
ATOM   293 C  CB  A GLU A 1 46 ? -11.692 1.133   3.461   0.65 11.09 ? 34  GLU A CB  1 
ATOM   294 C  CB  B GLU A 1 46 ? -11.746 1.220   3.356   0.35 11.07 ? 34  GLU A CB  1 
ATOM   295 C  CG  A GLU A 1 46 ? -12.643 2.254   3.174   0.65 12.67 ? 34  GLU A CG  1 
ATOM   296 C  CG  B GLU A 1 46 ? -12.454 2.427   2.703   0.35 12.61 ? 34  GLU A CG  1 
ATOM   297 C  CD  A GLU A 1 46 ? -12.098 3.238   2.173   0.65 12.50 ? 34  GLU A CD  1 
ATOM   298 C  CD  B GLU A 1 46 ? -12.489 3.678   3.562   0.35 11.78 ? 34  GLU A CD  1 
ATOM   299 O  OE1 A GLU A 1 46 ? -10.862 3.423   2.155   0.65 13.37 ? 34  GLU A OE1 1 
ATOM   300 O  OE1 B GLU A 1 46 ? -12.154 3.606   4.755   0.35 17.93 ? 34  GLU A OE1 1 
ATOM   301 O  OE2 A GLU A 1 46 ? -12.899 3.855   1.454   0.65 14.14 ? 34  GLU A OE2 1 
ATOM   302 O  OE2 B GLU A 1 46 ? -12.870 4.747   3.033   0.35 15.09 ? 34  GLU A OE2 1 
ATOM   303 N  N   . GLU A 1 47 ? -9.964  0.478   0.849   1.00 10.86 ? 35  GLU A N   1 
ATOM   304 C  CA  . GLU A 1 47 ? -9.431  0.853   -0.457  1.00 11.23 ? 35  GLU A CA  1 
ATOM   305 C  C   . GLU A 1 47 ? -9.529  -0.237  -1.523  1.00 10.84 ? 35  GLU A C   1 
ATOM   306 O  O   . GLU A 1 47 ? -9.737  0.048   -2.703  1.00 11.86 ? 35  GLU A O   1 
ATOM   307 C  CB  . GLU A 1 47 ? -8.017  1.402   -0.313  1.00 11.78 ? 35  GLU A CB  1 
ATOM   308 C  CG  . GLU A 1 47 ? -7.998  2.708   0.503   1.00 13.53 ? 35  GLU A CG  1 
ATOM   309 C  CD  . GLU A 1 47 ? -8.728  3.845   -0.198  1.00 18.40 ? 35  GLU A CD  1 
ATOM   310 O  OE1 . GLU A 1 47 ? -8.587  3.991   -1.408  1.00 17.27 ? 35  GLU A OE1 1 
ATOM   311 O  OE2 . GLU A 1 47 ? -9.540  4.564   0.425   1.00 23.62 ? 35  GLU A OE2 1 
ATOM   312 N  N   . VAL A 1 48 ? -9.388  -1.492  -1.097  1.00 10.67 ? 36  VAL A N   1 
ATOM   313 C  CA  . VAL A 1 48 ? -9.691  -2.606  -2.002  1.00 11.06 ? 36  VAL A CA  1 
ATOM   314 C  C   . VAL A 1 48 ? -11.147 -2.528  -2.503  1.00 10.92 ? 36  VAL A C   1 
ATOM   315 O  O   . VAL A 1 48 ? -11.443 -2.761  -3.672  1.00 11.21 ? 36  VAL A O   1 
ATOM   316 C  CB  . VAL A 1 48 ? -9.378  -3.964  -1.332  1.00 11.76 ? 36  VAL A CB  1 
ATOM   317 C  CG1 . VAL A 1 48 ? -9.892  -5.144  -2.177  1.00 11.65 ? 36  VAL A CG1 1 
ATOM   318 C  CG2 . VAL A 1 48 ? -7.876  -4.099  -1.118  1.00 12.49 ? 36  VAL A CG2 1 
ATOM   319 N  N   . GLY A 1 49 ? -12.061 -2.163  -1.603  1.00 10.35 ? 37  GLY A N   1 
ATOM   320 C  CA  . GLY A 1 49 ? -13.442 -1.907  -2.010  1.00 11.78 ? 37  GLY A CA  1 
ATOM   321 C  C   . GLY A 1 49 ? -13.593 -0.773  -2.999  1.00 10.85 ? 37  GLY A C   1 
ATOM   322 O  O   . GLY A 1 49 ? -14.393 -0.849  -3.924  1.00 11.34 ? 37  GLY A O   1 
ATOM   323 N  N   . GLU A 1 50 ? -12.823 0.301   -2.813  1.00 10.66 ? 38  GLU A N   1 
ATOM   324 C  CA  . GLU A 1 50 ? -12.850 1.394   -3.762  1.00 11.13 ? 38  GLU A CA  1 
ATOM   325 C  C   . GLU A 1 50 ? -12.309 0.934   -5.101  1.00 11.46 ? 38  GLU A C   1 
ATOM   326 O  O   . GLU A 1 50 ? -12.798 1.372   -6.123  1.00 11.55 ? 38  GLU A O   1 
ATOM   327 C  CB  . GLU A 1 50 ? -12.055 2.601   -3.244  1.00 11.80 ? 38  GLU A CB  1 
ATOM   328 C  CG  . GLU A 1 50 ? -12.591 3.256   -1.983  1.00 13.12 ? 38  GLU A CG  1 
ATOM   329 C  CD  . GLU A 1 50 ? -13.894 3.991   -2.181  1.00 23.13 ? 38  GLU A CD  1 
ATOM   330 O  OE1 . GLU A 1 50 ? -14.221 4.370   -3.329  1.00 24.89 ? 38  GLU A OE1 1 
ATOM   331 O  OE2 . GLU A 1 50 ? -14.595 4.221   -1.180  1.00 23.80 ? 38  GLU A OE2 1 
ATOM   332 N  N   . LEU A 1 51 ? -11.284 0.091   -5.102  1.00 11.13 ? 39  LEU A N   1 
ATOM   333 C  CA  . LEU A 1 51 ? -10.783 -0.480  -6.351  1.00 10.67 ? 39  LEU A CA  1 
ATOM   334 C  C   . LEU A 1 51 ? -11.871 -1.318  -7.023  1.00 10.63 ? 39  LEU A C   1 
ATOM   335 O  O   . LEU A 1 51 ? -12.044 -1.243  -8.244  1.00 10.62 ? 39  LEU A O   1 
ATOM   336 C  CB  . LEU A 1 51 ? -9.525  -1.300  -6.095  1.00 9.71  ? 39  LEU A CB  1 
ATOM   337 C  CG  . LEU A 1 51 ? -8.915  -1.967  -7.328  1.00 11.04 ? 39  LEU A CG  1 
ATOM   338 C  CD1 . LEU A 1 51 ? -8.559  -1.002  -8.426  1.00 12.27 ? 39  LEU A CD1 1 
ATOM   339 C  CD2 . LEU A 1 51 ? -7.678  -2.736  -6.889  1.00 12.53 ? 39  LEU A CD2 1 
ATOM   340 N  N   . ALA A 1 52 ? -12.603 -2.120  -6.244  1.00 10.62 ? 40  ALA A N   1 
ATOM   341 C  CA  . ALA A 1 52 ? -13.752 -2.836  -6.807  1.00 11.08 ? 40  ALA A CA  1 
ATOM   342 C  C   . ALA A 1 52 ? -14.724 -1.911  -7.523  1.00 11.82 ? 40  ALA A C   1 
ATOM   343 O  O   . ALA A 1 52 ? -15.150 -2.181  -8.646  1.00 11.71 ? 40  ALA A O   1 
ATOM   344 C  CB  . ALA A 1 52 ? -14.473 -3.623  -5.711  1.00 11.76 ? 40  ALA A CB  1 
ATOM   345 N  N   . GLU A 1 53 ? -15.111 -0.842  -6.841  1.00 11.67 ? 41  GLU A N   1 
ATOM   346 C  CA  . GLU A 1 53 ? -16.030 0.138   -7.431  1.00 12.33 ? 41  GLU A CA  1 
ATOM   347 C  C   . GLU A 1 53 ? -15.469 0.683   -8.735  1.00 12.33 ? 41  GLU A C   1 
ATOM   348 O  O   . GLU A 1 53 ? -16.182 0.844   -9.719  1.00 13.15 ? 41  GLU A O   1 
ATOM   349 C  CB  A GLU A 1 53 ? -16.272 1.267   -6.432  0.65 13.22 ? 41  GLU A CB  1 
ATOM   350 C  CB  B GLU A 1 53 ? -16.291 1.306   -6.474  0.35 12.87 ? 41  GLU A CB  1 
ATOM   351 C  CG  A GLU A 1 53 ? -17.225 2.334   -6.934  0.65 15.13 ? 41  GLU A CG  1 
ATOM   352 C  CG  B GLU A 1 53 ? -17.461 2.222   -6.897  0.35 14.47 ? 41  GLU A CG  1 
ATOM   353 C  CD  A GLU A 1 53 ? -17.385 3.494   -5.956  0.65 18.18 ? 41  GLU A CD  1 
ATOM   354 C  CD  B GLU A 1 53 ? -17.130 3.233   -8.011  0.35 13.28 ? 41  GLU A CD  1 
ATOM   355 O  OE1 A GLU A 1 53 ? -16.428 3.806   -5.199  0.65 22.99 ? 41  GLU A OE1 1 
ATOM   356 O  OE1 B GLU A 1 53 ? -15.999 3.776   -8.055  0.35 12.58 ? 41  GLU A OE1 1 
ATOM   357 O  OE2 A GLU A 1 53 ? -18.464 4.111   -5.964  0.65 29.35 ? 41  GLU A OE2 1 
ATOM   358 O  OE2 B GLU A 1 53 ? -18.023 3.505   -8.843  0.35 19.02 ? 41  GLU A OE2 1 
ATOM   359 N  N   . ALA A 1 54 ? -14.182 1.007   -8.729  1.00 11.85 ? 42  ALA A N   1 
ATOM   360 C  CA  . ALA A 1 54 ? -13.535 1.575   -9.907  1.00 12.30 ? 42  ALA A CA  1 
ATOM   361 C  C   . ALA A 1 54 ? -13.563 0.611   -11.088 1.00 13.22 ? 42  ALA A C   1 
ATOM   362 O  O   . ALA A 1 54 ? -13.858 1.001   -12.231 1.00 14.20 ? 42  ALA A O   1 
ATOM   363 C  CB  . ALA A 1 54 ? -12.113 1.999   -9.557  1.00 12.12 ? 42  ALA A CB  1 
ATOM   364 N  N   . LEU A 1 55 ? -13.282 -0.660  -10.820 1.00 11.96 ? 43  LEU A N   1 
ATOM   365 C  CA  . LEU A 1 55 ? -13.319 -1.671  -11.873 1.00 12.11 ? 43  LEU A CA  1 
ATOM   366 C  C   . LEU A 1 55 ? -14.726 -1.888  -12.406 1.00 13.41 ? 43  LEU A C   1 
ATOM   367 O  O   . LEU A 1 55 ? -14.921 -2.014  -13.614 1.00 17.05 ? 43  LEU A O   1 
ATOM   368 C  CB  . LEU A 1 55 ? -12.739 -2.984  -11.362 1.00 12.87 ? 43  LEU A CB  1 
ATOM   369 C  CG  . LEU A 1 55 ? -11.260 -2.967  -11.016 1.00 11.76 ? 43  LEU A CG  1 
ATOM   370 C  CD1 . LEU A 1 55 ? -10.838 -4.239  -10.300 1.00 13.65 ? 43  LEU A CD1 1 
ATOM   371 C  CD2 . LEU A 1 55 ? -10.418 -2.746  -12.277 1.00 13.21 ? 43  LEU A CD2 1 
ATOM   372 N  N   . LEU A 1 56 ? -15.704 -1.929  -11.499 1.00 11.60 ? 44  LEU A N   1 
ATOM   373 C  CA  . LEU A 1 56 ? -17.101 -2.098  -11.890 1.00 12.37 ? 44  LEU A CA  1 
ATOM   374 C  C   . LEU A 1 56 ? -17.588 -0.944  -12.737 1.00 14.80 ? 44  LEU A C   1 
ATOM   375 O  O   . LEU A 1 56 ? -18.384 -1.161  -13.650 1.00 16.20 ? 44  LEU A O   1 
ATOM   376 C  CB  . LEU A 1 56 ? -17.999 -2.244  -10.666 1.00 11.25 ? 44  LEU A CB  1 
ATOM   377 C  CG  . LEU A 1 56 ? -17.824 -3.599  -9.958  1.00 12.61 ? 44  LEU A CG  1 
ATOM   378 C  CD1 . LEU A 1 56 ? -18.409 -3.529  -8.557  1.00 12.73 ? 44  LEU A CD1 1 
ATOM   379 C  CD2 . LEU A 1 56 ? -18.402 -4.766  -10.757 1.00 12.20 ? 44  LEU A CD2 1 
ATOM   380 N  N   . SER A 1 57 ? -17.119 0.258   -12.442 1.00 14.01 ? 45  SER A N   1 
ATOM   381 C  CA  . SER A 1 57 ? -17.518 1.460   -13.205 1.00 15.14 ? 45  SER A CA  1 
ATOM   382 C  C   . SER A 1 57 ? -16.723 1.618   -14.513 1.00 15.25 ? 45  SER A C   1 
ATOM   383 O  O   . SER A 1 57 ? -17.092 2.442   -15.365 1.00 17.03 ? 45  SER A O   1 
ATOM   384 C  CB  . SER A 1 57 ? -17.354 2.689   -12.312 1.00 16.98 ? 45  SER A CB  1 
ATOM   385 O  OG  . SER A 1 57 ? -15.991 3.028   -12.160 1.00 21.98 ? 45  SER A OG  1 
ATOM   386 N  N   . ASN A 1 58 ? -15.666 0.829   -14.683 1.00 15.50 ? 46  ASN A N   1 
ATOM   387 C  CA  . ASN A 1 58 ? -14.713 0.937   -15.814 1.00 17.89 ? 46  ASN A CA  1 
ATOM   388 C  C   . ASN A 1 58 ? -14.209 2.368   -16.002 1.00 17.07 ? 46  ASN A C   1 
ATOM   389 O  O   . ASN A 1 58 ? -13.999 2.828   -17.122 1.00 18.59 ? 46  ASN A O   1 
ATOM   390 C  CB  A ASN A 1 58 ? -15.372 0.429   -17.106 0.65 21.36 ? 46  ASN A CB  1 
ATOM   391 C  CB  B ASN A 1 58 ? -15.272 0.326   -17.118 0.35 18.31 ? 46  ASN A CB  1 
ATOM   392 C  CG  A ASN A 1 58 ? -15.976 -0.965  -16.957 0.65 26.98 ? 46  ASN A CG  1 
ATOM   393 C  CG  B ASN A 1 58 ? -14.168 -0.024  -18.167 0.35 14.77 ? 46  ASN A CG  1 
ATOM   394 O  OD1 A ASN A 1 58 ? -15.255 -1.947  -16.779 0.65 42.47 ? 46  ASN A OD1 1 
ATOM   395 O  OD1 B ASN A 1 58 ? -14.411 0.090   -19.373 0.35 19.04 ? 46  ASN A OD1 1 
ATOM   396 N  ND2 A ASN A 1 58 ? -17.301 -1.054  -17.046 0.65 37.14 ? 46  ASN A ND2 1 
ATOM   397 N  ND2 B ASN A 1 58 ? -12.988 -0.455  -17.717 0.35 13.28 ? 46  ASN A ND2 1 
ATOM   398 N  N   . ASN A 1 59 ? -13.971 3.052   -14.887 1.00 15.55 ? 47  ASN A N   1 
ATOM   399 C  CA  . ASN A 1 59 ? -13.485 4.408   -14.882 1.00 14.39 ? 47  ASN A CA  1 
ATOM   400 C  C   . ASN A 1 59 ? -11.978 4.388   -14.648 1.00 13.28 ? 47  ASN A C   1 
ATOM   401 O  O   . ASN A 1 59 ? -11.507 4.148   -13.527 1.00 13.34 ? 47  ASN A O   1 
ATOM   402 C  CB  . ASN A 1 59 ? -14.174 5.198   -13.783 1.00 16.76 ? 47  ASN A CB  1 
ATOM   403 C  CG  . ASN A 1 59 ? -13.825 6.655   -13.810 1.00 20.23 ? 47  ASN A CG  1 
ATOM   404 O  OD1 . ASN A 1 59 ? -12.693 7.024   -14.088 1.00 18.73 ? 47  ASN A OD1 1 
ATOM   405 N  ND2 . ASN A 1 59 ? -14.785 7.501   -13.481 1.00 23.09 ? 47  ASN A ND2 1 
ATOM   406 N  N   . LEU A 1 60 ? -11.219 4.611   -15.715 1.00 14.56 ? 48  LEU A N   1 
ATOM   407 C  CA  . LEU A 1 60 ? -9.776  4.465   -15.632 1.00 13.17 ? 48  LEU A CA  1 
ATOM   408 C  C   . LEU A 1 60 ? -9.157  5.455   -14.650 1.00 12.85 ? 48  LEU A C   1 
ATOM   409 O  O   . LEU A 1 60 ? -8.181  5.129   -13.967 1.00 12.15 ? 48  LEU A O   1 
ATOM   410 C  CB  . LEU A 1 60 ? -9.136  4.621   -17.008 1.00 13.67 ? 48  LEU A CB  1 
ATOM   411 C  CG  . LEU A 1 60 ? -7.710  4.120   -17.169 1.00 14.91 ? 48  LEU A CG  1 
ATOM   412 C  CD1 . LEU A 1 60 ? -7.681  2.606   -17.021 1.00 15.52 ? 48  LEU A CD1 1 
ATOM   413 C  CD2 . LEU A 1 60 ? -7.132  4.524   -18.521 1.00 14.69 ? 48  LEU A CD2 1 
ATOM   414 N  N   . ASP A 1 61 ? -9.694  6.668   -14.578 1.00 13.22 ? 49  ASP A N   1 
ATOM   415 C  CA  . ASP A 1 61 ? -9.217  7.616   -13.588 1.00 13.02 ? 49  ASP A CA  1 
ATOM   416 C  C   . ASP A 1 61 ? -9.343  7.093   -12.180 1.00 11.79 ? 49  ASP A C   1 
ATOM   417 O  O   . ASP A 1 61 ? -8.409  7.222   -11.381 1.00 12.80 ? 49  ASP A O   1 
ATOM   418 C  CB  A ASP A 1 61 ? -10.000 8.942   -13.602 0.65 14.64 ? 49  ASP A CB  1 
ATOM   419 C  CB  B ASP A 1 61 ? -9.928  8.951   -13.749 0.35 13.77 ? 49  ASP A CB  1 
ATOM   420 C  CG  A ASP A 1 61 ? -9.931  9.663   -14.908 0.65 15.58 ? 49  ASP A CG  1 
ATOM   421 C  CG  B ASP A 1 61 ? -8.996  10.086  -13.582 0.35 15.40 ? 49  ASP A CG  1 
ATOM   422 O  OD1 A ASP A 1 61 ? -10.473 9.160   -15.917 0.65 20.36 ? 49  ASP A OD1 1 
ATOM   423 O  OD1 B ASP A 1 61 ? -8.726  10.784  -14.571 0.35 12.79 ? 49  ASP A OD1 1 
ATOM   424 O  OD2 A ASP A 1 61 ? -9.373  10.754  -14.914 0.65 16.01 ? 49  ASP A OD2 1 
ATOM   425 O  OD2 B ASP A 1 61 ? -8.468  10.233  -12.467 0.35 24.66 ? 49  ASP A OD2 1 
ATOM   426 N  N   . SER A 1 62 ? -10.496 6.507   -11.878 1.00 11.62 ? 50  SER A N   1 
ATOM   427 C  CA  . SER A 1 62 ? -10.686 5.916   -10.556 1.00 11.43 ? 50  SER A CA  1 
ATOM   428 C  C   . SER A 1 62 ? -9.771  4.714   -10.335 1.00 11.56 ? 50  SER A C   1 
ATOM   429 O  O   . SER A 1 62 ? -9.184  4.567   -9.276  1.00 12.13 ? 50  SER A O   1 
ATOM   430 C  CB  . SER A 1 62 ? -12.136 5.499   -10.348 1.00 13.14 ? 50  SER A CB  1 
ATOM   431 O  OG  . SER A 1 62 ? -13.001 6.599   -10.540 1.00 17.83 ? 50  SER A OG  1 
ATOM   432 N  N   . ILE A 1 63 ? -9.647  3.869   -11.351 1.00 11.34 ? 51  ILE A N   1 
ATOM   433 C  CA  . ILE A 1 63 ? -8.775  2.693   -11.246 1.00 10.92 ? 51  ILE A CA  1 
ATOM   434 C  C   . ILE A 1 63 ? -7.345  3.122   -10.922 1.00 11.48 ? 51  ILE A C   1 
ATOM   435 O  O   . ILE A 1 63 ? -6.701  2.554   -10.044 1.00 11.72 ? 51  ILE A O   1 
ATOM   436 C  CB  . ILE A 1 63 ? -8.833  1.839   -12.536 1.00 10.31 ? 51  ILE A CB  1 
ATOM   437 C  CG1 . ILE A 1 63 ? -10.240 1.274   -12.734 1.00 12.59 ? 51  ILE A CG1 1 
ATOM   438 C  CG2 . ILE A 1 63 ? -7.806  0.716   -12.507 1.00 13.37 ? 51  ILE A CG2 1 
ATOM   439 C  CD1 . ILE A 1 63 ? -10.517 0.712   -14.125 1.00 13.63 ? 51  ILE A CD1 1 
ATOM   440 N  N   . GLN A 1 64 ? -6.842  4.132   -11.638 1.00 11.09 ? 52  GLN A N   1 
ATOM   441 C  CA  . GLN A 1 64 ? -5.503  4.628   -11.381 1.00 10.63 ? 52  GLN A CA  1 
ATOM   442 C  C   . GLN A 1 64 ? -5.328  5.093   -9.924  1.00 10.99 ? 52  GLN A C   1 
ATOM   443 O  O   . GLN A 1 64 ? -4.336  4.772   -9.269  1.00 11.83 ? 52  GLN A O   1 
ATOM   444 C  CB  . GLN A 1 64 ? -5.190  5.780   -12.331 1.00 10.44 ? 52  GLN A CB  1 
ATOM   445 C  CG  . GLN A 1 64 ? -3.790  6.368   -12.171 1.00 10.96 ? 52  GLN A CG  1 
ATOM   446 C  CD  . GLN A 1 64 ? -3.612  7.688   -12.864 1.00 12.04 ? 52  GLN A CD  1 
ATOM   447 O  OE1 . GLN A 1 64 ? -4.473  8.582   -12.786 1.00 12.14 ? 52  GLN A OE1 1 
ATOM   448 N  NE2 . GLN A 1 64 ? -2.491  7.832   -13.558 1.00 11.48 ? 52  GLN A NE2 1 
ATOM   449 N  N   . GLU A 1 65 ? -6.295  5.844   -9.426  1.00 10.44 ? 53  GLU A N   1 
ATOM   450 C  CA  . GLU A 1 65 ? -6.221  6.326   -8.046  1.00 11.31 ? 53  GLU A CA  1 
ATOM   451 C  C   . GLU A 1 65 ? -6.241  5.175   -7.033  1.00 11.54 ? 53  GLU A C   1 
ATOM   452 O  O   . GLU A 1 65 ? -5.426  5.131   -6.118  1.00 12.05 ? 53  GLU A O   1 
ATOM   453 C  CB  . GLU A 1 65 ? -7.366  7.288   -7.765  1.00 12.44 ? 53  GLU A CB  1 
ATOM   454 C  CG  . GLU A 1 65 ? -7.315  7.761   -6.325  1.00 14.69 ? 53  GLU A CG  1 
ATOM   455 C  CD  . GLU A 1 65 ? -8.286  8.870   -6.010  1.00 22.33 ? 53  GLU A CD  1 
ATOM   456 O  OE1 . GLU A 1 65 ? -9.191  9.160   -6.822  1.00 21.12 ? 53  GLU A OE1 1 
ATOM   457 O  OE2 . GLU A 1 65 ? -8.097  9.471   -4.927  1.00 21.74 ? 53  GLU A OE2 1 
ATOM   458 N  N   . GLU A 1 66 ? -7.172  4.250   -7.214  1.00 10.62 ? 54  GLU A N   1 
ATOM   459 C  CA  . GLU A 1 66 ? -7.339  3.194   -6.204  1.00 11.16 ? 54  GLU A CA  1 
ATOM   460 C  C   . GLU A 1 66 ? -6.219  2.185   -6.239  1.00 11.46 ? 54  GLU A C   1 
ATOM   461 O  O   . GLU A 1 66 ? -5.877  1.623   -5.199  1.00 12.46 ? 54  GLU A O   1 
ATOM   462 C  CB  . GLU A 1 66 ? -8.707  2.522   -6.276  1.00 12.04 ? 54  GLU A CB  1 
ATOM   463 C  CG  . GLU A 1 66 ? -9.901  3.440   -6.405  1.00 13.90 ? 54  GLU A CG  1 
ATOM   464 C  CD  . GLU A 1 66 ? -10.019 4.524   -5.335  1.00 15.67 ? 54  GLU A CD  1 
ATOM   465 O  OE1 . GLU A 1 66 ? -9.278  4.496   -4.334  1.00 17.01 ? 54  GLU A OE1 1 
ATOM   466 O  OE2 . GLU A 1 66 ? -10.954 5.360   -5.495  1.00 20.35 ? 54  GLU A OE2 1 
ATOM   467 N  N   . LEU A 1 67 ? -5.615  1.936   -7.405  1.00 10.21 ? 55  LEU A N   1 
ATOM   468 C  CA  . LEU A 1 67 ? -4.411  1.104   -7.442  1.00 11.15 ? 55  LEU A CA  1 
ATOM   469 C  C   . LEU A 1 67 ? -3.299  1.703   -6.594  1.00 12.69 ? 55  LEU A C   1 
ATOM   470 O  O   . LEU A 1 67 ? -2.632  1.007   -5.825  1.00 13.19 ? 55  LEU A O   1 
ATOM   471 C  CB  . LEU A 1 67 ? -3.923  0.922   -8.882  1.00 12.45 ? 55  LEU A CB  1 
ATOM   472 C  CG  . LEU A 1 67 ? -4.766  -0.019  -9.724  1.00 12.21 ? 55  LEU A CG  1 
ATOM   473 C  CD1 . LEU A 1 67 ? -4.422  0.193   -11.213 1.00 12.92 ? 55  LEU A CD1 1 
ATOM   474 C  CD2 . LEU A 1 67 ? -4.578  -1.479  -9.294  1.00 13.58 ? 55  LEU A CD2 1 
ATOM   475 N  N   . ALA A 1 68 ? -3.099  3.005   -6.721  1.00 12.96 ? 56  ALA A N   1 
ATOM   476 C  CA  . ALA A 1 68 ? -2.113  3.700   -5.912  1.00 11.94 ? 56  ALA A CA  1 
ATOM   477 C  C   . ALA A 1 68 ? -2.435  3.549   -4.430  1.00 11.98 ? 56  ALA A C   1 
ATOM   478 O  O   . ALA A 1 68 ? -1.550  3.318   -3.615  1.00 11.97 ? 56  ALA A O   1 
ATOM   479 C  CB  . ALA A 1 68 ? -2.036  5.188   -6.315  1.00 13.16 ? 56  ALA A CB  1 
ATOM   480 N  N   . ASP A 1 69 ? -3.702  3.735   -4.082  1.00 11.16 ? 57  ASP A N   1 
ATOM   481 C  CA  . ASP A 1 69 ? -4.104  3.663   -2.684  1.00 11.36 ? 57  ASP A CA  1 
ATOM   482 C  C   . ASP A 1 69 ? -3.935  2.256   -2.100  1.00 11.99 ? 57  ASP A C   1 
ATOM   483 O  O   . ASP A 1 69 ? -3.517  2.104   -0.947  1.00 12.29 ? 57  ASP A O   1 
ATOM   484 C  CB  . ASP A 1 69 ? -5.542  4.133   -2.508  1.00 12.22 ? 57  ASP A CB  1 
ATOM   485 C  CG  . ASP A 1 69 ? -5.717  5.640   -2.721  1.00 11.73 ? 57  ASP A CG  1 
ATOM   486 O  OD1 . ASP A 1 69 ? -4.727  6.405   -2.647  1.00 13.73 ? 57  ASP A OD1 1 
ATOM   487 O  OD2 . ASP A 1 69 ? -6.868  6.055   -2.954  1.00 13.37 ? 57  ASP A OD2 1 
ATOM   488 N  N   . VAL A 1 70 ? -4.252  1.221   -2.889  1.00 10.10 ? 58  VAL A N   1 
ATOM   489 C  CA  . VAL A 1 70 ? -4.084  -0.150  -2.422  1.00 10.36 ? 58  VAL A CA  1 
ATOM   490 C  C   . VAL A 1 70 ? -2.601  -0.441  -2.178  1.00 10.93 ? 58  VAL A C   1 
ATOM   491 O  O   . VAL A 1 70 ? -2.242  -1.008  -1.142  1.00 10.85 ? 58  VAL A O   1 
ATOM   492 C  CB  . VAL A 1 70 ? -4.756  -1.164  -3.384  1.00 10.47 ? 58  VAL A CB  1 
ATOM   493 C  CG1 . VAL A 1 70 ? -4.307  -2.578  -3.090  1.00 11.25 ? 58  VAL A CG1 1 
ATOM   494 C  CG2 . VAL A 1 70 ? -6.290  -1.049  -3.305  1.00 12.51 ? 58  VAL A CG2 1 
ATOM   495 N  N   . ILE A 1 71 ? -1.735  -0.047  -3.096  1.00 11.14 ? 59  ILE A N   1 
ATOM   496 C  CA  . ILE A 1 71 ? -0.304  -0.199  -2.875  1.00 10.22 ? 59  ILE A CA  1 
ATOM   497 C  C   . ILE A 1 71 ? 0.123   0.549   -1.615  1.00 10.96 ? 59  ILE A C   1 
ATOM   498 O  O   . ILE A 1 71 ? 0.845   0.018   -0.780  1.00 11.34 ? 59  ILE A O   1 
ATOM   499 C  CB  A ILE A 1 71 ? 0.509   0.345   -4.064  0.65 11.29 ? 59  ILE A CB  1 
ATOM   500 C  CB  B ILE A 1 71 ? 0.501   0.247   -4.104  0.35 11.36 ? 59  ILE A CB  1 
ATOM   501 C  CG1 A ILE A 1 71 ? 0.275   -0.483  -5.343  0.65 12.33 ? 59  ILE A CG1 1 
ATOM   502 C  CG1 B ILE A 1 71 ? 0.223   -0.713  -5.268  0.35 13.19 ? 59  ILE A CG1 1 
ATOM   503 C  CG2 A ILE A 1 71 ? 2.009   0.429   -3.699  0.65 11.72 ? 59  ILE A CG2 1 
ATOM   504 C  CG2 B ILE A 1 71 ? 2.003   0.286   -3.782  0.35 12.93 ? 59  ILE A CG2 1 
ATOM   505 C  CD1 A ILE A 1 71 ? 0.891   -1.888  -5.347  0.65 11.72 ? 59  ILE A CD1 1 
ATOM   506 C  CD1 B ILE A 1 71 ? 0.746   -0.256  -6.593  0.35 13.86 ? 59  ILE A CD1 1 
ATOM   507 N  N   . ALA A 1 72 ? -0.335  1.785   -1.473  1.00 11.48 ? 60  ALA A N   1 
ATOM   508 C  CA  . ALA A 1 72 ? 0.093   2.624   -0.351  1.00 11.16 ? 60  ALA A CA  1 
ATOM   509 C  C   . ALA A 1 72 ? -0.263  1.985   1.008   1.00 11.08 ? 60  ALA A C   1 
ATOM   510 O  O   . ALA A 1 72 ? 0.562   1.949   1.924   1.00 11.99 ? 60  ALA A O   1 
ATOM   511 C  CB  . ALA A 1 72 ? -0.510  4.031   -0.456  1.00 12.41 ? 60  ALA A CB  1 
ATOM   512 N  N   . TRP A 1 73 ? -1.477  1.461   1.137   1.00 10.37 ? 61  TRP A N   1 
ATOM   513 C  CA  . TRP A 1 73 ? -1.893  0.837   2.386   1.00 10.97 ? 61  TRP A CA  1 
ATOM   514 C  C   . TRP A 1 73 ? -1.238  -0.530  2.609   1.00 11.27 ? 61  TRP A C   1 
ATOM   515 O  O   . TRP A 1 73 ? -1.030  -0.947  3.759   1.00 11.89 ? 61  TRP A O   1 
ATOM   516 C  CB  . TRP A 1 73 ? -3.415  0.727   2.466   1.00 12.33 ? 61  TRP A CB  1 
ATOM   517 C  CG  . TRP A 1 73 ? -4.063  2.032   2.776   1.00 11.16 ? 61  TRP A CG  1 
ATOM   518 C  CD1 . TRP A 1 73 ? -4.619  2.896   1.888   1.00 14.97 ? 61  TRP A CD1 1 
ATOM   519 C  CD2 . TRP A 1 73 ? -4.188  2.652   4.068   1.00 11.10 ? 61  TRP A CD2 1 
ATOM   520 N  NE1 . TRP A 1 73 ? -5.112  4.003   2.546   1.00 15.39 ? 61  TRP A NE1 1 
ATOM   521 C  CE2 . TRP A 1 73 ? -4.861  3.864   3.884   1.00 12.10 ? 61  TRP A CE2 1 
ATOM   522 C  CE3 . TRP A 1 73 ? -3.815  2.286   5.351   1.00 12.27 ? 61  TRP A CE3 1 
ATOM   523 C  CZ2 . TRP A 1 73 ? -5.140  4.722   4.937   1.00 12.64 ? 61  TRP A CZ2 1 
ATOM   524 C  CZ3 . TRP A 1 73 ? -4.098  3.154   6.402   1.00 12.03 ? 61  TRP A CZ3 1 
ATOM   525 C  CH2 . TRP A 1 73 ? -4.763  4.333   6.184   1.00 12.88 ? 61  TRP A CH2 1 
ATOM   526 N  N   . THR A 1 74 ? -0.896  -1.234  1.529   1.00 10.89 ? 62  THR A N   1 
ATOM   527 C  CA  . THR A 1 74 ? -0.140  -2.484  1.653   1.00 10.92 ? 62  THR A CA  1 
ATOM   528 C  C   . THR A 1 74 ? 1.268   -2.177  2.186   1.00 10.93 ? 62  THR A C   1 
ATOM   529 O  O   . THR A 1 74 ? 1.766   -2.846  3.088   1.00 12.24 ? 62  THR A O   1 
ATOM   530 C  CB  . THR A 1 74 ? -0.068  -3.227  0.318   1.00 10.82 ? 62  THR A CB  1 
ATOM   531 O  OG1 . THR A 1 74 ? -1.397  -3.468  -0.161  1.00 11.51 ? 62  THR A OG1 1 
ATOM   532 C  CG2 . THR A 1 74 ? 0.634   -4.568  0.453   1.00 12.34 ? 62  THR A CG2 1 
ATOM   533 N  N   . VAL A 1 75 ? 1.875   -1.117  1.650   1.00 12.10 ? 63  VAL A N   1 
ATOM   534 C  CA  . VAL A 1 75 ? 3.152   -0.627  2.180   1.00 12.65 ? 63  VAL A CA  1 
ATOM   535 C  C   . VAL A 1 75 ? 3.026   -0.216  3.645   1.00 12.13 ? 63  VAL A C   1 
ATOM   536 O  O   . VAL A 1 75 ? 3.940   -0.452  4.434   1.00 12.03 ? 63  VAL A O   1 
ATOM   537 C  CB  . VAL A 1 75 ? 3.669   0.544   1.320   1.00 11.33 ? 63  VAL A CB  1 
ATOM   538 C  CG1 . VAL A 1 75 ? 4.879   1.242   1.977   1.00 14.49 ? 63  VAL A CG1 1 
ATOM   539 C  CG2 . VAL A 1 75 ? 4.066   0.049   -0.045  1.00 13.71 ? 63  VAL A CG2 1 
ATOM   540 N  N   . SER A 1 76 ? 1.911   0.398   4.025   1.00 10.76 ? 64  SER A N   1 
ATOM   541 C  CA  . SER A 1 76 ? 1.704   0.743   5.437   1.00 11.87 ? 64  SER A CA  1 
ATOM   542 C  C   . SER A 1 76 ? 1.825   -0.474  6.349   1.00 10.68 ? 64  SER A C   1 
ATOM   543 O  O   . SER A 1 76 ? 2.432   -0.403  7.429   1.00 12.53 ? 64  SER A O   1 
ATOM   544 C  CB  A SER A 1 76 ? 0.318   1.351   5.672   0.65 12.68 ? 64  SER A CB  1 
ATOM   545 C  CB  B SER A 1 76 ? 0.350   1.419   5.614   0.35 12.28 ? 64  SER A CB  1 
ATOM   546 O  OG  A SER A 1 76 ? 0.282   2.744   5.463   0.65 13.39 ? 64  SER A OG  1 
ATOM   547 O  OG  B SER A 1 76 ? 0.077   1.654   6.977   0.35 16.46 ? 64  SER A OG  1 
ATOM   548 N  N   . ILE A 1 77 ? 1.182   -1.557  5.941   1.00 11.78 ? 65  ILE A N   1 
ATOM   549 C  CA  . ILE A 1 77 ? 1.230   -2.796  6.718   1.00 11.30 ? 65  ILE A CA  1 
ATOM   550 C  C   . ILE A 1 77 ? 2.667   -3.338  6.765   1.00 9.83  ? 65  ILE A C   1 
ATOM   551 O  O   . ILE A 1 77 ? 3.159   -3.749  7.811   1.00 11.63 ? 65  ILE A O   1 
ATOM   552 C  CB  A ILE A 1 77 ? 0.220   -3.810  6.195   0.65 13.23 ? 65  ILE A CB  1 
ATOM   553 C  CB  B ILE A 1 77 ? 0.304   -3.898  6.109   0.35 11.98 ? 65  ILE A CB  1 
ATOM   554 C  CG1 A ILE A 1 77 ? -1.198  -3.285  6.478   0.65 14.87 ? 65  ILE A CG1 1 
ATOM   555 C  CG1 B ILE A 1 77 ? -1.173  -3.458  6.051   0.35 11.11 ? 65  ILE A CG1 1 
ATOM   556 C  CG2 A ILE A 1 77 ? 0.413   -5.167  6.863   0.65 13.45 ? 65  ILE A CG2 1 
ATOM   557 C  CG2 B ILE A 1 77 ? 0.426   -5.204  6.891   0.35 12.63 ? 65  ILE A CG2 1 
ATOM   558 C  CD1 A ILE A 1 77 ? -2.225  -3.923  5.657   0.65 16.72 ? 65  ILE A CD1 1 
ATOM   559 C  CD1 B ILE A 1 77 ? -1.852  -3.317  7.402   0.35 10.09 ? 65  ILE A CD1 1 
ATOM   560 N  N   . ALA A 1 78 ? 3.365   -3.328  5.619   1.00 10.81 ? 66  ALA A N   1 
ATOM   561 C  CA  . ALA A 1 78 ? 4.765   -3.751  5.613   1.00 11.72 ? 66  ALA A CA  1 
ATOM   562 C  C   . ALA A 1 78 ? 5.615   -2.952  6.599   1.00 12.55 ? 66  ALA A C   1 
ATOM   563 O  O   . ALA A 1 78 ? 6.424   -3.510  7.339   1.00 12.56 ? 66  ALA A O   1 
ATOM   564 C  CB  . ALA A 1 78 ? 5.332   -3.652  4.211   1.00 12.35 ? 66  ALA A CB  1 
ATOM   565 N  N   . ASN A 1 79 ? 5.401   -1.646  6.634   1.00 11.46 ? 67  ASN A N   1 
ATOM   566 C  CA  . ASN A 1 79 ? 6.126   -0.800  7.554   1.00 11.51 ? 67  ASN A CA  1 
ATOM   567 C  C   . ASN A 1 79 ? 5.758   -1.092  9.002   1.00 10.85 ? 67  ASN A C   1 
ATOM   568 O  O   . ASN A 1 79 ? 6.662   -1.166  9.858   1.00 12.89 ? 67  ASN A O   1 
ATOM   569 C  CB  . ASN A 1 79 ? 5.973   0.689   7.185   1.00 11.67 ? 67  ASN A CB  1 
ATOM   570 C  CG  . ASN A 1 79 ? 6.871   1.079   6.017   1.00 13.59 ? 67  ASN A CG  1 
ATOM   571 O  OD1 . ASN A 1 79 ? 7.965   0.541   5.888   1.00 15.11 ? 67  ASN A OD1 1 
ATOM   572 N  ND2 . ASN A 1 79 ? 6.443   2.047   5.199   1.00 12.17 ? 67  ASN A ND2 1 
ATOM   573 N  N   . LEU A 1 80 ? 4.473   -1.281  9.306   1.00 11.14 ? 68  LEU A N   1 
ATOM   574 C  CA  . LEU A 1 80 ? 4.080   -1.609  10.676  1.00 11.77 ? 68  LEU A CA  1 
ATOM   575 C  C   . LEU A 1 80 ? 4.703   -2.924  11.124  1.00 12.58 ? 68  LEU A C   1 
ATOM   576 O  O   . LEU A 1 80 ? 5.035   -3.089  12.299  1.00 14.26 ? 68  LEU A O   1 
ATOM   577 C  CB  . LEU A 1 80 ? 2.564   -1.688  10.848  1.00 12.77 ? 68  LEU A CB  1 
ATOM   578 C  CG  . LEU A 1 80 ? 1.785   -0.371  10.820  1.00 12.96 ? 68  LEU A CG  1 
ATOM   579 C  CD1 . LEU A 1 80 ? 0.294   -0.665  10.888  1.00 15.94 ? 68  LEU A CD1 1 
ATOM   580 C  CD2 . LEU A 1 80 ? 2.215   0.544   11.948  1.00 13.62 ? 68  LEU A CD2 1 
ATOM   581 N  N   . GLU A 1 81 ? 4.841   -3.861  10.193  1.00 11.60 ? 69  GLU A N   1 
ATOM   582 C  CA  . GLU A 1 81 ? 5.354   -5.192  10.515  1.00 11.91 ? 69  GLU A CA  1 
ATOM   583 C  C   . GLU A 1 81 ? 6.863   -5.329  10.364  1.00 12.13 ? 69  GLU A C   1 
ATOM   584 O  O   . GLU A 1 81 ? 7.412   -6.382  10.667  1.00 13.96 ? 69  GLU A O   1 
ATOM   585 C  CB  . GLU A 1 81 ? 4.616   -6.240  9.685   1.00 13.92 ? 69  GLU A CB  1 
ATOM   586 C  CG  . GLU A 1 81 ? 3.144   -6.350  10.044  1.00 15.16 ? 69  GLU A CG  1 
ATOM   587 C  CD  . GLU A 1 81 ? 2.890   -6.932  11.407  1.00 20.05 ? 69  GLU A CD  1 
ATOM   588 O  OE1 . GLU A 1 81 ? 3.794   -7.530  12.021  1.00 19.90 ? 69  GLU A OE1 1 
ATOM   589 O  OE2 . GLU A 1 81 ? 1.750   -6.806  11.881  1.00 25.11 ? 69  GLU A OE2 1 
ATOM   590 N  N   . GLY A 1 82 ? 7.545   -4.267  9.961   1.00 10.81 ? 70  GLY A N   1 
ATOM   591 C  CA  . GLY A 1 82 ? 8.996   -4.294  9.887   1.00 11.87 ? 70  GLY A CA  1 
ATOM   592 C  C   . GLY A 1 82 ? 9.548   -5.193  8.782   1.00 11.91 ? 70  GLY A C   1 
ATOM   593 O  O   . GLY A 1 82 ? 10.639  -5.769  8.940   1.00 10.77 ? 70  GLY A O   1 
ATOM   594 N  N   . ILE A 1 83 ? 8.816   -5.297  7.673   1.00 11.45 ? 71  ILE A N   1 
ATOM   595 C  CA  . ILE A 1 83 ? 9.148   -6.166  6.547   1.00 10.96 ? 71  ILE A CA  1 
ATOM   596 C  C   . ILE A 1 83 ? 9.568   -5.298  5.372   1.00 11.61 ? 71  ILE A C   1 
ATOM   597 O  O   . ILE A 1 83 ? 8.845   -4.383  4.999   1.00 13.06 ? 71  ILE A O   1 
ATOM   598 C  CB  A ILE A 1 83 ? 7.921   -7.022  6.173   0.50 11.61 ? 71  ILE A CB  1 
ATOM   599 C  CB  B ILE A 1 83 ? 7.904   -6.994  6.151   0.50 11.18 ? 71  ILE A CB  1 
ATOM   600 C  CG1 A ILE A 1 83 ? 7.742   -8.150  7.198   0.50 14.95 ? 71  ILE A CG1 1 
ATOM   601 C  CG1 B ILE A 1 83 ? 7.617   -8.073  7.205   0.50 13.10 ? 71  ILE A CG1 1 
ATOM   602 C  CG2 A ILE A 1 83 ? 8.040   -7.586  4.761   0.50 14.41 ? 71  ILE A CG2 1 
ATOM   603 C  CG2 B ILE A 1 83 ? 8.045   -7.599  4.759   0.50 14.21 ? 71  ILE A CG2 1 
ATOM   604 C  CD1 A ILE A 1 83 ? 6.338   -8.696  7.268   0.50 19.61 ? 71  ILE A CD1 1 
ATOM   605 C  CD1 B ILE A 1 83 ? 8.670   -9.165  7.299   0.50 13.34 ? 71  ILE A CD1 1 
ATOM   606 N  N   . ASP A 1 84 ? 10.715  -5.610  4.759   1.00 11.77 ? 72  ASP A N   1 
ATOM   607 C  CA  . ASP A 1 84 ? 11.169  -4.980  3.504   1.00 11.98 ? 72  ASP A CA  1 
ATOM   608 C  C   . ASP A 1 84 ? 10.383  -5.561  2.336   1.00 12.73 ? 72  ASP A C   1 
ATOM   609 O  O   . ASP A 1 84 ? 10.471  -6.745  2.052   1.00 12.01 ? 72  ASP A O   1 
ATOM   610 C  CB  . ASP A 1 84 ? 12.671  -5.213  3.326   1.00 11.95 ? 72  ASP A CB  1 
ATOM   611 C  CG  . ASP A 1 84 ? 13.220  -4.489  2.119   1.00 18.22 ? 72  ASP A CG  1 
ATOM   612 O  OD1 . ASP A 1 84 ? 13.221  -5.051  1.014   1.00 17.31 ? 72  ASP A OD1 1 
ATOM   613 O  OD2 . ASP A 1 84 ? 13.666  -3.332  2.258   1.00 22.32 ? 72  ASP A OD2 1 
ATOM   614 N  N   . ILE A 1 85 ? 9.598   -4.727  1.661   1.00 13.25 ? 73  ILE A N   1 
ATOM   615 C  CA  . ILE A 1 85 ? 8.727   -5.231  0.596   1.00 12.80 ? 73  ILE A CA  1 
ATOM   616 C  C   . ILE A 1 85 ? 9.513   -5.741  -0.621  1.00 13.57 ? 73  ILE A C   1 
ATOM   617 O  O   . ILE A 1 85 ? 9.125   -6.729  -1.229  1.00 13.69 ? 73  ILE A O   1 
ATOM   618 C  CB  A ILE A 1 85 ? 7.714   -4.157  0.107   0.65 15.26 ? 73  ILE A CB  1 
ATOM   619 C  CB  B ILE A 1 85 ? 7.589   -4.212  0.244   0.35 13.69 ? 73  ILE A CB  1 
ATOM   620 C  CG1 A ILE A 1 85 ? 8.430   -2.913  -0.432  0.65 21.77 ? 73  ILE A CG1 1 
ATOM   621 C  CG1 B ILE A 1 85 ? 6.414   -4.939  -0.410  0.35 15.58 ? 73  ILE A CG1 1 
ATOM   622 C  CG2 A ILE A 1 85 ? 6.812   -3.770  1.195   0.65 17.80 ? 73  ILE A CG2 1 
ATOM   623 C  CG2 B ILE A 1 85 ? 8.077   -3.088  -0.652  0.35 15.52 ? 73  ILE A CG2 1 
ATOM   624 C  CD1 B ILE A 1 85 ? 5.688   -5.851  0.523   0.35 13.67 ? 73  ILE A CD1 1 
ATOM   625 N  N   . GLU A 1 86 ? 10.635  -5.095  -0.940  1.00 13.84 ? 74  GLU A N   1 
ATOM   626 C  CA  . GLU A 1 86 ? 11.479  -5.533  -2.041  1.00 14.11 ? 74  GLU A CA  1 
ATOM   627 C  C   . GLU A 1 86 ? 11.953  -6.964  -1.804  1.00 12.83 ? 74  GLU A C   1 
ATOM   628 O  O   . GLU A 1 86 ? 11.826  -7.815  -2.664  1.00 13.07 ? 74  GLU A O   1 
ATOM   629 C  CB  . GLU A 1 86 ? 12.679  -4.612  -2.227  1.00 15.45 ? 74  GLU A CB  1 
ATOM   630 C  CG  . GLU A 1 86 ? 13.639  -5.075  -3.302  1.00 16.22 ? 74  GLU A CG  1 
ATOM   631 C  CD  . GLU A 1 86 ? 14.766  -4.091  -3.563  1.00 16.62 ? 74  GLU A CD  1 
ATOM   632 O  OE1 . GLU A 1 86 ? 14.865  -3.063  -2.856  1.00 20.67 ? 74  GLU A OE1 1 
ATOM   633 O  OE2 . GLU A 1 86 ? 15.564  -4.383  -4.476  1.00 18.76 ? 74  GLU A OE2 1 
ATOM   634 N  N   . GLU A 1 87 ? 12.492  -7.249  -0.626  1.00 12.86 ? 75  GLU A N   1 
ATOM   635 C  CA  . GLU A 1 87 ? 12.967  -8.598  -0.362  1.00 13.59 ? 75  GLU A CA  1 
ATOM   636 C  C   . GLU A 1 87 ? 11.831  -9.619  -0.237  1.00 12.16 ? 75  GLU A C   1 
ATOM   637 O  O   . GLU A 1 87 ? 11.986  -10.769 -0.638  1.00 12.66 ? 75  GLU A O   1 
ATOM   638 C  CB  . GLU A 1 87 ? 13.888  -8.635  0.860   1.00 14.08 ? 75  GLU A CB  1 
ATOM   639 C  CG  . GLU A 1 87 ? 15.195  -7.864  0.677   1.00 18.68 ? 75  GLU A CG  1 
ATOM   640 C  CD  . GLU A 1 87 ? 15.902  -8.152  -0.661  1.00 22.24 ? 75  GLU A CD  1 
ATOM   641 O  OE1 . GLU A 1 87 ? 15.993  -9.363  -1.034  1.00 18.93 ? 75  GLU A OE1 1 
ATOM   642 O  OE2 . GLU A 1 87 ? 16.343  -7.146  -1.315  1.00 19.28 ? 75  GLU A OE2 1 
ATOM   643 N  N   . ALA A 1 88 ? 10.676  -9.188  0.265   1.00 11.23 ? 76  ALA A N   1 
ATOM   644 C  CA  . ALA A 1 88 ? 9.509   -10.061 0.294   1.00 11.06 ? 76  ALA A CA  1 
ATOM   645 C  C   . ALA A 1 88 ? 9.148   -10.496 -1.137  1.00 12.28 ? 76  ALA A C   1 
ATOM   646 O  O   . ALA A 1 88 ? 8.908   -11.667 -1.403  1.00 12.09 ? 76  ALA A O   1 
ATOM   647 C  CB  . ALA A 1 88 ? 8.348   -9.342  0.970   1.00 10.74 ? 76  ALA A CB  1 
ATOM   648 N  N   . LEU A 1 89 ? 9.128   -9.536  -2.057  1.00 12.07 ? 77  LEU A N   1 
ATOM   649 C  CA  . LEU A 1 89 ? 8.825   -9.818  -3.458  1.00 12.99 ? 77  LEU A CA  1 
ATOM   650 C  C   . LEU A 1 89 ? 9.859   -10.725 -4.102  1.00 13.90 ? 77  LEU A C   1 
ATOM   651 O  O   . LEU A 1 89 ? 9.520   -11.672 -4.796  1.00 14.16 ? 77  LEU A O   1 
ATOM   652 C  CB  . LEU A 1 89 ? 8.693   -8.509  -4.223  1.00 12.86 ? 77  LEU A CB  1 
ATOM   653 C  CG  . LEU A 1 89 ? 7.385   -7.754  -3.974  1.00 13.94 ? 77  LEU A CG  1 
ATOM   654 C  CD1 . LEU A 1 89 ? 7.509   -6.248  -4.274  1.00 15.52 ? 77  LEU A CD1 1 
ATOM   655 C  CD2 . LEU A 1 89 ? 6.238   -8.371  -4.757  1.00 14.45 ? 77  LEU A CD2 1 
ATOM   656 N  N   . LYS A 1 90 ? 11.130  -10.436 -3.873  1.00 13.45 ? 78  LYS A N   1 
ATOM   657 C  CA  . LYS A 1 90 ? 12.202  -11.224 -4.466  1.00 13.96 ? 78  LYS A CA  1 
ATOM   658 C  C   . LYS A 1 90 ? 12.245  -12.628 -3.897  1.00 13.53 ? 78  LYS A C   1 
ATOM   659 O  O   . LYS A 1 90 ? 12.643  -13.555 -4.582  1.00 14.64 ? 78  LYS A O   1 
ATOM   660 C  CB  . LYS A 1 90 ? 13.543  -10.509 -4.282  1.00 13.80 ? 78  LYS A CB  1 
ATOM   661 C  CG  . LYS A 1 90 ? 13.683  -9.248  -5.139  1.00 15.61 ? 78  LYS A CG  1 
ATOM   662 C  CD  . LYS A 1 90 ? 15.052  -8.580  -4.991  1.00 19.27 ? 78  LYS A CD  1 
ATOM   663 C  CE  . LYS A 1 90 ? 15.277  -7.555  -6.111  1.00 24.20 ? 78  LYS A CE  1 
ATOM   664 N  NZ  . LYS A 1 90 ? 16.503  -6.666  -5.921  1.00 25.97 ? 78  LYS A NZ  1 
ATOM   665 N  N   . LYS A 1 91 ? 11.849  -12.801 -2.644  1.00 13.55 ? 79  LYS A N   1 
ATOM   666 C  CA  . LYS A 1 91 ? 11.832  -14.126 -2.046  1.00 13.94 ? 79  LYS A CA  1 
ATOM   667 C  C   . LYS A 1 91 ? 10.787  -15.034 -2.696  1.00 14.32 ? 79  LYS A C   1 
ATOM   668 O  O   . LYS A 1 91 ? 11.027  -16.222 -2.892  1.00 17.23 ? 79  LYS A O   1 
ATOM   669 C  CB  . LYS A 1 91 ? 11.584  -13.997 -0.541  1.00 14.46 ? 79  LYS A CB  1 
ATOM   670 C  CG  . LYS A 1 91 ? 11.522  -15.295 0.242   1.00 15.86 ? 79  LYS A CG  1 
ATOM   671 C  CD  . LYS A 1 91 ? 11.505  -14.958 1.736   1.00 18.64 ? 79  LYS A CD  1 
ATOM   672 C  CE  . LYS A 1 91 ? 11.370  -16.165 2.645   1.00 19.56 ? 79  LYS A CE  1 
ATOM   673 N  NZ  . LYS A 1 91 ? 11.502  -15.733 4.103   1.00 16.41 ? 79  LYS A NZ  1 
ATOM   674 N  N   . LYS A 1 92 ? 9.641   -14.462 -3.010  1.00 14.87 ? 80  LYS A N   1 
ATOM   675 C  CA  . LYS A 1 92 ? 8.505   -15.210 -3.521  1.00 15.49 ? 80  LYS A CA  1 
ATOM   676 C  C   . LYS A 1 92 ? 8.482   -15.299 -5.052  1.00 16.10 ? 80  LYS A C   1 
ATOM   677 O  O   . LYS A 1 92 ? 8.030   -16.301 -5.586  1.00 18.99 ? 80  LYS A O   1 
ATOM   678 C  CB  . LYS A 1 92 ? 7.210   -14.584 -2.970  1.00 16.75 ? 80  LYS A CB  1 
ATOM   679 C  CG  . LYS A 1 92 ? 5.885   -15.197 -3.452  1.00 20.77 ? 80  LYS A CG  1 
ATOM   680 C  CD  . LYS A 1 92 ? 5.629   -16.554 -2.854  1.00 19.66 ? 80  LYS A CD  1 
ATOM   681 C  CE  . LYS A 1 92 ? 4.386   -17.191 -3.469  1.00 18.94 ? 80  LYS A CE  1 
ATOM   682 N  NZ  . LYS A 1 92 ? 3.159   -16.880 -2.736  1.00 17.22 ? 80  LYS A NZ  1 
ATOM   683 N  N   . TYR A 1 93 ? 8.949   -14.252 -5.739  1.00 14.28 ? 81  TYR A N   1 
ATOM   684 C  CA  . TYR A 1 93 ? 8.854   -14.135 -7.193  1.00 13.35 ? 81  TYR A CA  1 
ATOM   685 C  C   . TYR A 1 93 ? 10.236  -14.080 -7.856  1.00 16.05 ? 81  TYR A C   1 
ATOM   686 O  O   . TYR A 1 93 ? 11.208  -13.641 -7.249  1.00 16.18 ? 81  TYR A O   1 
ATOM   687 C  CB  . TYR A 1 93 ? 8.039   -12.891 -7.580  1.00 12.70 ? 81  TYR A CB  1 
ATOM   688 C  CG  . TYR A 1 93 ? 6.606   -13.034 -7.138  1.00 12.09 ? 81  TYR A CG  1 
ATOM   689 C  CD1 . TYR A 1 93 ? 5.692   -13.735 -7.893  1.00 14.45 ? 81  TYR A CD1 1 
ATOM   690 C  CD2 . TYR A 1 93 ? 6.184   -12.517 -5.922  1.00 13.04 ? 81  TYR A CD2 1 
ATOM   691 C  CE1 . TYR A 1 93 ? 4.401   -13.920 -7.456  1.00 14.49 ? 81  TYR A CE1 1 
ATOM   692 C  CE2 . TYR A 1 93 ? 4.881   -12.683 -5.482  1.00 12.36 ? 81  TYR A CE2 1 
ATOM   693 C  CZ  . TYR A 1 93 ? 4.001   -13.400 -6.253  1.00 13.91 ? 81  TYR A CZ  1 
ATOM   694 O  OH  . TYR A 1 93 ? 2.702   -13.618 -5.843  1.00 15.14 ? 81  TYR A OH  1 
ATOM   695 N  N   . LYS A 1 94 ? 10.310  -14.501 -9.113  1.00 18.62 ? 82  LYS A N   1 
ATOM   696 C  CA  . LYS A 1 94 ? 11.555  -14.392 -9.884  1.00 23.48 ? 82  LYS A CA  1 
ATOM   697 C  C   . LYS A 1 94 ? 11.738  -12.958 -10.396 1.00 25.52 ? 82  LYS A C   1 
ATOM   698 O  O   . LYS A 1 94 ? 11.213  -12.589 -11.456 1.00 30.03 ? 82  LYS A O   1 
ATOM   699 C  CB  . LYS A 1 94 ? 11.522  -15.361 -11.054 1.00 25.15 ? 82  LYS A CB  1 
ATOM   700 C  CG  . LYS A 1 94 ? 11.409  -16.817 -10.633 1.00 30.07 ? 82  LYS A CG  1 
ATOM   701 N  N   . LEU A 1 95 ? 12.452  -12.148 -9.632  1.00 25.33 ? 83  LEU A N   1 
ATOM   702 C  CA  . LEU A 1 95 ? 12.624  -10.727 -9.926  1.00 27.48 ? 83  LEU A CA  1 
ATOM   703 C  C   . LEU A 1 95 ? 14.076  -10.292 -9.792  1.00 33.61 ? 83  LEU A C   1 
ATOM   704 O  O   . LEU A 1 95 ? 14.818  -10.814 -8.945  1.00 36.57 ? 83  LEU A O   1 
ATOM   705 C  CB  . LEU A 1 95 ? 11.827  -9.894  -8.941  1.00 23.47 ? 83  LEU A CB  1 
ATOM   706 C  CG  . LEU A 1 95 ? 10.320  -10.035 -8.996  1.00 19.33 ? 83  LEU A CG  1 
ATOM   707 C  CD1 . LEU A 1 95 ? 9.749   -9.333  -7.791  1.00 21.53 ? 83  LEU A CD1 1 
ATOM   708 C  CD2 . LEU A 1 95 ? 9.788   -9.425  -10.276 1.00 20.29 ? 83  LEU A CD2 1 
ATOM   709 O  OXT . LEU A 1 95 ? 14.506  -9.364  -10.485 1.00 36.28 ? 83  LEU A OXT 1 
HETATM 710 LI LI  . LI  B 2 .  ? -8.862  5.425   -2.627  1.00 6.23  ? 84  LI  A LI  1 
HETATM 711 O  O1  . UNL C 3 .  ? -3.279  9.052   2.804   1.00 51.80 ? 85  UNL A O1  1 
HETATM 712 O  O2  . UNL C 3 .  ? -1.710  5.518   2.670   1.00 29.46 ? 85  UNL A O2  1 
HETATM 713 O  O3  . UNL C 3 .  ? -2.140  6.480   3.996   1.00 29.05 ? 85  UNL A O3  1 
HETATM 714 O  O4  . UNL C 3 .  ? -2.680  7.534   4.523   1.00 38.21 ? 85  UNL A O4  1 
HETATM 715 O  O5  . UNL C 3 .  ? -2.980  6.781   1.923   1.00 39.68 ? 85  UNL A O5  1 
HETATM 716 O  O6  . UNL C 3 .  ? -2.606  7.398   7.399   1.00 31.80 ? 85  UNL A O6  1 
HETATM 717 O  O7  . UNL C 3 .  ? -1.809  5.981   6.425   1.00 23.00 ? 85  UNL A O7  1 
HETATM 718 O  O8  . UNL C 3 .  ? -1.599  5.179   4.955   1.00 26.03 ? 85  UNL A O8  1 
HETATM 719 O  O9  . UNL C 3 .  ? 0.116   4.918   5.125   1.00 40.74 ? 85  UNL A O9  1 
HETATM 720 O  O   . HOH D 4 .  ? -0.646  5.767   -14.190 1.00 12.54 ? 86  HOH A O   1 
HETATM 721 O  O   . HOH D 4 .  ? -14.721 1.354   0.391   1.00 13.54 ? 87  HOH A O   1 
HETATM 722 O  O   . HOH D 4 .  ? 2.042   3.877   3.734   1.00 14.31 ? 88  HOH A O   1 
HETATM 723 O  O   . HOH D 4 .  ? 14.330  -0.816  -4.255  1.00 14.80 ? 89  HOH A O   1 
HETATM 724 O  O   . HOH D 4 .  ? 3.001   2.432   8.162   1.00 15.32 ? 90  HOH A O   1 
HETATM 725 O  O   . HOH D 4 .  ? 4.060   3.512   5.748   1.00 15.28 ? 91  HOH A O   1 
HETATM 726 O  O   . HOH D 4 .  ? -0.893  -3.739  -2.961  0.50 16.78 ? 92  HOH A O   1 
HETATM 727 O  O   . HOH D 4 .  ? -6.441  9.262   -10.974 1.00 16.99 ? 93  HOH A O   1 
HETATM 728 O  O   . HOH D 4 .  ? 7.740   -13.117 0.557   1.00 17.86 ? 94  HOH A O   1 
HETATM 729 O  O   . HOH D 4 .  ? 6.863   -7.154  13.233  1.00 18.03 ? 95  HOH A O   1 
HETATM 730 O  O   . HOH D 4 .  ? -13.510 4.002   -6.602  1.00 19.55 ? 96  HOH A O   1 
HETATM 731 O  O   . HOH D 4 .  ? 9.324   -0.725  9.286   1.00 19.50 ? 97  HOH A O   1 
HETATM 732 O  O   . HOH D 4 .  ? 11.413  -2.371  -0.043  1.00 20.03 ? 98  HOH A O   1 
HETATM 733 O  O   . HOH D 4 .  ? 19.669  0.342   0.606   1.00 20.59 ? 99  HOH A O   1 
HETATM 734 O  O   . HOH D 4 .  ? -5.034  9.858   -8.587  1.00 20.67 ? 100 HOH A O   1 
HETATM 735 O  O   . HOH D 4 .  ? 6.370   -4.589  14.200  1.00 21.52 ? 101 HOH A O   1 
HETATM 736 O  O   . HOH D 4 .  ? 13.987  5.853   -5.833  1.00 21.73 ? 102 HOH A O   1 
HETATM 737 O  O   . HOH D 4 .  ? -6.157  -1.419  15.316  1.00 21.94 ? 103 HOH A O   1 
HETATM 738 O  O   . HOH D 4 .  ? -11.299 7.219   -7.424  1.00 22.25 ? 104 HOH A O   1 
HETATM 739 O  O   . HOH D 4 .  ? 1.930   9.885   10.320  1.00 23.90 ? 105 HOH A O   1 
HETATM 740 O  O   . HOH D 4 .  ? 13.208  1.236   2.530   1.00 23.88 ? 106 HOH A O   1 
HETATM 741 O  O   . HOH D 4 .  ? 7.885   -15.788 -10.068 1.00 24.96 ? 107 HOH A O   1 
HETATM 742 O  O   . HOH D 4 .  ? -9.816  6.737   -2.216  1.00 25.01 ? 108 HOH A O   1 
HETATM 743 O  O   . HOH D 4 .  ? -19.191 1.088   -9.622  1.00 25.45 ? 109 HOH A O   1 
HETATM 744 O  O   . HOH D 4 .  ? 12.552  3.294   6.715   1.00 25.38 ? 110 HOH A O   1 
HETATM 745 O  O   . HOH D 4 .  ? 17.454  -10.467 -2.986  1.00 26.08 ? 111 HOH A O   1 
HETATM 746 O  O   . HOH D 4 .  ? 9.858   -2.261  7.210   1.00 26.12 ? 112 HOH A O   1 
HETATM 747 O  O   . HOH D 4 .  ? -4.811  -3.460  16.147  1.00 26.20 ? 113 HOH A O   1 
HETATM 748 O  O   . HOH D 4 .  ? 17.544  -2.760  -2.368  1.00 26.48 ? 114 HOH A O   1 
HETATM 749 O  O   . HOH D 4 .  ? 14.235  -12.924 -7.247  1.00 26.72 ? 115 HOH A O   1 
HETATM 750 O  O   . HOH D 4 .  ? 12.849  2.142   9.463   1.00 28.12 ? 116 HOH A O   1 
HETATM 751 O  O   . HOH D 4 .  ? 14.843  -11.669 -0.390  1.00 28.29 ? 117 HOH A O   1 
HETATM 752 O  O   . HOH D 4 .  ? -15.481 5.245   -10.463 1.00 28.36 ? 118 HOH A O   1 
HETATM 753 O  O   . HOH D 4 .  ? 13.192  -15.839 -6.568  1.00 29.11 ? 119 HOH A O   1 
HETATM 754 O  O   . HOH D 4 .  ? 10.900  1.571   5.458   1.00 29.00 ? 120 HOH A O   1 
HETATM 755 O  O   . HOH D 4 .  ? -12.085 6.775   -3.659  1.00 30.17 ? 121 HOH A O   1 
HETATM 756 O  O   . HOH D 4 .  ? 4.585   0.984   15.273  1.00 29.60 ? 122 HOH A O   1 
HETATM 757 O  O   . HOH D 4 .  ? -17.127 2.601   -3.267  1.00 30.64 ? 123 HOH A O   1 
HETATM 758 O  O   . HOH D 4 .  ? 17.730  1.135   -9.265  1.00 30.27 ? 124 HOH A O   1 
HETATM 759 O  O   . HOH D 4 .  ? -13.076 9.011   -16.717 0.50 31.17 ? 125 HOH A O   1 
HETATM 760 O  O   . HOH D 4 .  ? 4.971   9.352   10.145  1.00 31.46 ? 126 HOH A O   1 
HETATM 761 O  O   . HOH D 4 .  ? -11.933 6.266   0.174   1.00 31.79 ? 127 HOH A O   1 
HETATM 762 O  O   . HOH D 4 .  ? -9.380  9.732   -9.571  1.00 31.51 ? 128 HOH A O   1 
HETATM 763 O  O   . HOH D 4 .  ? -0.988  -2.802  16.429  1.00 32.89 ? 129 HOH A O   1 
HETATM 764 O  O   . HOH D 4 .  ? -12.196 9.301   -10.589 1.00 33.16 ? 130 HOH A O   1 
HETATM 765 O  O   . HOH D 4 .  ? 4.296   -8.339  14.467  1.00 33.55 ? 131 HOH A O   1 
HETATM 766 O  O   . HOH D 4 .  ? 20.737  -1.033  -1.560  1.00 33.42 ? 132 HOH A O   1 
HETATM 767 O  O   . HOH D 4 .  ? -21.100 1.897   -6.050  1.00 36.02 ? 133 HOH A O   1 
HETATM 768 O  O   . HOH D 4 .  ? 16.746  -5.658  -8.391  1.00 35.70 ? 134 HOH A O   1 
HETATM 769 O  O   . HOH D 4 .  ? 0.560   -0.039  16.677  1.00 35.67 ? 135 HOH A O   1 
HETATM 770 O  O   A HOH D 4 .  ? 5.509   -1.042  14.152  0.50 18.80 ? 136 HOH A O   1 
HETATM 771 O  O   B HOH D 4 .  ? 4.233   -1.600  14.508  0.50 18.30 ? 136 HOH A O   1 
HETATM 772 O  O   . HOH D 4 .  ? 17.666  -6.102  -3.418  1.00 35.71 ? 137 HOH A O   1 
HETATM 773 O  O   . HOH D 4 .  ? 14.752  3.023   5.176   1.00 35.38 ? 138 HOH A O   1 
HETATM 774 O  O   . HOH D 4 .  ? -6.559  6.320   1.075   1.00 36.16 ? 139 HOH A O   1 
HETATM 775 O  O   . HOH D 4 .  ? -4.012  7.319   13.728  1.00 38.44 ? 140 HOH A O   1 
HETATM 776 O  O   . HOH D 4 .  ? -7.665  2.345   16.296  1.00 37.99 ? 141 HOH A O   1 
HETATM 777 O  O   . HOH D 4 .  ? 12.796  8.364   2.383   1.00 39.64 ? 142 HOH A O   1 
HETATM 778 O  O   . HOH D 4 .  ? -5.010  12.123  -7.394  1.00 38.53 ? 143 HOH A O   1 
HETATM 779 O  O   . HOH D 4 .  ? -7.167  12.228  -13.821 1.00 39.41 ? 144 HOH A O   1 
HETATM 780 O  O   . HOH D 4 .  ? -12.251 5.333   6.032   1.00 39.69 ? 145 HOH A O   1 
HETATM 781 O  O   . HOH D 4 .  ? 15.548  -13.696 -2.276  1.00 39.86 ? 146 HOH A O   1 
HETATM 782 O  O   . HOH D 4 .  ? 15.082  -2.865  5.080   1.00 39.03 ? 147 HOH A O   1 
HETATM 783 O  O   . HOH D 4 .  ? 0.693   -8.745  13.404  1.00 39.88 ? 148 HOH A O   1 
HETATM 784 O  O   . HOH D 4 .  ? 8.053   12.310  0.274   1.00 40.83 ? 149 HOH A O   1 
HETATM 785 O  O   . HOH D 4 .  ? 0.981   -18.457 -3.976  1.00 41.79 ? 150 HOH A O   1 
HETATM 786 O  O   . HOH D 4 .  ? -17.585 6.648   -12.528 1.00 39.94 ? 151 HOH A O   1 
HETATM 787 O  O   . HOH D 4 .  ? 15.938  -16.104 -8.433  1.00 62.08 ? 152 HOH A O   1 
HETATM 788 O  O   . HOH D 4 .  ? 13.251  -17.677 -2.344  1.00 44.33 ? 153 HOH A O   1 
HETATM 789 O  O   . HOH D 4 .  ? -1.464  -8.847  14.175  1.00 46.39 ? 154 HOH A O   1 
HETATM 790 O  O   . HOH D 4 .  ? -7.188  -4.349  17.645  1.00 45.72 ? 155 HOH A O   1 
HETATM 791 O  O   . HOH D 4 .  ? 15.187  4.928   0.463   1.00 44.37 ? 156 HOH A O   1 
HETATM 792 O  O   . HOH D 4 .  ? -1.631  12.188  2.685   1.00 44.66 ? 157 HOH A O   1 
HETATM 793 O  O   . HOH D 4 .  ? 18.283  -8.431  -4.795  1.00 46.60 ? 158 HOH A O   1 
HETATM 794 O  O   . HOH D 4 .  ? -7.489  12.157  -5.078  1.00 46.95 ? 159 HOH A O   1 
HETATM 795 O  O   . HOH D 4 .  ? -21.159 0.660   -11.634 1.00 46.06 ? 160 HOH A O   1 
HETATM 796 O  O   . HOH D 4 .  ? -13.619 8.149   -7.226  1.00 48.75 ? 161 HOH A O   1 
HETATM 797 O  O   . HOH D 4 .  ? 8.414   11.323  2.397   1.00 45.94 ? 162 HOH A O   1 
HETATM 798 O  O   . HOH D 4 .  ? 12.684  -1.260  3.749   1.00 46.62 ? 163 HOH A O   1 
HETATM 799 O  O   . HOH D 4 .  ? -0.151  10.830  8.500   1.00 47.40 ? 164 HOH A O   1 
HETATM 800 O  O   . HOH D 4 .  ? -15.102 6.378   -5.268  1.00 45.16 ? 165 HOH A O   1 
HETATM 801 O  O   . HOH D 4 .  ? 4.188   -17.712 -7.417  1.00 47.21 ? 166 HOH A O   1 
HETATM 802 O  O   . HOH D 4 .  ? 15.354  -16.102 -1.046  1.00 47.93 ? 167 HOH A O   1 
HETATM 803 O  O   . HOH D 4 .  ? 1.794   -2.735  14.600  1.00 50.95 ? 168 HOH A O   1 
HETATM 804 O  O   . HOH D 4 .  ? -11.096 10.990  -6.153  1.00 50.87 ? 169 HOH A O   1 
HETATM 805 O  O   . HOH D 4 .  ? 4.461   -5.944  15.806  1.00 47.53 ? 170 HOH A O   1 
HETATM 806 O  O   . HOH D 4 .  ? 1.957   -5.182  14.443  1.00 49.36 ? 171 HOH A O   1 
HETATM 807 O  O   . HOH D 4 .  ? 6.968   -17.552 -8.086  1.00 50.49 ? 172 HOH A O   1 
HETATM 808 O  O   . HOH D 4 .  ? -2.628  -3.280  17.650  1.00 51.12 ? 173 HOH A O   1 
HETATM 809 O  O   . HOH D 4 .  ? 16.919  3.275   -13.974 1.00 52.85 ? 174 HOH A O   1 
HETATM 810 O  O   . HOH D 4 .  ? -4.836  8.058   0.595   1.00 49.49 ? 175 HOH A O   1 
HETATM 811 O  O   . HOH D 4 .  ? 11.035  8.290   -14.255 1.00 50.53 ? 176 HOH A O   1 
HETATM 812 O  O   . HOH D 4 .  ? 17.166  8.421   -17.350 1.00 51.74 ? 177 HOH A O   1 
HETATM 813 O  O   . HOH D 4 .  ? -9.133  0.861   18.023  1.00 53.35 ? 178 HOH A O   1 
HETATM 814 O  O   . HOH D 4 .  ? 15.920  6.237   -16.437 1.00 53.85 ? 179 HOH A O   1 
HETATM 815 O  O   . HOH D 4 .  ? -9.353  9.432   -2.392  1.00 53.64 ? 180 HOH A O   1 
HETATM 816 O  O   . HOH D 4 .  ? 1.585   12.120  12.271  1.00 53.53 ? 181 HOH A O   1 
HETATM 817 O  O   . HOH D 4 .  ? -10.941 8.534   2.791   1.00 54.05 ? 182 HOH A O   1 
HETATM 818 O  O   . HOH D 4 .  ? 16.590  -12.739 -4.548  1.00 55.01 ? 183 HOH A O   1 
HETATM 819 O  O   . HOH D 4 .  ? 17.320  -9.968  -7.835  1.00 57.60 ? 184 HOH A O   1 
HETATM 820 O  O   . HOH D 4 .  ? -13.555 10.400  -12.919 1.00 59.44 ? 185 HOH A O   1 
HETATM 821 O  O   . HOH D 4 .  ? 15.450  5.314   4.862   1.00 56.15 ? 186 HOH A O   1 
HETATM 822 O  O   . HOH D 4 .  ? -5.875  6.461   15.815  1.00 58.20 ? 187 HOH A O   1 
HETATM 823 O  O   . HOH D 4 .  ? -9.154  7.351   1.044   1.00 62.00 ? 188 HOH A O   1 
HETATM 824 O  O   . HOH D 4 .  ? 16.453  -7.745  -9.929  1.00 58.54 ? 189 HOH A O   1 
HETATM 825 O  O   . HOH D 4 .  ? -7.722  12.073  -11.127 1.00 60.38 ? 190 HOH A O   1 
HETATM 826 O  O   . HOH D 4 .  ? 11.629  -17.810 -6.661  1.00 61.46 ? 191 HOH A O   1 
# 
